data_1IPC
# 
_entry.id   1IPC 
# 
_audit_conform.dict_name       mmcif_pdbx.dic 
_audit_conform.dict_version    5.383 
_audit_conform.dict_location   http://mmcif.pdb.org/dictionaries/ascii/mmcif_pdbx.dic 
# 
loop_
_database_2.database_id 
_database_2.database_code 
_database_2.pdbx_database_accession 
_database_2.pdbx_DOI 
PDB   1IPC         pdb_00001ipc 10.2210/pdb1ipc/pdb 
RCSB  RCSB005146   ?            ?                   
WWPDB D_1000005146 ?            ?                   
# 
loop_
_pdbx_audit_revision_history.ordinal 
_pdbx_audit_revision_history.data_content_type 
_pdbx_audit_revision_history.major_revision 
_pdbx_audit_revision_history.minor_revision 
_pdbx_audit_revision_history.revision_date 
1 'Structure model' 1 0 2002-05-08 
2 'Structure model' 1 1 2008-04-27 
3 'Structure model' 1 2 2011-07-13 
4 'Structure model' 1 3 2017-10-04 
5 'Structure model' 1 4 2023-12-27 
# 
_pdbx_audit_revision_details.ordinal             1 
_pdbx_audit_revision_details.revision_ordinal    1 
_pdbx_audit_revision_details.data_content_type   'Structure model' 
_pdbx_audit_revision_details.provider            repository 
_pdbx_audit_revision_details.type                'Initial release' 
_pdbx_audit_revision_details.description         ? 
_pdbx_audit_revision_details.details             ? 
# 
loop_
_pdbx_audit_revision_group.ordinal 
_pdbx_audit_revision_group.revision_ordinal 
_pdbx_audit_revision_group.data_content_type 
_pdbx_audit_revision_group.group 
1 2 'Structure model' 'Version format compliance' 
2 3 'Structure model' 'Version format compliance' 
3 4 'Structure model' 'Refinement description'    
4 5 'Structure model' 'Data collection'           
5 5 'Structure model' 'Database references'       
6 5 'Structure model' 'Derived calculations'      
# 
loop_
_pdbx_audit_revision_category.ordinal 
_pdbx_audit_revision_category.revision_ordinal 
_pdbx_audit_revision_category.data_content_type 
_pdbx_audit_revision_category.category 
1 4 'Structure model' software       
2 5 'Structure model' chem_comp_atom 
3 5 'Structure model' chem_comp_bond 
4 5 'Structure model' database_2     
5 5 'Structure model' struct_site    
# 
loop_
_pdbx_audit_revision_item.ordinal 
_pdbx_audit_revision_item.revision_ordinal 
_pdbx_audit_revision_item.data_content_type 
_pdbx_audit_revision_item.item 
1 5 'Structure model' '_database_2.pdbx_DOI'                
2 5 'Structure model' '_database_2.pdbx_database_accession' 
3 5 'Structure model' '_struct_site.pdbx_auth_asym_id'      
4 5 'Structure model' '_struct_site.pdbx_auth_comp_id'      
5 5 'Structure model' '_struct_site.pdbx_auth_seq_id'       
# 
_pdbx_database_status.status_code                     REL 
_pdbx_database_status.entry_id                        1IPC 
_pdbx_database_status.recvd_initial_deposition_date   2001-05-08 
_pdbx_database_status.deposit_site                    PDBJ 
_pdbx_database_status.process_site                    PDBJ 
_pdbx_database_status.status_code_sf                  REL 
_pdbx_database_status.SG_entry                        . 
_pdbx_database_status.pdb_format_compatible           Y 
_pdbx_database_status.status_code_mr                  ? 
_pdbx_database_status.status_code_cs                  ? 
_pdbx_database_status.methods_development_category    ? 
_pdbx_database_status.status_code_nmr_data            ? 
# 
_pdbx_database_related.db_name        PDB 
_pdbx_database_related.db_id          1IPB 
_pdbx_database_related.details        '1IPB contains the same protein complexed with 7-METHYL GPPPA' 
_pdbx_database_related.content_type   unspecified 
# 
loop_
_audit_author.name 
_audit_author.pdbx_ordinal 
'Tomoo, K.'     1  
'Shen, X.'      2  
'Okabe, K.'     3  
'Nozoe, Y.'     4  
'Fukuhara, S.'  5  
'Morino, S.'    6  
'Ishida, T.'    7  
'Taniguchi, T.' 8  
'Hasegawa, H.'  9  
'Terashima, A.' 10 
'Sasaki, M.'    11 
'Katsuya, Y.'   12 
'Kitamura, K.'  13 
'Miyoshi, H.'   14 
'Ishikawa, M.'  15 
'Miura, K.'     16 
# 
_citation.id                        primary 
_citation.title                     
;Crystal structures of 7-methylguanosine 5'-triphosphate (m(7)GTP)- and
P(1)-7-methylguanosine-P(3)-adenosine-5',5'-triphosphate (m(7)GpppA)-bound human full-length eukaryotic
initiation factor 4E: biological importance of the C-terminal flexible region
;
_citation.journal_abbrev            BIOCHEM.J. 
_citation.journal_volume            362 
_citation.page_first                539 
_citation.page_last                 544 
_citation.year                      2002 
_citation.journal_id_ASTM           BIJOAK 
_citation.country                   UK 
_citation.journal_id_ISSN           0264-6021 
_citation.journal_id_CSD            0043 
_citation.book_publisher            ? 
_citation.pdbx_database_id_PubMed   11879179 
_citation.pdbx_database_id_DOI      10.1042/0264-6021:3620539 
# 
loop_
_citation_author.citation_id 
_citation_author.name 
_citation_author.ordinal 
_citation_author.identifier_ORCID 
primary 'Tomoo, K.'     1  ? 
primary 'Shen, X.'      2  ? 
primary 'Okabe, K.'     3  ? 
primary 'Nozoe, Y.'     4  ? 
primary 'Fukuhara, S.'  5  ? 
primary 'Morino, S.'    6  ? 
primary 'Ishida, T.'    7  ? 
primary 'Taniguchi, T.' 8  ? 
primary 'Hasegawa, H.'  9  ? 
primary 'Terashima, A.' 10 ? 
primary 'Sasaki, M.'    11 ? 
primary 'Katsuya, Y.'   12 ? 
primary 'Kitamura, K.'  13 ? 
primary 'Miyoshi, H.'   14 ? 
primary 'Ishikawa, M.'  15 ? 
primary 'Miura, K.'     16 ? 
# 
loop_
_entity.id 
_entity.type 
_entity.src_method 
_entity.pdbx_description 
_entity.formula_weight 
_entity.pdbx_number_of_molecules 
_entity.pdbx_ec 
_entity.pdbx_mutation 
_entity.pdbx_fragment 
_entity.details 
1 polymer     man 'EUKARYOTIC TRANSLATION INITIATION FACTOR 4E' 25130.242 1   ? ? ? ? 
2 non-polymer syn "7-METHYL-GUANOSINE-5'-TRIPHOSPHATE"          538.215   1   ? ? ? ? 
3 water       nat water                                         18.015    153 ? ? ? ? 
# 
_entity_poly.entity_id                      1 
_entity_poly.type                           'polypeptide(L)' 
_entity_poly.nstd_linkage                   no 
_entity_poly.nstd_monomer                   no 
_entity_poly.pdbx_seq_one_letter_code       
;MATVEPETTPTPNPPTTEEEKTESNQEVANPEHYIKHPLQNRWALWFFKNDKSKTWQANLRLISKFDTVEDFWALYNHIQ
LSSNLMPGCDYSLFKDGIEPMWEDEKNKRGGRWLITLNKQQRRSDLDRFWLETLLCLIGESFDDYSDDVCGAVVNVRAKG
DKIAIWTTECENREAVTHIGRVYKERLGLPPKIVIGYQSHADTATKSGSTTKNRFVV
;
_entity_poly.pdbx_seq_one_letter_code_can   
;MATVEPETTPTPNPPTTEEEKTESNQEVANPEHYIKHPLQNRWALWFFKNDKSKTWQANLRLISKFDTVEDFWALYNHIQ
LSSNLMPGCDYSLFKDGIEPMWEDEKNKRGGRWLITLNKQQRRSDLDRFWLETLLCLIGESFDDYSDDVCGAVVNVRAKG
DKIAIWTTECENREAVTHIGRVYKERLGLPPKIVIGYQSHADTATKSGSTTKNRFVV
;
_entity_poly.pdbx_strand_id                 A 
_entity_poly.pdbx_target_identifier         ? 
# 
loop_
_pdbx_entity_nonpoly.entity_id 
_pdbx_entity_nonpoly.name 
_pdbx_entity_nonpoly.comp_id 
2 "7-METHYL-GUANOSINE-5'-TRIPHOSPHATE" MGP 
3 water                                HOH 
# 
loop_
_entity_poly_seq.entity_id 
_entity_poly_seq.num 
_entity_poly_seq.mon_id 
_entity_poly_seq.hetero 
1 1   MET n 
1 2   ALA n 
1 3   THR n 
1 4   VAL n 
1 5   GLU n 
1 6   PRO n 
1 7   GLU n 
1 8   THR n 
1 9   THR n 
1 10  PRO n 
1 11  THR n 
1 12  PRO n 
1 13  ASN n 
1 14  PRO n 
1 15  PRO n 
1 16  THR n 
1 17  THR n 
1 18  GLU n 
1 19  GLU n 
1 20  GLU n 
1 21  LYS n 
1 22  THR n 
1 23  GLU n 
1 24  SER n 
1 25  ASN n 
1 26  GLN n 
1 27  GLU n 
1 28  VAL n 
1 29  ALA n 
1 30  ASN n 
1 31  PRO n 
1 32  GLU n 
1 33  HIS n 
1 34  TYR n 
1 35  ILE n 
1 36  LYS n 
1 37  HIS n 
1 38  PRO n 
1 39  LEU n 
1 40  GLN n 
1 41  ASN n 
1 42  ARG n 
1 43  TRP n 
1 44  ALA n 
1 45  LEU n 
1 46  TRP n 
1 47  PHE n 
1 48  PHE n 
1 49  LYS n 
1 50  ASN n 
1 51  ASP n 
1 52  LYS n 
1 53  SER n 
1 54  LYS n 
1 55  THR n 
1 56  TRP n 
1 57  GLN n 
1 58  ALA n 
1 59  ASN n 
1 60  LEU n 
1 61  ARG n 
1 62  LEU n 
1 63  ILE n 
1 64  SER n 
1 65  LYS n 
1 66  PHE n 
1 67  ASP n 
1 68  THR n 
1 69  VAL n 
1 70  GLU n 
1 71  ASP n 
1 72  PHE n 
1 73  TRP n 
1 74  ALA n 
1 75  LEU n 
1 76  TYR n 
1 77  ASN n 
1 78  HIS n 
1 79  ILE n 
1 80  GLN n 
1 81  LEU n 
1 82  SER n 
1 83  SER n 
1 84  ASN n 
1 85  LEU n 
1 86  MET n 
1 87  PRO n 
1 88  GLY n 
1 89  CYS n 
1 90  ASP n 
1 91  TYR n 
1 92  SER n 
1 93  LEU n 
1 94  PHE n 
1 95  LYS n 
1 96  ASP n 
1 97  GLY n 
1 98  ILE n 
1 99  GLU n 
1 100 PRO n 
1 101 MET n 
1 102 TRP n 
1 103 GLU n 
1 104 ASP n 
1 105 GLU n 
1 106 LYS n 
1 107 ASN n 
1 108 LYS n 
1 109 ARG n 
1 110 GLY n 
1 111 GLY n 
1 112 ARG n 
1 113 TRP n 
1 114 LEU n 
1 115 ILE n 
1 116 THR n 
1 117 LEU n 
1 118 ASN n 
1 119 LYS n 
1 120 GLN n 
1 121 GLN n 
1 122 ARG n 
1 123 ARG n 
1 124 SER n 
1 125 ASP n 
1 126 LEU n 
1 127 ASP n 
1 128 ARG n 
1 129 PHE n 
1 130 TRP n 
1 131 LEU n 
1 132 GLU n 
1 133 THR n 
1 134 LEU n 
1 135 LEU n 
1 136 CYS n 
1 137 LEU n 
1 138 ILE n 
1 139 GLY n 
1 140 GLU n 
1 141 SER n 
1 142 PHE n 
1 143 ASP n 
1 144 ASP n 
1 145 TYR n 
1 146 SER n 
1 147 ASP n 
1 148 ASP n 
1 149 VAL n 
1 150 CYS n 
1 151 GLY n 
1 152 ALA n 
1 153 VAL n 
1 154 VAL n 
1 155 ASN n 
1 156 VAL n 
1 157 ARG n 
1 158 ALA n 
1 159 LYS n 
1 160 GLY n 
1 161 ASP n 
1 162 LYS n 
1 163 ILE n 
1 164 ALA n 
1 165 ILE n 
1 166 TRP n 
1 167 THR n 
1 168 THR n 
1 169 GLU n 
1 170 CYS n 
1 171 GLU n 
1 172 ASN n 
1 173 ARG n 
1 174 GLU n 
1 175 ALA n 
1 176 VAL n 
1 177 THR n 
1 178 HIS n 
1 179 ILE n 
1 180 GLY n 
1 181 ARG n 
1 182 VAL n 
1 183 TYR n 
1 184 LYS n 
1 185 GLU n 
1 186 ARG n 
1 187 LEU n 
1 188 GLY n 
1 189 LEU n 
1 190 PRO n 
1 191 PRO n 
1 192 LYS n 
1 193 ILE n 
1 194 VAL n 
1 195 ILE n 
1 196 GLY n 
1 197 TYR n 
1 198 GLN n 
1 199 SER n 
1 200 HIS n 
1 201 ALA n 
1 202 ASP n 
1 203 THR n 
1 204 ALA n 
1 205 THR n 
1 206 LYS n 
1 207 SER n 
1 208 GLY n 
1 209 SER n 
1 210 THR n 
1 211 THR n 
1 212 LYS n 
1 213 ASN n 
1 214 ARG n 
1 215 PHE n 
1 216 VAL n 
1 217 VAL n 
# 
_entity_src_gen.entity_id                          1 
_entity_src_gen.pdbx_src_id                        1 
_entity_src_gen.pdbx_alt_source_flag               sample 
_entity_src_gen.pdbx_seq_type                      ? 
_entity_src_gen.pdbx_beg_seq_num                   ? 
_entity_src_gen.pdbx_end_seq_num                   ? 
_entity_src_gen.gene_src_common_name               human 
_entity_src_gen.gene_src_genus                     Homo 
_entity_src_gen.pdbx_gene_src_gene                 ? 
_entity_src_gen.gene_src_species                   ? 
_entity_src_gen.gene_src_strain                    ? 
_entity_src_gen.gene_src_tissue                    ? 
_entity_src_gen.gene_src_tissue_fraction           ? 
_entity_src_gen.gene_src_details                   ? 
_entity_src_gen.pdbx_gene_src_fragment             ? 
_entity_src_gen.pdbx_gene_src_scientific_name      'Homo sapiens' 
_entity_src_gen.pdbx_gene_src_ncbi_taxonomy_id     9606 
_entity_src_gen.pdbx_gene_src_variant              ? 
_entity_src_gen.pdbx_gene_src_cell_line            ? 
_entity_src_gen.pdbx_gene_src_atcc                 ? 
_entity_src_gen.pdbx_gene_src_organ                ? 
_entity_src_gen.pdbx_gene_src_organelle            ? 
_entity_src_gen.pdbx_gene_src_cell                 ? 
_entity_src_gen.pdbx_gene_src_cellular_location    ? 
_entity_src_gen.host_org_common_name               ? 
_entity_src_gen.pdbx_host_org_scientific_name      'Escherichia coli' 
_entity_src_gen.pdbx_host_org_ncbi_taxonomy_id     562 
_entity_src_gen.host_org_genus                     Escherichia 
_entity_src_gen.pdbx_host_org_gene                 ? 
_entity_src_gen.pdbx_host_org_organ                ? 
_entity_src_gen.host_org_species                   ? 
_entity_src_gen.pdbx_host_org_tissue               ? 
_entity_src_gen.pdbx_host_org_tissue_fraction      ? 
_entity_src_gen.pdbx_host_org_strain               ? 
_entity_src_gen.pdbx_host_org_variant              ? 
_entity_src_gen.pdbx_host_org_cell_line            ? 
_entity_src_gen.pdbx_host_org_atcc                 ? 
_entity_src_gen.pdbx_host_org_culture_collection   ? 
_entity_src_gen.pdbx_host_org_cell                 ? 
_entity_src_gen.pdbx_host_org_organelle            ? 
_entity_src_gen.pdbx_host_org_cellular_location    ? 
_entity_src_gen.pdbx_host_org_vector_type          PLASMID 
_entity_src_gen.pdbx_host_org_vector               ? 
_entity_src_gen.host_org_details                   ? 
_entity_src_gen.expression_system_id               ? 
_entity_src_gen.plasmid_name                       PGEMEX 
_entity_src_gen.plasmid_details                    ? 
_entity_src_gen.pdbx_description                   ? 
# 
loop_
_chem_comp.id 
_chem_comp.type 
_chem_comp.mon_nstd_flag 
_chem_comp.name 
_chem_comp.pdbx_synonyms 
_chem_comp.formula 
_chem_comp.formula_weight 
ALA 'L-peptide linking' y ALANINE                              ? 'C3 H7 N O2'          89.093  
ARG 'L-peptide linking' y ARGININE                             ? 'C6 H15 N4 O2 1'      175.209 
ASN 'L-peptide linking' y ASPARAGINE                           ? 'C4 H8 N2 O3'         132.118 
ASP 'L-peptide linking' y 'ASPARTIC ACID'                      ? 'C4 H7 N O4'          133.103 
CYS 'L-peptide linking' y CYSTEINE                             ? 'C3 H7 N O2 S'        121.158 
GLN 'L-peptide linking' y GLUTAMINE                            ? 'C5 H10 N2 O3'        146.144 
GLU 'L-peptide linking' y 'GLUTAMIC ACID'                      ? 'C5 H9 N O4'          147.129 
GLY 'peptide linking'   y GLYCINE                              ? 'C2 H5 N O2'          75.067  
HIS 'L-peptide linking' y HISTIDINE                            ? 'C6 H10 N3 O2 1'      156.162 
HOH non-polymer         . WATER                                ? 'H2 O'                18.015  
ILE 'L-peptide linking' y ISOLEUCINE                           ? 'C6 H13 N O2'         131.173 
LEU 'L-peptide linking' y LEUCINE                              ? 'C6 H13 N O2'         131.173 
LYS 'L-peptide linking' y LYSINE                               ? 'C6 H15 N2 O2 1'      147.195 
MET 'L-peptide linking' y METHIONINE                           ? 'C5 H11 N O2 S'       149.211 
MGP non-polymer         . "7-METHYL-GUANOSINE-5'-TRIPHOSPHATE" ? 'C11 H19 N5 O14 P3 1' 538.215 
PHE 'L-peptide linking' y PHENYLALANINE                        ? 'C9 H11 N O2'         165.189 
PRO 'L-peptide linking' y PROLINE                              ? 'C5 H9 N O2'          115.130 
SER 'L-peptide linking' y SERINE                               ? 'C3 H7 N O3'          105.093 
THR 'L-peptide linking' y THREONINE                            ? 'C4 H9 N O3'          119.119 
TRP 'L-peptide linking' y TRYPTOPHAN                           ? 'C11 H12 N2 O2'       204.225 
TYR 'L-peptide linking' y TYROSINE                             ? 'C9 H11 N O3'         181.189 
VAL 'L-peptide linking' y VALINE                               ? 'C5 H11 N O2'         117.146 
# 
loop_
_pdbx_poly_seq_scheme.asym_id 
_pdbx_poly_seq_scheme.entity_id 
_pdbx_poly_seq_scheme.seq_id 
_pdbx_poly_seq_scheme.mon_id 
_pdbx_poly_seq_scheme.ndb_seq_num 
_pdbx_poly_seq_scheme.pdb_seq_num 
_pdbx_poly_seq_scheme.auth_seq_num 
_pdbx_poly_seq_scheme.pdb_mon_id 
_pdbx_poly_seq_scheme.auth_mon_id 
_pdbx_poly_seq_scheme.pdb_strand_id 
_pdbx_poly_seq_scheme.pdb_ins_code 
_pdbx_poly_seq_scheme.hetero 
A 1 1   MET 1   1   ?   ?   ?   A . n 
A 1 2   ALA 2   2   ?   ?   ?   A . n 
A 1 3   THR 3   3   ?   ?   ?   A . n 
A 1 4   VAL 4   4   ?   ?   ?   A . n 
A 1 5   GLU 5   5   ?   ?   ?   A . n 
A 1 6   PRO 6   6   ?   ?   ?   A . n 
A 1 7   GLU 7   7   ?   ?   ?   A . n 
A 1 8   THR 8   8   ?   ?   ?   A . n 
A 1 9   THR 9   9   ?   ?   ?   A . n 
A 1 10  PRO 10  10  ?   ?   ?   A . n 
A 1 11  THR 11  11  ?   ?   ?   A . n 
A 1 12  PRO 12  12  ?   ?   ?   A . n 
A 1 13  ASN 13  13  ?   ?   ?   A . n 
A 1 14  PRO 14  14  ?   ?   ?   A . n 
A 1 15  PRO 15  15  ?   ?   ?   A . n 
A 1 16  THR 16  16  ?   ?   ?   A . n 
A 1 17  THR 17  17  ?   ?   ?   A . n 
A 1 18  GLU 18  18  ?   ?   ?   A . n 
A 1 19  GLU 19  19  ?   ?   ?   A . n 
A 1 20  GLU 20  20  ?   ?   ?   A . n 
A 1 21  LYS 21  21  ?   ?   ?   A . n 
A 1 22  THR 22  22  ?   ?   ?   A . n 
A 1 23  GLU 23  23  ?   ?   ?   A . n 
A 1 24  SER 24  24  ?   ?   ?   A . n 
A 1 25  ASN 25  25  ?   ?   ?   A . n 
A 1 26  GLN 26  26  ?   ?   ?   A . n 
A 1 27  GLU 27  27  27  GLU GLU A . n 
A 1 28  VAL 28  28  28  VAL VAL A . n 
A 1 29  ALA 29  29  29  ALA ALA A . n 
A 1 30  ASN 30  30  30  ASN ASN A . n 
A 1 31  PRO 31  31  31  PRO PRO A . n 
A 1 32  GLU 32  32  32  GLU GLU A . n 
A 1 33  HIS 33  33  33  HIS HIS A . n 
A 1 34  TYR 34  34  34  TYR TYR A . n 
A 1 35  ILE 35  35  35  ILE ILE A . n 
A 1 36  LYS 36  36  36  LYS LYS A . n 
A 1 37  HIS 37  37  37  HIS HIS A . n 
A 1 38  PRO 38  38  38  PRO PRO A . n 
A 1 39  LEU 39  39  39  LEU LEU A . n 
A 1 40  GLN 40  40  40  GLN GLN A . n 
A 1 41  ASN 41  41  41  ASN ASN A . n 
A 1 42  ARG 42  42  42  ARG ARG A . n 
A 1 43  TRP 43  43  43  TRP TRP A . n 
A 1 44  ALA 44  44  44  ALA ALA A . n 
A 1 45  LEU 45  45  45  LEU LEU A . n 
A 1 46  TRP 46  46  46  TRP TRP A . n 
A 1 47  PHE 47  47  47  PHE PHE A . n 
A 1 48  PHE 48  48  48  PHE PHE A . n 
A 1 49  LYS 49  49  49  LYS LYS A . n 
A 1 50  ASN 50  50  50  ASN ASN A . n 
A 1 51  ASP 51  51  51  ASP ASP A . n 
A 1 52  LYS 52  52  52  LYS LYS A . n 
A 1 53  SER 53  53  53  SER SER A . n 
A 1 54  LYS 54  54  54  LYS LYS A . n 
A 1 55  THR 55  55  55  THR THR A . n 
A 1 56  TRP 56  56  56  TRP TRP A . n 
A 1 57  GLN 57  57  57  GLN GLN A . n 
A 1 58  ALA 58  58  58  ALA ALA A . n 
A 1 59  ASN 59  59  59  ASN ASN A . n 
A 1 60  LEU 60  60  60  LEU LEU A . n 
A 1 61  ARG 61  61  61  ARG ARG A . n 
A 1 62  LEU 62  62  62  LEU LEU A . n 
A 1 63  ILE 63  63  63  ILE ILE A . n 
A 1 64  SER 64  64  64  SER SER A . n 
A 1 65  LYS 65  65  65  LYS LYS A . n 
A 1 66  PHE 66  66  66  PHE PHE A . n 
A 1 67  ASP 67  67  67  ASP ASP A . n 
A 1 68  THR 68  68  68  THR THR A . n 
A 1 69  VAL 69  69  69  VAL VAL A . n 
A 1 70  GLU 70  70  70  GLU GLU A . n 
A 1 71  ASP 71  71  71  ASP ASP A . n 
A 1 72  PHE 72  72  72  PHE PHE A . n 
A 1 73  TRP 73  73  73  TRP TRP A . n 
A 1 74  ALA 74  74  74  ALA ALA A . n 
A 1 75  LEU 75  75  75  LEU LEU A . n 
A 1 76  TYR 76  76  76  TYR TYR A . n 
A 1 77  ASN 77  77  77  ASN ASN A . n 
A 1 78  HIS 78  78  78  HIS HIS A . n 
A 1 79  ILE 79  79  79  ILE ILE A . n 
A 1 80  GLN 80  80  80  GLN GLN A . n 
A 1 81  LEU 81  81  81  LEU LEU A . n 
A 1 82  SER 82  82  82  SER SER A . n 
A 1 83  SER 83  83  83  SER SER A . n 
A 1 84  ASN 84  84  84  ASN ASN A . n 
A 1 85  LEU 85  85  85  LEU LEU A . n 
A 1 86  MET 86  86  86  MET MET A . n 
A 1 87  PRO 87  87  87  PRO PRO A . n 
A 1 88  GLY 88  88  88  GLY GLY A . n 
A 1 89  CYS 89  89  89  CYS CYS A . n 
A 1 90  ASP 90  90  90  ASP ASP A . n 
A 1 91  TYR 91  91  91  TYR TYR A . n 
A 1 92  SER 92  92  92  SER SER A . n 
A 1 93  LEU 93  93  93  LEU LEU A . n 
A 1 94  PHE 94  94  94  PHE PHE A . n 
A 1 95  LYS 95  95  95  LYS LYS A . n 
A 1 96  ASP 96  96  96  ASP ASP A . n 
A 1 97  GLY 97  97  97  GLY GLY A . n 
A 1 98  ILE 98  98  98  ILE ILE A . n 
A 1 99  GLU 99  99  99  GLU GLU A . n 
A 1 100 PRO 100 100 100 PRO PRO A . n 
A 1 101 MET 101 101 101 MET MET A . n 
A 1 102 TRP 102 102 102 TRP TRP A . n 
A 1 103 GLU 103 103 103 GLU GLU A . n 
A 1 104 ASP 104 104 104 ASP ASP A . n 
A 1 105 GLU 105 105 105 GLU GLU A . n 
A 1 106 LYS 106 106 106 LYS LYS A . n 
A 1 107 ASN 107 107 107 ASN ASN A . n 
A 1 108 LYS 108 108 108 LYS LYS A . n 
A 1 109 ARG 109 109 109 ARG ARG A . n 
A 1 110 GLY 110 110 110 GLY GLY A . n 
A 1 111 GLY 111 111 111 GLY GLY A . n 
A 1 112 ARG 112 112 112 ARG ARG A . n 
A 1 113 TRP 113 113 113 TRP TRP A . n 
A 1 114 LEU 114 114 114 LEU LEU A . n 
A 1 115 ILE 115 115 115 ILE ILE A . n 
A 1 116 THR 116 116 116 THR THR A . n 
A 1 117 LEU 117 117 117 LEU LEU A . n 
A 1 118 ASN 118 118 118 ASN ASN A . n 
A 1 119 LYS 119 119 119 LYS LYS A . n 
A 1 120 GLN 120 120 120 GLN GLN A . n 
A 1 121 GLN 121 121 121 GLN GLN A . n 
A 1 122 ARG 122 122 122 ARG ARG A . n 
A 1 123 ARG 123 123 123 ARG ARG A . n 
A 1 124 SER 124 124 124 SER SER A . n 
A 1 125 ASP 125 125 125 ASP ASP A . n 
A 1 126 LEU 126 126 126 LEU LEU A . n 
A 1 127 ASP 127 127 127 ASP ASP A . n 
A 1 128 ARG 128 128 128 ARG ARG A . n 
A 1 129 PHE 129 129 129 PHE PHE A . n 
A 1 130 TRP 130 130 130 TRP TRP A . n 
A 1 131 LEU 131 131 131 LEU LEU A . n 
A 1 132 GLU 132 132 132 GLU GLU A . n 
A 1 133 THR 133 133 133 THR THR A . n 
A 1 134 LEU 134 134 134 LEU LEU A . n 
A 1 135 LEU 135 135 135 LEU LEU A . n 
A 1 136 CYS 136 136 136 CYS CYS A . n 
A 1 137 LEU 137 137 137 LEU LEU A . n 
A 1 138 ILE 138 138 138 ILE ILE A . n 
A 1 139 GLY 139 139 139 GLY GLY A . n 
A 1 140 GLU 140 140 140 GLU GLU A . n 
A 1 141 SER 141 141 141 SER SER A . n 
A 1 142 PHE 142 142 142 PHE PHE A . n 
A 1 143 ASP 143 143 143 ASP ASP A . n 
A 1 144 ASP 144 144 144 ASP ASP A . n 
A 1 145 TYR 145 145 145 TYR TYR A . n 
A 1 146 SER 146 146 146 SER SER A . n 
A 1 147 ASP 147 147 147 ASP ASP A . n 
A 1 148 ASP 148 148 148 ASP ASP A . n 
A 1 149 VAL 149 149 149 VAL VAL A . n 
A 1 150 CYS 150 150 150 CYS CYS A . n 
A 1 151 GLY 151 151 151 GLY GLY A . n 
A 1 152 ALA 152 152 152 ALA ALA A . n 
A 1 153 VAL 153 153 153 VAL VAL A . n 
A 1 154 VAL 154 154 154 VAL VAL A . n 
A 1 155 ASN 155 155 155 ASN ASN A . n 
A 1 156 VAL 156 156 156 VAL VAL A . n 
A 1 157 ARG 157 157 157 ARG ARG A . n 
A 1 158 ALA 158 158 158 ALA ALA A . n 
A 1 159 LYS 159 159 159 LYS LYS A . n 
A 1 160 GLY 160 160 160 GLY GLY A . n 
A 1 161 ASP 161 161 161 ASP ASP A . n 
A 1 162 LYS 162 162 162 LYS LYS A . n 
A 1 163 ILE 163 163 163 ILE ILE A . n 
A 1 164 ALA 164 164 164 ALA ALA A . n 
A 1 165 ILE 165 165 165 ILE ILE A . n 
A 1 166 TRP 166 166 166 TRP TRP A . n 
A 1 167 THR 167 167 167 THR THR A . n 
A 1 168 THR 168 168 168 THR THR A . n 
A 1 169 GLU 169 169 169 GLU GLU A . n 
A 1 170 CYS 170 170 170 CYS CYS A . n 
A 1 171 GLU 171 171 171 GLU GLU A . n 
A 1 172 ASN 172 172 172 ASN ASN A . n 
A 1 173 ARG 173 173 173 ARG ARG A . n 
A 1 174 GLU 174 174 174 GLU GLU A . n 
A 1 175 ALA 175 175 175 ALA ALA A . n 
A 1 176 VAL 176 176 176 VAL VAL A . n 
A 1 177 THR 177 177 177 THR THR A . n 
A 1 178 HIS 178 178 178 HIS HIS A . n 
A 1 179 ILE 179 179 179 ILE ILE A . n 
A 1 180 GLY 180 180 180 GLY GLY A . n 
A 1 181 ARG 181 181 181 ARG ARG A . n 
A 1 182 VAL 182 182 182 VAL VAL A . n 
A 1 183 TYR 183 183 183 TYR TYR A . n 
A 1 184 LYS 184 184 184 LYS LYS A . n 
A 1 185 GLU 185 185 185 GLU GLU A . n 
A 1 186 ARG 186 186 186 ARG ARG A . n 
A 1 187 LEU 187 187 187 LEU LEU A . n 
A 1 188 GLY 188 188 188 GLY GLY A . n 
A 1 189 LEU 189 189 189 LEU LEU A . n 
A 1 190 PRO 190 190 190 PRO PRO A . n 
A 1 191 PRO 191 191 191 PRO PRO A . n 
A 1 192 LYS 192 192 192 LYS LYS A . n 
A 1 193 ILE 193 193 193 ILE ILE A . n 
A 1 194 VAL 194 194 194 VAL VAL A . n 
A 1 195 ILE 195 195 195 ILE ILE A . n 
A 1 196 GLY 196 196 196 GLY GLY A . n 
A 1 197 TYR 197 197 197 TYR TYR A . n 
A 1 198 GLN 198 198 198 GLN GLN A . n 
A 1 199 SER 199 199 199 SER SER A . n 
A 1 200 HIS 200 200 200 HIS HIS A . n 
A 1 201 ALA 201 201 201 ALA ALA A . n 
A 1 202 ASP 202 202 202 ASP ASP A . n 
A 1 203 THR 203 203 203 THR THR A . n 
A 1 204 ALA 204 204 204 ALA ALA A . n 
A 1 205 THR 205 205 205 THR THR A . n 
A 1 206 LYS 206 206 ?   ?   ?   A . n 
A 1 207 SER 207 207 ?   ?   ?   A . n 
A 1 208 GLY 208 208 ?   ?   ?   A . n 
A 1 209 SER 209 209 ?   ?   ?   A . n 
A 1 210 THR 210 210 ?   ?   ?   A . n 
A 1 211 THR 211 211 211 THR THR A . n 
A 1 212 LYS 212 212 212 LYS LYS A . n 
A 1 213 ASN 213 213 213 ASN ASN A . n 
A 1 214 ARG 214 214 214 ARG ARG A . n 
A 1 215 PHE 215 215 215 PHE PHE A . n 
A 1 216 VAL 216 216 216 VAL VAL A . n 
A 1 217 VAL 217 217 217 VAL VAL A . n 
# 
loop_
_pdbx_nonpoly_scheme.asym_id 
_pdbx_nonpoly_scheme.entity_id 
_pdbx_nonpoly_scheme.mon_id 
_pdbx_nonpoly_scheme.ndb_seq_num 
_pdbx_nonpoly_scheme.pdb_seq_num 
_pdbx_nonpoly_scheme.auth_seq_num 
_pdbx_nonpoly_scheme.pdb_mon_id 
_pdbx_nonpoly_scheme.auth_mon_id 
_pdbx_nonpoly_scheme.pdb_strand_id 
_pdbx_nonpoly_scheme.pdb_ins_code 
B 2 MGP 1   1000 1000 MGP M7G A . 
C 3 HOH 1   1001 1    HOH TIP A . 
C 3 HOH 2   1002 2    HOH TIP A . 
C 3 HOH 3   1003 3    HOH TIP A . 
C 3 HOH 4   1004 4    HOH TIP A . 
C 3 HOH 5   1005 5    HOH TIP A . 
C 3 HOH 6   1006 6    HOH TIP A . 
C 3 HOH 7   1007 7    HOH TIP A . 
C 3 HOH 8   1008 8    HOH TIP A . 
C 3 HOH 9   1009 9    HOH TIP A . 
C 3 HOH 10  1010 10   HOH TIP A . 
C 3 HOH 11  1011 11   HOH TIP A . 
C 3 HOH 12  1012 12   HOH TIP A . 
C 3 HOH 13  1013 13   HOH TIP A . 
C 3 HOH 14  1014 14   HOH TIP A . 
C 3 HOH 15  1015 15   HOH TIP A . 
C 3 HOH 16  1016 16   HOH TIP A . 
C 3 HOH 17  1017 17   HOH TIP A . 
C 3 HOH 18  1018 18   HOH TIP A . 
C 3 HOH 19  1019 19   HOH TIP A . 
C 3 HOH 20  1020 20   HOH TIP A . 
C 3 HOH 21  1021 21   HOH TIP A . 
C 3 HOH 22  1022 22   HOH TIP A . 
C 3 HOH 23  1023 23   HOH TIP A . 
C 3 HOH 24  1024 24   HOH TIP A . 
C 3 HOH 25  1025 25   HOH TIP A . 
C 3 HOH 26  1026 26   HOH TIP A . 
C 3 HOH 27  1027 27   HOH TIP A . 
C 3 HOH 28  1028 28   HOH TIP A . 
C 3 HOH 29  1029 29   HOH TIP A . 
C 3 HOH 30  1030 30   HOH TIP A . 
C 3 HOH 31  1031 31   HOH TIP A . 
C 3 HOH 32  1032 32   HOH TIP A . 
C 3 HOH 33  1033 33   HOH TIP A . 
C 3 HOH 34  1034 34   HOH TIP A . 
C 3 HOH 35  1035 35   HOH TIP A . 
C 3 HOH 36  1036 36   HOH TIP A . 
C 3 HOH 37  1037 37   HOH TIP A . 
C 3 HOH 38  1038 38   HOH TIP A . 
C 3 HOH 39  1039 39   HOH TIP A . 
C 3 HOH 40  1040 40   HOH TIP A . 
C 3 HOH 41  1041 41   HOH TIP A . 
C 3 HOH 42  1042 42   HOH TIP A . 
C 3 HOH 43  1043 43   HOH TIP A . 
C 3 HOH 44  1044 44   HOH TIP A . 
C 3 HOH 45  1045 45   HOH TIP A . 
C 3 HOH 46  1046 46   HOH TIP A . 
C 3 HOH 47  1047 47   HOH TIP A . 
C 3 HOH 48  1048 48   HOH TIP A . 
C 3 HOH 49  1049 49   HOH TIP A . 
C 3 HOH 50  1050 50   HOH TIP A . 
C 3 HOH 51  1051 51   HOH TIP A . 
C 3 HOH 52  1052 52   HOH TIP A . 
C 3 HOH 53  1053 53   HOH TIP A . 
C 3 HOH 54  1054 54   HOH TIP A . 
C 3 HOH 55  1055 55   HOH TIP A . 
C 3 HOH 56  1056 56   HOH TIP A . 
C 3 HOH 57  1057 57   HOH TIP A . 
C 3 HOH 58  1058 58   HOH TIP A . 
C 3 HOH 59  1059 59   HOH TIP A . 
C 3 HOH 60  1060 60   HOH TIP A . 
C 3 HOH 61  1061 61   HOH TIP A . 
C 3 HOH 62  1062 62   HOH TIP A . 
C 3 HOH 63  1063 63   HOH TIP A . 
C 3 HOH 64  1064 64   HOH TIP A . 
C 3 HOH 65  1065 65   HOH TIP A . 
C 3 HOH 66  1066 66   HOH TIP A . 
C 3 HOH 67  1067 67   HOH TIP A . 
C 3 HOH 68  1068 68   HOH TIP A . 
C 3 HOH 69  1069 69   HOH TIP A . 
C 3 HOH 70  1070 70   HOH TIP A . 
C 3 HOH 71  1071 71   HOH TIP A . 
C 3 HOH 72  1072 72   HOH TIP A . 
C 3 HOH 73  1073 73   HOH TIP A . 
C 3 HOH 74  1074 74   HOH TIP A . 
C 3 HOH 75  1075 75   HOH TIP A . 
C 3 HOH 76  1076 76   HOH TIP A . 
C 3 HOH 77  1077 77   HOH TIP A . 
C 3 HOH 78  1078 78   HOH TIP A . 
C 3 HOH 79  1079 79   HOH TIP A . 
C 3 HOH 80  1080 80   HOH TIP A . 
C 3 HOH 81  1081 81   HOH TIP A . 
C 3 HOH 82  1082 82   HOH TIP A . 
C 3 HOH 83  1083 83   HOH TIP A . 
C 3 HOH 84  1084 84   HOH TIP A . 
C 3 HOH 85  1085 85   HOH TIP A . 
C 3 HOH 86  1086 86   HOH TIP A . 
C 3 HOH 87  1087 87   HOH TIP A . 
C 3 HOH 88  1088 88   HOH TIP A . 
C 3 HOH 89  1089 89   HOH TIP A . 
C 3 HOH 90  1090 90   HOH TIP A . 
C 3 HOH 91  1091 91   HOH TIP A . 
C 3 HOH 92  1092 92   HOH TIP A . 
C 3 HOH 93  1093 93   HOH TIP A . 
C 3 HOH 94  1094 94   HOH TIP A . 
C 3 HOH 95  1095 95   HOH TIP A . 
C 3 HOH 96  1096 96   HOH TIP A . 
C 3 HOH 97  1097 97   HOH TIP A . 
C 3 HOH 98  1098 98   HOH TIP A . 
C 3 HOH 99  1099 99   HOH TIP A . 
C 3 HOH 100 1100 100  HOH TIP A . 
C 3 HOH 101 1101 101  HOH TIP A . 
C 3 HOH 102 1102 102  HOH TIP A . 
C 3 HOH 103 1103 103  HOH TIP A . 
C 3 HOH 104 1104 104  HOH TIP A . 
C 3 HOH 105 1105 105  HOH TIP A . 
C 3 HOH 106 1106 106  HOH TIP A . 
C 3 HOH 107 1107 107  HOH TIP A . 
C 3 HOH 108 1108 108  HOH TIP A . 
C 3 HOH 109 1109 109  HOH TIP A . 
C 3 HOH 110 1110 110  HOH TIP A . 
C 3 HOH 111 1111 111  HOH TIP A . 
C 3 HOH 112 1112 112  HOH TIP A . 
C 3 HOH 113 1113 113  HOH TIP A . 
C 3 HOH 114 1114 114  HOH TIP A . 
C 3 HOH 115 1115 115  HOH TIP A . 
C 3 HOH 116 1116 116  HOH TIP A . 
C 3 HOH 117 1117 117  HOH TIP A . 
C 3 HOH 118 1118 118  HOH TIP A . 
C 3 HOH 119 1119 119  HOH TIP A . 
C 3 HOH 120 1120 120  HOH TIP A . 
C 3 HOH 121 1121 121  HOH TIP A . 
C 3 HOH 122 1122 122  HOH TIP A . 
C 3 HOH 123 1123 123  HOH TIP A . 
C 3 HOH 124 1124 124  HOH TIP A . 
C 3 HOH 125 1125 125  HOH TIP A . 
C 3 HOH 126 1126 126  HOH TIP A . 
C 3 HOH 127 1127 127  HOH TIP A . 
C 3 HOH 128 1128 128  HOH TIP A . 
C 3 HOH 129 1129 129  HOH TIP A . 
C 3 HOH 130 1130 130  HOH TIP A . 
C 3 HOH 131 1131 131  HOH TIP A . 
C 3 HOH 132 1132 132  HOH TIP A . 
C 3 HOH 133 1133 133  HOH TIP A . 
C 3 HOH 134 1134 134  HOH TIP A . 
C 3 HOH 135 1135 135  HOH TIP A . 
C 3 HOH 136 1136 136  HOH TIP A . 
C 3 HOH 137 1137 137  HOH TIP A . 
C 3 HOH 138 1138 138  HOH TIP A . 
C 3 HOH 139 1139 139  HOH TIP A . 
C 3 HOH 140 1140 140  HOH TIP A . 
C 3 HOH 141 1141 141  HOH TIP A . 
C 3 HOH 142 1142 142  HOH TIP A . 
C 3 HOH 143 1143 143  HOH TIP A . 
C 3 HOH 144 1144 144  HOH TIP A . 
C 3 HOH 145 1145 145  HOH TIP A . 
C 3 HOH 146 1146 146  HOH TIP A . 
C 3 HOH 147 1147 147  HOH TIP A . 
C 3 HOH 148 1148 148  HOH TIP A . 
C 3 HOH 149 1149 149  HOH TIP A . 
C 3 HOH 150 1150 150  HOH TIP A . 
C 3 HOH 151 1151 151  HOH TIP A . 
C 3 HOH 152 1152 152  HOH TIP A . 
C 3 HOH 153 1153 153  HOH TIP A . 
# 
loop_
_software.name 
_software.classification 
_software.version 
_software.citation_id 
_software.pdbx_ordinal 
CNS refinement . ? 1 
CNS phasing    . ? 2 
# 
_cell.entry_id           1IPC 
_cell.length_a           88.19 
_cell.length_b           88.19 
_cell.length_c           38.28 
_cell.angle_alpha        90 
_cell.angle_beta         90 
_cell.angle_gamma        90 
_cell.Z_PDB              4 
_cell.pdbx_unique_axis   ? 
# 
_symmetry.entry_id                         1IPC 
_symmetry.space_group_name_H-M             'P 43' 
_symmetry.pdbx_full_space_group_name_H-M   ? 
_symmetry.cell_setting                     ? 
_symmetry.Int_Tables_number                78 
# 
_exptl.entry_id          1IPC 
_exptl.method            'X-RAY DIFFRACTION' 
_exptl.crystals_number   ? 
# 
_exptl_crystal.id                    1 
_exptl_crystal.density_meas          ? 
_exptl_crystal.density_Matthews      2.96 
_exptl_crystal.density_percent_sol   58.45 
_exptl_crystal.description           ? 
# 
_diffrn.id                     1 
_diffrn.ambient_temp           ? 
_diffrn.ambient_temp_details   ? 
_diffrn.crystal_id             1 
# 
_diffrn_radiation.diffrn_id                        1 
_diffrn_radiation.wavelength_id                    1 
_diffrn_radiation.pdbx_monochromatic_or_laue_m_l   M 
_diffrn_radiation.monochromator                    ? 
_diffrn_radiation.pdbx_diffrn_protocol             'SINGLE WAVELENGTH' 
_diffrn_radiation.pdbx_scattering_type             x-ray 
# 
_diffrn_radiation_wavelength.id           1 
_diffrn_radiation_wavelength.wavelength   . 
_diffrn_radiation_wavelength.wt           1.0 
# 
_diffrn_source.diffrn_id                   1 
_diffrn_source.source                      SYNCHROTRON 
_diffrn_source.type                        'SPRING-8 BEAMLINE BL24XU' 
_diffrn_source.pdbx_synchrotron_site       SPring-8 
_diffrn_source.pdbx_synchrotron_beamline   BL24XU 
_diffrn_source.pdbx_wavelength             ? 
_diffrn_source.pdbx_wavelength_list        ? 
# 
_refine.entry_id                                 1IPC 
_refine.ls_number_reflns_obs                     16786 
_refine.ls_number_reflns_all                     20243 
_refine.pdbx_ls_sigma_I                          ? 
_refine.pdbx_ls_sigma_F                          2 
_refine.pdbx_data_cutoff_high_absF               ? 
_refine.pdbx_data_cutoff_low_absF                ? 
_refine.ls_d_res_low                             30 
_refine.ls_d_res_high                            2.0 
_refine.ls_percent_reflns_obs                    ? 
_refine.ls_R_factor_obs                          ? 
_refine.ls_R_factor_all                          ? 
_refine.ls_R_factor_R_work                       0.1920000 
_refine.ls_R_factor_R_free                       0.2280000 
_refine.ls_R_factor_R_free_error                 ? 
_refine.ls_R_factor_R_free_error_details         ? 
_refine.ls_percent_reflns_R_free                 ? 
_refine.ls_number_reflns_R_free                  1660 
_refine.ls_number_parameters                     ? 
_refine.ls_number_restraints                     ? 
_refine.occupancy_min                            ? 
_refine.occupancy_max                            ? 
_refine.B_iso_mean                               ? 
_refine.aniso_B[1][1]                            ? 
_refine.aniso_B[2][2]                            ? 
_refine.aniso_B[3][3]                            ? 
_refine.aniso_B[1][2]                            ? 
_refine.aniso_B[1][3]                            ? 
_refine.aniso_B[2][3]                            ? 
_refine.solvent_model_details                    ? 
_refine.solvent_model_param_ksol                 ? 
_refine.solvent_model_param_bsol                 ? 
_refine.pdbx_ls_cross_valid_method               ? 
_refine.details                                  ? 
_refine.pdbx_starting_model                      ? 
_refine.pdbx_method_to_determine_struct          ? 
_refine.pdbx_isotropic_thermal_model             ? 
_refine.pdbx_stereochemistry_target_values       ? 
_refine.pdbx_stereochem_target_val_spec_case     ? 
_refine.pdbx_R_Free_selection_details            ? 
_refine.pdbx_overall_ESU_R_Free                  ? 
_refine.overall_SU_B                             ? 
_refine.ls_redundancy_reflns_obs                 ? 
_refine.B_iso_min                                ? 
_refine.B_iso_max                                ? 
_refine.correlation_coeff_Fo_to_Fc               ? 
_refine.overall_SU_R_Cruickshank_DPI             ? 
_refine.overall_SU_R_free                        ? 
_refine.overall_SU_ML                            ? 
_refine.pdbx_overall_ESU_R                       ? 
_refine.pdbx_data_cutoff_high_rms_absF           ? 
_refine.correlation_coeff_Fo_to_Fc_free          ? 
_refine.pdbx_solvent_vdw_probe_radii             ? 
_refine.pdbx_solvent_ion_probe_radii             ? 
_refine.pdbx_solvent_shrinkage_radii             ? 
_refine.pdbx_refine_id                           'X-RAY DIFFRACTION' 
_refine.pdbx_diffrn_id                           1 
_refine.pdbx_TLS_residual_ADP_flag               ? 
_refine.pdbx_overall_phase_error                 ? 
_refine.pdbx_overall_SU_R_free_Cruickshank_DPI   ? 
_refine.pdbx_overall_SU_R_Blow_DPI               ? 
_refine.pdbx_overall_SU_R_free_Blow_DPI          ? 
# 
_refine_hist.pdbx_refine_id                   'X-RAY DIFFRACTION' 
_refine_hist.cycle_id                         LAST 
_refine_hist.pdbx_number_atoms_protein        1540 
_refine_hist.pdbx_number_atoms_nucleic_acid   0 
_refine_hist.pdbx_number_atoms_ligand         33 
_refine_hist.number_atoms_solvent             153 
_refine_hist.number_atoms_total               1726 
_refine_hist.d_res_high                       2.0 
_refine_hist.d_res_low                        30 
# 
loop_
_refine_ls_restr.type 
_refine_ls_restr.dev_ideal 
_refine_ls_restr.dev_ideal_target 
_refine_ls_restr.weight 
_refine_ls_restr.number 
_refine_ls_restr.pdbx_refine_id 
_refine_ls_restr.pdbx_restraint_function 
c_bond_d           0.0053 ? ? ? 'X-RAY DIFFRACTION' ? 
c_angle_d          1.278  ? ? ? 'X-RAY DIFFRACTION' ? 
c_dihedral_angle_d 22.53  ? ? ? 'X-RAY DIFFRACTION' ? 
c_improper_angle_d 0.671  ? ? ? 'X-RAY DIFFRACTION' ? 
# 
_struct.entry_id                  1IPC 
_struct.title                     'CRYSTAL STRUCTURE OF EUKARYOTIC INITIATION FACTOR 4E COMPLEXED WITH 7-METHYL GTP' 
_struct.pdbx_model_details        ? 
_struct.pdbx_CASP_flag            ? 
_struct.pdbx_model_type_details   ? 
# 
_struct_keywords.entry_id        1IPC 
_struct_keywords.pdbx_keywords   'RNA BINDING PROTEIN' 
_struct_keywords.text            'Initiation factor, Protein biosynthesis, RNA BINDING PROTEIN' 
# 
loop_
_struct_asym.id 
_struct_asym.pdbx_blank_PDB_chainid_flag 
_struct_asym.pdbx_modified 
_struct_asym.entity_id 
_struct_asym.details 
A N N 1 ? 
B N N 2 ? 
C N N 3 ? 
# 
_struct_ref.id                         1 
_struct_ref.db_name                    UNP 
_struct_ref.db_code                    IF4E_HUMAN 
_struct_ref.entity_id                  1 
_struct_ref.pdbx_seq_one_letter_code   
;MATVEPETTPTPNPPTTEEEKTESNQEVANPEHYIKHPLQNRWALWFFKNDKSKTWQANLRLISKFDTVEDFWALYNHIQ
LSSNLMPGCDYSLFKDGIEPMWEDEKNKRGGRWLITLNKQQRRSDLDRFWLETLLCLIGESFDDYSDDVCGAVVNVRAKG
DKIAIWTTECENREAVTHIGRVYKERLGLPPKIVIGYQSHADTATKSGSTTKNRFVV
;
_struct_ref.pdbx_align_begin           1 
_struct_ref.pdbx_db_accession          P06730 
_struct_ref.pdbx_db_isoform            ? 
# 
_struct_ref_seq.align_id                      1 
_struct_ref_seq.ref_id                        1 
_struct_ref_seq.pdbx_PDB_id_code              1IPC 
_struct_ref_seq.pdbx_strand_id                A 
_struct_ref_seq.seq_align_beg                 1 
_struct_ref_seq.pdbx_seq_align_beg_ins_code   ? 
_struct_ref_seq.seq_align_end                 217 
_struct_ref_seq.pdbx_seq_align_end_ins_code   ? 
_struct_ref_seq.pdbx_db_accession             P06730 
_struct_ref_seq.db_align_beg                  1 
_struct_ref_seq.pdbx_db_align_beg_ins_code    ? 
_struct_ref_seq.db_align_end                  217 
_struct_ref_seq.pdbx_db_align_end_ins_code    ? 
_struct_ref_seq.pdbx_auth_seq_align_beg       1 
_struct_ref_seq.pdbx_auth_seq_align_end       217 
# 
_pdbx_struct_assembly.id                   1 
_pdbx_struct_assembly.details              author_defined_assembly 
_pdbx_struct_assembly.method_details       ? 
_pdbx_struct_assembly.oligomeric_details   monomeric 
_pdbx_struct_assembly.oligomeric_count     1 
# 
_pdbx_struct_assembly_gen.assembly_id       1 
_pdbx_struct_assembly_gen.oper_expression   1 
_pdbx_struct_assembly_gen.asym_id_list      A,B,C 
# 
_pdbx_struct_oper_list.id                   1 
_pdbx_struct_oper_list.type                 'identity operation' 
_pdbx_struct_oper_list.name                 1_555 
_pdbx_struct_oper_list.symmetry_operation   x,y,z 
_pdbx_struct_oper_list.matrix[1][1]         1.0000000000 
_pdbx_struct_oper_list.matrix[1][2]         0.0000000000 
_pdbx_struct_oper_list.matrix[1][3]         0.0000000000 
_pdbx_struct_oper_list.vector[1]            0.0000000000 
_pdbx_struct_oper_list.matrix[2][1]         0.0000000000 
_pdbx_struct_oper_list.matrix[2][2]         1.0000000000 
_pdbx_struct_oper_list.matrix[2][3]         0.0000000000 
_pdbx_struct_oper_list.vector[2]            0.0000000000 
_pdbx_struct_oper_list.matrix[3][1]         0.0000000000 
_pdbx_struct_oper_list.matrix[3][2]         0.0000000000 
_pdbx_struct_oper_list.matrix[3][3]         1.0000000000 
_pdbx_struct_oper_list.vector[3]            0.0000000000 
# 
_struct_biol.id                    1 
_struct_biol.pdbx_parent_biol_id   ? 
_struct_biol.details               ? 
# 
loop_
_struct_conf.conf_type_id 
_struct_conf.id 
_struct_conf.pdbx_PDB_helix_id 
_struct_conf.beg_label_comp_id 
_struct_conf.beg_label_asym_id 
_struct_conf.beg_label_seq_id 
_struct_conf.pdbx_beg_PDB_ins_code 
_struct_conf.end_label_comp_id 
_struct_conf.end_label_asym_id 
_struct_conf.end_label_seq_id 
_struct_conf.pdbx_end_PDB_ins_code 
_struct_conf.beg_auth_comp_id 
_struct_conf.beg_auth_asym_id 
_struct_conf.beg_auth_seq_id 
_struct_conf.end_auth_comp_id 
_struct_conf.end_auth_asym_id 
_struct_conf.end_auth_seq_id 
_struct_conf.pdbx_PDB_helix_class 
_struct_conf.details 
_struct_conf.pdbx_PDB_helix_length 
HELX_P HELX_P1 1 ASN A 30  ? TYR A 34  ? ASN A 30  TYR A 34  5 ? 5  
HELX_P HELX_P2 2 TRP A 56  ? ALA A 58  ? TRP A 56  ALA A 58  5 ? 3  
HELX_P HELX_P3 3 VAL A 69  ? ILE A 79  ? VAL A 69  ILE A 79  1 ? 11 
HELX_P HELX_P4 4 LEU A 81  ? LEU A 85  ? LEU A 81  LEU A 85  5 ? 5  
HELX_P HELX_P5 5 GLN A 120 ? ASP A 125 ? GLN A 120 ASP A 125 1 ? 6  
HELX_P HELX_P6 6 ASP A 125 ? GLY A 139 ? ASP A 125 GLY A 139 1 ? 15 
HELX_P HELX_P7 7 PHE A 142 ? ASP A 147 ? PHE A 142 ASP A 147 5 ? 6  
HELX_P HELX_P8 8 ASN A 172 ? GLY A 188 ? ASN A 172 GLY A 188 1 ? 17 
# 
_struct_conf_type.id          HELX_P 
_struct_conf_type.criteria    ? 
_struct_conf_type.reference   ? 
# 
_struct_sheet.id               A 
_struct_sheet.type             ? 
_struct_sheet.number_strands   8 
_struct_sheet.details          ? 
# 
loop_
_struct_sheet_order.sheet_id 
_struct_sheet_order.range_id_1 
_struct_sheet_order.range_id_2 
_struct_sheet_order.offset 
_struct_sheet_order.sense 
A 1 2 ? anti-parallel 
A 2 3 ? anti-parallel 
A 3 4 ? anti-parallel 
A 4 5 ? anti-parallel 
A 5 6 ? anti-parallel 
A 6 7 ? anti-parallel 
A 7 8 ? anti-parallel 
# 
loop_
_struct_sheet_range.sheet_id 
_struct_sheet_range.id 
_struct_sheet_range.beg_label_comp_id 
_struct_sheet_range.beg_label_asym_id 
_struct_sheet_range.beg_label_seq_id 
_struct_sheet_range.pdbx_beg_PDB_ins_code 
_struct_sheet_range.end_label_comp_id 
_struct_sheet_range.end_label_asym_id 
_struct_sheet_range.end_label_seq_id 
_struct_sheet_range.pdbx_end_PDB_ins_code 
_struct_sheet_range.beg_auth_comp_id 
_struct_sheet_range.beg_auth_asym_id 
_struct_sheet_range.beg_auth_seq_id 
_struct_sheet_range.end_auth_comp_id 
_struct_sheet_range.end_auth_asym_id 
_struct_sheet_range.end_auth_seq_id 
A 1 LEU A 60  ? THR A 68  ? LEU A 60  THR A 68  
A 2 PRO A 38  ? PHE A 48  ? PRO A 38  PHE A 48  
A 3 ASP A 90  ? LYS A 95  ? ASP A 90  LYS A 95  
A 4 VAL A 149 ? ASN A 155 ? VAL A 149 ASN A 155 
A 5 LYS A 162 ? THR A 167 ? LYS A 162 THR A 167 
A 6 GLY A 111 ? THR A 116 ? GLY A 111 THR A 116 
A 7 GLY A 196 ? SER A 199 ? GLY A 196 SER A 199 
A 8 PHE A 215 ? VAL A 216 ? PHE A 215 VAL A 216 
# 
loop_
_pdbx_struct_sheet_hbond.sheet_id 
_pdbx_struct_sheet_hbond.range_id_1 
_pdbx_struct_sheet_hbond.range_id_2 
_pdbx_struct_sheet_hbond.range_1_label_atom_id 
_pdbx_struct_sheet_hbond.range_1_label_comp_id 
_pdbx_struct_sheet_hbond.range_1_label_asym_id 
_pdbx_struct_sheet_hbond.range_1_label_seq_id 
_pdbx_struct_sheet_hbond.range_1_PDB_ins_code 
_pdbx_struct_sheet_hbond.range_1_auth_atom_id 
_pdbx_struct_sheet_hbond.range_1_auth_comp_id 
_pdbx_struct_sheet_hbond.range_1_auth_asym_id 
_pdbx_struct_sheet_hbond.range_1_auth_seq_id 
_pdbx_struct_sheet_hbond.range_2_label_atom_id 
_pdbx_struct_sheet_hbond.range_2_label_comp_id 
_pdbx_struct_sheet_hbond.range_2_label_asym_id 
_pdbx_struct_sheet_hbond.range_2_label_seq_id 
_pdbx_struct_sheet_hbond.range_2_PDB_ins_code 
_pdbx_struct_sheet_hbond.range_2_auth_atom_id 
_pdbx_struct_sheet_hbond.range_2_auth_comp_id 
_pdbx_struct_sheet_hbond.range_2_auth_asym_id 
_pdbx_struct_sheet_hbond.range_2_auth_seq_id 
A 1 2 O ASP A 67  ? O ASP A 67  N LEU A 39  ? N LEU A 39  
A 2 3 N PHE A 48  ? N PHE A 48  O ASP A 90  ? O ASP A 90  
A 3 4 N LYS A 95  ? N LYS A 95  O CYS A 150 ? O CYS A 150 
A 4 5 N ASN A 155 ? N ASN A 155 O LYS A 162 ? O LYS A 162 
A 5 6 N THR A 167 ? N THR A 167 O GLY A 111 ? O GLY A 111 
A 6 7 N LEU A 114 ? N LEU A 114 O GLY A 196 ? O GLY A 196 
A 7 8 N TYR A 197 ? N TYR A 197 O PHE A 215 ? O PHE A 215 
# 
_struct_site.id                   AC1 
_struct_site.pdbx_evidence_code   Software 
_struct_site.pdbx_auth_asym_id    A 
_struct_site.pdbx_auth_comp_id    MGP 
_struct_site.pdbx_auth_seq_id     1000 
_struct_site.pdbx_auth_ins_code   ? 
_struct_site.pdbx_num_residues    14 
_struct_site.details              'BINDING SITE FOR RESIDUE MGP A 1000' 
# 
loop_
_struct_site_gen.id 
_struct_site_gen.site_id 
_struct_site_gen.pdbx_num_res 
_struct_site_gen.label_comp_id 
_struct_site_gen.label_asym_id 
_struct_site_gen.label_seq_id 
_struct_site_gen.pdbx_auth_ins_code 
_struct_site_gen.auth_comp_id 
_struct_site_gen.auth_asym_id 
_struct_site_gen.auth_seq_id 
_struct_site_gen.label_atom_id 
_struct_site_gen.label_alt_id 
_struct_site_gen.symmetry 
_struct_site_gen.details 
1  AC1 14 TRP A 56  ? TRP A 56   . ? 1_555 ? 
2  AC1 14 MET A 101 ? MET A 101  . ? 1_555 ? 
3  AC1 14 TRP A 102 ? TRP A 102  . ? 1_555 ? 
4  AC1 14 GLU A 103 ? GLU A 103  . ? 1_555 ? 
5  AC1 14 ARG A 157 ? ARG A 157  . ? 1_555 ? 
6  AC1 14 LYS A 162 ? LYS A 162  . ? 1_555 ? 
7  AC1 14 PRO A 191 ? PRO A 191  . ? 3_764 ? 
8  AC1 14 LYS A 192 ? LYS A 192  . ? 3_764 ? 
9  AC1 14 VAL A 194 ? VAL A 194  . ? 3_764 ? 
10 AC1 14 VAL A 217 ? VAL A 217  . ? 3_764 ? 
11 AC1 14 HOH C .   ? HOH A 1024 . ? 1_555 ? 
12 AC1 14 HOH C .   ? HOH A 1032 . ? 1_555 ? 
13 AC1 14 HOH C .   ? HOH A 1034 . ? 1_555 ? 
14 AC1 14 HOH C .   ? HOH A 1036 . ? 3_764 ? 
# 
loop_
_pdbx_validate_torsion.id 
_pdbx_validate_torsion.PDB_model_num 
_pdbx_validate_torsion.auth_comp_id 
_pdbx_validate_torsion.auth_asym_id 
_pdbx_validate_torsion.auth_seq_id 
_pdbx_validate_torsion.PDB_ins_code 
_pdbx_validate_torsion.label_alt_id 
_pdbx_validate_torsion.phi 
_pdbx_validate_torsion.psi 
1 1 TYR A 34  ? ? -142.45 -18.61  
2 1 ILE A 63  ? ? -100.80 -67.29  
3 1 ASP A 67  ? ? -141.92 24.95   
4 1 ASP A 143 ? ? 36.17   -114.29 
# 
loop_
_pdbx_unobs_or_zero_occ_residues.id 
_pdbx_unobs_or_zero_occ_residues.PDB_model_num 
_pdbx_unobs_or_zero_occ_residues.polymer_flag 
_pdbx_unobs_or_zero_occ_residues.occupancy_flag 
_pdbx_unobs_or_zero_occ_residues.auth_asym_id 
_pdbx_unobs_or_zero_occ_residues.auth_comp_id 
_pdbx_unobs_or_zero_occ_residues.auth_seq_id 
_pdbx_unobs_or_zero_occ_residues.PDB_ins_code 
_pdbx_unobs_or_zero_occ_residues.label_asym_id 
_pdbx_unobs_or_zero_occ_residues.label_comp_id 
_pdbx_unobs_or_zero_occ_residues.label_seq_id 
1  1 Y 1 A MET 1   ? A MET 1   
2  1 Y 1 A ALA 2   ? A ALA 2   
3  1 Y 1 A THR 3   ? A THR 3   
4  1 Y 1 A VAL 4   ? A VAL 4   
5  1 Y 1 A GLU 5   ? A GLU 5   
6  1 Y 1 A PRO 6   ? A PRO 6   
7  1 Y 1 A GLU 7   ? A GLU 7   
8  1 Y 1 A THR 8   ? A THR 8   
9  1 Y 1 A THR 9   ? A THR 9   
10 1 Y 1 A PRO 10  ? A PRO 10  
11 1 Y 1 A THR 11  ? A THR 11  
12 1 Y 1 A PRO 12  ? A PRO 12  
13 1 Y 1 A ASN 13  ? A ASN 13  
14 1 Y 1 A PRO 14  ? A PRO 14  
15 1 Y 1 A PRO 15  ? A PRO 15  
16 1 Y 1 A THR 16  ? A THR 16  
17 1 Y 1 A THR 17  ? A THR 17  
18 1 Y 1 A GLU 18  ? A GLU 18  
19 1 Y 1 A GLU 19  ? A GLU 19  
20 1 Y 1 A GLU 20  ? A GLU 20  
21 1 Y 1 A LYS 21  ? A LYS 21  
22 1 Y 1 A THR 22  ? A THR 22  
23 1 Y 1 A GLU 23  ? A GLU 23  
24 1 Y 1 A SER 24  ? A SER 24  
25 1 Y 1 A ASN 25  ? A ASN 25  
26 1 Y 1 A GLN 26  ? A GLN 26  
27 1 Y 1 A LYS 206 ? A LYS 206 
28 1 Y 1 A SER 207 ? A SER 207 
29 1 Y 1 A GLY 208 ? A GLY 208 
30 1 Y 1 A SER 209 ? A SER 209 
31 1 Y 1 A THR 210 ? A THR 210 
# 
loop_
_chem_comp_atom.comp_id 
_chem_comp_atom.atom_id 
_chem_comp_atom.type_symbol 
_chem_comp_atom.pdbx_aromatic_flag 
_chem_comp_atom.pdbx_stereo_config 
_chem_comp_atom.pdbx_ordinal 
ALA N      N N N 1   
ALA CA     C N S 2   
ALA C      C N N 3   
ALA O      O N N 4   
ALA CB     C N N 5   
ALA OXT    O N N 6   
ALA H      H N N 7   
ALA H2     H N N 8   
ALA HA     H N N 9   
ALA HB1    H N N 10  
ALA HB2    H N N 11  
ALA HB3    H N N 12  
ALA HXT    H N N 13  
ARG N      N N N 14  
ARG CA     C N S 15  
ARG C      C N N 16  
ARG O      O N N 17  
ARG CB     C N N 18  
ARG CG     C N N 19  
ARG CD     C N N 20  
ARG NE     N N N 21  
ARG CZ     C N N 22  
ARG NH1    N N N 23  
ARG NH2    N N N 24  
ARG OXT    O N N 25  
ARG H      H N N 26  
ARG H2     H N N 27  
ARG HA     H N N 28  
ARG HB2    H N N 29  
ARG HB3    H N N 30  
ARG HG2    H N N 31  
ARG HG3    H N N 32  
ARG HD2    H N N 33  
ARG HD3    H N N 34  
ARG HE     H N N 35  
ARG HH11   H N N 36  
ARG HH12   H N N 37  
ARG HH21   H N N 38  
ARG HH22   H N N 39  
ARG HXT    H N N 40  
ASN N      N N N 41  
ASN CA     C N S 42  
ASN C      C N N 43  
ASN O      O N N 44  
ASN CB     C N N 45  
ASN CG     C N N 46  
ASN OD1    O N N 47  
ASN ND2    N N N 48  
ASN OXT    O N N 49  
ASN H      H N N 50  
ASN H2     H N N 51  
ASN HA     H N N 52  
ASN HB2    H N N 53  
ASN HB3    H N N 54  
ASN HD21   H N N 55  
ASN HD22   H N N 56  
ASN HXT    H N N 57  
ASP N      N N N 58  
ASP CA     C N S 59  
ASP C      C N N 60  
ASP O      O N N 61  
ASP CB     C N N 62  
ASP CG     C N N 63  
ASP OD1    O N N 64  
ASP OD2    O N N 65  
ASP OXT    O N N 66  
ASP H      H N N 67  
ASP H2     H N N 68  
ASP HA     H N N 69  
ASP HB2    H N N 70  
ASP HB3    H N N 71  
ASP HD2    H N N 72  
ASP HXT    H N N 73  
CYS N      N N N 74  
CYS CA     C N R 75  
CYS C      C N N 76  
CYS O      O N N 77  
CYS CB     C N N 78  
CYS SG     S N N 79  
CYS OXT    O N N 80  
CYS H      H N N 81  
CYS H2     H N N 82  
CYS HA     H N N 83  
CYS HB2    H N N 84  
CYS HB3    H N N 85  
CYS HG     H N N 86  
CYS HXT    H N N 87  
GLN N      N N N 88  
GLN CA     C N S 89  
GLN C      C N N 90  
GLN O      O N N 91  
GLN CB     C N N 92  
GLN CG     C N N 93  
GLN CD     C N N 94  
GLN OE1    O N N 95  
GLN NE2    N N N 96  
GLN OXT    O N N 97  
GLN H      H N N 98  
GLN H2     H N N 99  
GLN HA     H N N 100 
GLN HB2    H N N 101 
GLN HB3    H N N 102 
GLN HG2    H N N 103 
GLN HG3    H N N 104 
GLN HE21   H N N 105 
GLN HE22   H N N 106 
GLN HXT    H N N 107 
GLU N      N N N 108 
GLU CA     C N S 109 
GLU C      C N N 110 
GLU O      O N N 111 
GLU CB     C N N 112 
GLU CG     C N N 113 
GLU CD     C N N 114 
GLU OE1    O N N 115 
GLU OE2    O N N 116 
GLU OXT    O N N 117 
GLU H      H N N 118 
GLU H2     H N N 119 
GLU HA     H N N 120 
GLU HB2    H N N 121 
GLU HB3    H N N 122 
GLU HG2    H N N 123 
GLU HG3    H N N 124 
GLU HE2    H N N 125 
GLU HXT    H N N 126 
GLY N      N N N 127 
GLY CA     C N N 128 
GLY C      C N N 129 
GLY O      O N N 130 
GLY OXT    O N N 131 
GLY H      H N N 132 
GLY H2     H N N 133 
GLY HA2    H N N 134 
GLY HA3    H N N 135 
GLY HXT    H N N 136 
HIS N      N N N 137 
HIS CA     C N S 138 
HIS C      C N N 139 
HIS O      O N N 140 
HIS CB     C N N 141 
HIS CG     C Y N 142 
HIS ND1    N Y N 143 
HIS CD2    C Y N 144 
HIS CE1    C Y N 145 
HIS NE2    N Y N 146 
HIS OXT    O N N 147 
HIS H      H N N 148 
HIS H2     H N N 149 
HIS HA     H N N 150 
HIS HB2    H N N 151 
HIS HB3    H N N 152 
HIS HD1    H N N 153 
HIS HD2    H N N 154 
HIS HE1    H N N 155 
HIS HE2    H N N 156 
HIS HXT    H N N 157 
HOH O      O N N 158 
HOH H1     H N N 159 
HOH H2     H N N 160 
ILE N      N N N 161 
ILE CA     C N S 162 
ILE C      C N N 163 
ILE O      O N N 164 
ILE CB     C N S 165 
ILE CG1    C N N 166 
ILE CG2    C N N 167 
ILE CD1    C N N 168 
ILE OXT    O N N 169 
ILE H      H N N 170 
ILE H2     H N N 171 
ILE HA     H N N 172 
ILE HB     H N N 173 
ILE HG12   H N N 174 
ILE HG13   H N N 175 
ILE HG21   H N N 176 
ILE HG22   H N N 177 
ILE HG23   H N N 178 
ILE HD11   H N N 179 
ILE HD12   H N N 180 
ILE HD13   H N N 181 
ILE HXT    H N N 182 
LEU N      N N N 183 
LEU CA     C N S 184 
LEU C      C N N 185 
LEU O      O N N 186 
LEU CB     C N N 187 
LEU CG     C N N 188 
LEU CD1    C N N 189 
LEU CD2    C N N 190 
LEU OXT    O N N 191 
LEU H      H N N 192 
LEU H2     H N N 193 
LEU HA     H N N 194 
LEU HB2    H N N 195 
LEU HB3    H N N 196 
LEU HG     H N N 197 
LEU HD11   H N N 198 
LEU HD12   H N N 199 
LEU HD13   H N N 200 
LEU HD21   H N N 201 
LEU HD22   H N N 202 
LEU HD23   H N N 203 
LEU HXT    H N N 204 
LYS N      N N N 205 
LYS CA     C N S 206 
LYS C      C N N 207 
LYS O      O N N 208 
LYS CB     C N N 209 
LYS CG     C N N 210 
LYS CD     C N N 211 
LYS CE     C N N 212 
LYS NZ     N N N 213 
LYS OXT    O N N 214 
LYS H      H N N 215 
LYS H2     H N N 216 
LYS HA     H N N 217 
LYS HB2    H N N 218 
LYS HB3    H N N 219 
LYS HG2    H N N 220 
LYS HG3    H N N 221 
LYS HD2    H N N 222 
LYS HD3    H N N 223 
LYS HE2    H N N 224 
LYS HE3    H N N 225 
LYS HZ1    H N N 226 
LYS HZ2    H N N 227 
LYS HZ3    H N N 228 
LYS HXT    H N N 229 
MET N      N N N 230 
MET CA     C N S 231 
MET C      C N N 232 
MET O      O N N 233 
MET CB     C N N 234 
MET CG     C N N 235 
MET SD     S N N 236 
MET CE     C N N 237 
MET OXT    O N N 238 
MET H      H N N 239 
MET H2     H N N 240 
MET HA     H N N 241 
MET HB2    H N N 242 
MET HB3    H N N 243 
MET HG2    H N N 244 
MET HG3    H N N 245 
MET HE1    H N N 246 
MET HE2    H N N 247 
MET HE3    H N N 248 
MET HXT    H N N 249 
MGP PA     P N R 250 
MGP O1A    O N N 251 
MGP O2A    O N N 252 
MGP O3A    O N N 253 
MGP "O5'"  O N N 254 
MGP PB     P N S 255 
MGP O1B    O N N 256 
MGP O2B    O N N 257 
MGP O3B    O N N 258 
MGP PC     P N N 259 
MGP O1C    O N N 260 
MGP O2C    O N N 261 
MGP O3C    O N N 262 
MGP "C5'"  C N N 263 
MGP "C4'"  C N R 264 
MGP "O4'"  O N N 265 
MGP "C3'"  C N S 266 
MGP "O3'"  O N N 267 
MGP "C2'"  C N R 268 
MGP "O2'"  O N N 269 
MGP "C1'"  C N R 270 
MGP N9     N Y N 271 
MGP C8     C Y N 272 
MGP N7     N Y N 273 
MGP CM7    C N N 274 
MGP C5     C Y N 275 
MGP C6     C N N 276 
MGP O6     O N N 277 
MGP N1     N N N 278 
MGP C2     C N N 279 
MGP N2     N N N 280 
MGP N3     N N N 281 
MGP C4     C Y N 282 
MGP "H5'"  H N N 283 
MGP "H5'A" H N N 284 
MGP "H4'"  H N N 285 
MGP "H3'"  H N N 286 
MGP "HO3'" H N N 287 
MGP "H2'"  H N N 288 
MGP "HO2'" H N N 289 
MGP "H1'"  H N N 290 
MGP H8     H N N 291 
MGP HM7    H N N 292 
MGP HM7A   H N N 293 
MGP HM7B   H N N 294 
MGP HN1    H N N 295 
MGP HN2    H N N 296 
MGP HN2A   H N N 297 
MGP H16    H N N 298 
MGP H17    H N N 299 
MGP H18    H N N 300 
MGP H19    H N N 301 
PHE N      N N N 302 
PHE CA     C N S 303 
PHE C      C N N 304 
PHE O      O N N 305 
PHE CB     C N N 306 
PHE CG     C Y N 307 
PHE CD1    C Y N 308 
PHE CD2    C Y N 309 
PHE CE1    C Y N 310 
PHE CE2    C Y N 311 
PHE CZ     C Y N 312 
PHE OXT    O N N 313 
PHE H      H N N 314 
PHE H2     H N N 315 
PHE HA     H N N 316 
PHE HB2    H N N 317 
PHE HB3    H N N 318 
PHE HD1    H N N 319 
PHE HD2    H N N 320 
PHE HE1    H N N 321 
PHE HE2    H N N 322 
PHE HZ     H N N 323 
PHE HXT    H N N 324 
PRO N      N N N 325 
PRO CA     C N S 326 
PRO C      C N N 327 
PRO O      O N N 328 
PRO CB     C N N 329 
PRO CG     C N N 330 
PRO CD     C N N 331 
PRO OXT    O N N 332 
PRO H      H N N 333 
PRO HA     H N N 334 
PRO HB2    H N N 335 
PRO HB3    H N N 336 
PRO HG2    H N N 337 
PRO HG3    H N N 338 
PRO HD2    H N N 339 
PRO HD3    H N N 340 
PRO HXT    H N N 341 
SER N      N N N 342 
SER CA     C N S 343 
SER C      C N N 344 
SER O      O N N 345 
SER CB     C N N 346 
SER OG     O N N 347 
SER OXT    O N N 348 
SER H      H N N 349 
SER H2     H N N 350 
SER HA     H N N 351 
SER HB2    H N N 352 
SER HB3    H N N 353 
SER HG     H N N 354 
SER HXT    H N N 355 
THR N      N N N 356 
THR CA     C N S 357 
THR C      C N N 358 
THR O      O N N 359 
THR CB     C N R 360 
THR OG1    O N N 361 
THR CG2    C N N 362 
THR OXT    O N N 363 
THR H      H N N 364 
THR H2     H N N 365 
THR HA     H N N 366 
THR HB     H N N 367 
THR HG1    H N N 368 
THR HG21   H N N 369 
THR HG22   H N N 370 
THR HG23   H N N 371 
THR HXT    H N N 372 
TRP N      N N N 373 
TRP CA     C N S 374 
TRP C      C N N 375 
TRP O      O N N 376 
TRP CB     C N N 377 
TRP CG     C Y N 378 
TRP CD1    C Y N 379 
TRP CD2    C Y N 380 
TRP NE1    N Y N 381 
TRP CE2    C Y N 382 
TRP CE3    C Y N 383 
TRP CZ2    C Y N 384 
TRP CZ3    C Y N 385 
TRP CH2    C Y N 386 
TRP OXT    O N N 387 
TRP H      H N N 388 
TRP H2     H N N 389 
TRP HA     H N N 390 
TRP HB2    H N N 391 
TRP HB3    H N N 392 
TRP HD1    H N N 393 
TRP HE1    H N N 394 
TRP HE3    H N N 395 
TRP HZ2    H N N 396 
TRP HZ3    H N N 397 
TRP HH2    H N N 398 
TRP HXT    H N N 399 
TYR N      N N N 400 
TYR CA     C N S 401 
TYR C      C N N 402 
TYR O      O N N 403 
TYR CB     C N N 404 
TYR CG     C Y N 405 
TYR CD1    C Y N 406 
TYR CD2    C Y N 407 
TYR CE1    C Y N 408 
TYR CE2    C Y N 409 
TYR CZ     C Y N 410 
TYR OH     O N N 411 
TYR OXT    O N N 412 
TYR H      H N N 413 
TYR H2     H N N 414 
TYR HA     H N N 415 
TYR HB2    H N N 416 
TYR HB3    H N N 417 
TYR HD1    H N N 418 
TYR HD2    H N N 419 
TYR HE1    H N N 420 
TYR HE2    H N N 421 
TYR HH     H N N 422 
TYR HXT    H N N 423 
VAL N      N N N 424 
VAL CA     C N S 425 
VAL C      C N N 426 
VAL O      O N N 427 
VAL CB     C N N 428 
VAL CG1    C N N 429 
VAL CG2    C N N 430 
VAL OXT    O N N 431 
VAL H      H N N 432 
VAL H2     H N N 433 
VAL HA     H N N 434 
VAL HB     H N N 435 
VAL HG11   H N N 436 
VAL HG12   H N N 437 
VAL HG13   H N N 438 
VAL HG21   H N N 439 
VAL HG22   H N N 440 
VAL HG23   H N N 441 
VAL HXT    H N N 442 
# 
loop_
_chem_comp_bond.comp_id 
_chem_comp_bond.atom_id_1 
_chem_comp_bond.atom_id_2 
_chem_comp_bond.value_order 
_chem_comp_bond.pdbx_aromatic_flag 
_chem_comp_bond.pdbx_stereo_config 
_chem_comp_bond.pdbx_ordinal 
ALA N     CA     sing N N 1   
ALA N     H      sing N N 2   
ALA N     H2     sing N N 3   
ALA CA    C      sing N N 4   
ALA CA    CB     sing N N 5   
ALA CA    HA     sing N N 6   
ALA C     O      doub N N 7   
ALA C     OXT    sing N N 8   
ALA CB    HB1    sing N N 9   
ALA CB    HB2    sing N N 10  
ALA CB    HB3    sing N N 11  
ALA OXT   HXT    sing N N 12  
ARG N     CA     sing N N 13  
ARG N     H      sing N N 14  
ARG N     H2     sing N N 15  
ARG CA    C      sing N N 16  
ARG CA    CB     sing N N 17  
ARG CA    HA     sing N N 18  
ARG C     O      doub N N 19  
ARG C     OXT    sing N N 20  
ARG CB    CG     sing N N 21  
ARG CB    HB2    sing N N 22  
ARG CB    HB3    sing N N 23  
ARG CG    CD     sing N N 24  
ARG CG    HG2    sing N N 25  
ARG CG    HG3    sing N N 26  
ARG CD    NE     sing N N 27  
ARG CD    HD2    sing N N 28  
ARG CD    HD3    sing N N 29  
ARG NE    CZ     sing N N 30  
ARG NE    HE     sing N N 31  
ARG CZ    NH1    sing N N 32  
ARG CZ    NH2    doub N N 33  
ARG NH1   HH11   sing N N 34  
ARG NH1   HH12   sing N N 35  
ARG NH2   HH21   sing N N 36  
ARG NH2   HH22   sing N N 37  
ARG OXT   HXT    sing N N 38  
ASN N     CA     sing N N 39  
ASN N     H      sing N N 40  
ASN N     H2     sing N N 41  
ASN CA    C      sing N N 42  
ASN CA    CB     sing N N 43  
ASN CA    HA     sing N N 44  
ASN C     O      doub N N 45  
ASN C     OXT    sing N N 46  
ASN CB    CG     sing N N 47  
ASN CB    HB2    sing N N 48  
ASN CB    HB3    sing N N 49  
ASN CG    OD1    doub N N 50  
ASN CG    ND2    sing N N 51  
ASN ND2   HD21   sing N N 52  
ASN ND2   HD22   sing N N 53  
ASN OXT   HXT    sing N N 54  
ASP N     CA     sing N N 55  
ASP N     H      sing N N 56  
ASP N     H2     sing N N 57  
ASP CA    C      sing N N 58  
ASP CA    CB     sing N N 59  
ASP CA    HA     sing N N 60  
ASP C     O      doub N N 61  
ASP C     OXT    sing N N 62  
ASP CB    CG     sing N N 63  
ASP CB    HB2    sing N N 64  
ASP CB    HB3    sing N N 65  
ASP CG    OD1    doub N N 66  
ASP CG    OD2    sing N N 67  
ASP OD2   HD2    sing N N 68  
ASP OXT   HXT    sing N N 69  
CYS N     CA     sing N N 70  
CYS N     H      sing N N 71  
CYS N     H2     sing N N 72  
CYS CA    C      sing N N 73  
CYS CA    CB     sing N N 74  
CYS CA    HA     sing N N 75  
CYS C     O      doub N N 76  
CYS C     OXT    sing N N 77  
CYS CB    SG     sing N N 78  
CYS CB    HB2    sing N N 79  
CYS CB    HB3    sing N N 80  
CYS SG    HG     sing N N 81  
CYS OXT   HXT    sing N N 82  
GLN N     CA     sing N N 83  
GLN N     H      sing N N 84  
GLN N     H2     sing N N 85  
GLN CA    C      sing N N 86  
GLN CA    CB     sing N N 87  
GLN CA    HA     sing N N 88  
GLN C     O      doub N N 89  
GLN C     OXT    sing N N 90  
GLN CB    CG     sing N N 91  
GLN CB    HB2    sing N N 92  
GLN CB    HB3    sing N N 93  
GLN CG    CD     sing N N 94  
GLN CG    HG2    sing N N 95  
GLN CG    HG3    sing N N 96  
GLN CD    OE1    doub N N 97  
GLN CD    NE2    sing N N 98  
GLN NE2   HE21   sing N N 99  
GLN NE2   HE22   sing N N 100 
GLN OXT   HXT    sing N N 101 
GLU N     CA     sing N N 102 
GLU N     H      sing N N 103 
GLU N     H2     sing N N 104 
GLU CA    C      sing N N 105 
GLU CA    CB     sing N N 106 
GLU CA    HA     sing N N 107 
GLU C     O      doub N N 108 
GLU C     OXT    sing N N 109 
GLU CB    CG     sing N N 110 
GLU CB    HB2    sing N N 111 
GLU CB    HB3    sing N N 112 
GLU CG    CD     sing N N 113 
GLU CG    HG2    sing N N 114 
GLU CG    HG3    sing N N 115 
GLU CD    OE1    doub N N 116 
GLU CD    OE2    sing N N 117 
GLU OE2   HE2    sing N N 118 
GLU OXT   HXT    sing N N 119 
GLY N     CA     sing N N 120 
GLY N     H      sing N N 121 
GLY N     H2     sing N N 122 
GLY CA    C      sing N N 123 
GLY CA    HA2    sing N N 124 
GLY CA    HA3    sing N N 125 
GLY C     O      doub N N 126 
GLY C     OXT    sing N N 127 
GLY OXT   HXT    sing N N 128 
HIS N     CA     sing N N 129 
HIS N     H      sing N N 130 
HIS N     H2     sing N N 131 
HIS CA    C      sing N N 132 
HIS CA    CB     sing N N 133 
HIS CA    HA     sing N N 134 
HIS C     O      doub N N 135 
HIS C     OXT    sing N N 136 
HIS CB    CG     sing N N 137 
HIS CB    HB2    sing N N 138 
HIS CB    HB3    sing N N 139 
HIS CG    ND1    sing Y N 140 
HIS CG    CD2    doub Y N 141 
HIS ND1   CE1    doub Y N 142 
HIS ND1   HD1    sing N N 143 
HIS CD2   NE2    sing Y N 144 
HIS CD2   HD2    sing N N 145 
HIS CE1   NE2    sing Y N 146 
HIS CE1   HE1    sing N N 147 
HIS NE2   HE2    sing N N 148 
HIS OXT   HXT    sing N N 149 
HOH O     H1     sing N N 150 
HOH O     H2     sing N N 151 
ILE N     CA     sing N N 152 
ILE N     H      sing N N 153 
ILE N     H2     sing N N 154 
ILE CA    C      sing N N 155 
ILE CA    CB     sing N N 156 
ILE CA    HA     sing N N 157 
ILE C     O      doub N N 158 
ILE C     OXT    sing N N 159 
ILE CB    CG1    sing N N 160 
ILE CB    CG2    sing N N 161 
ILE CB    HB     sing N N 162 
ILE CG1   CD1    sing N N 163 
ILE CG1   HG12   sing N N 164 
ILE CG1   HG13   sing N N 165 
ILE CG2   HG21   sing N N 166 
ILE CG2   HG22   sing N N 167 
ILE CG2   HG23   sing N N 168 
ILE CD1   HD11   sing N N 169 
ILE CD1   HD12   sing N N 170 
ILE CD1   HD13   sing N N 171 
ILE OXT   HXT    sing N N 172 
LEU N     CA     sing N N 173 
LEU N     H      sing N N 174 
LEU N     H2     sing N N 175 
LEU CA    C      sing N N 176 
LEU CA    CB     sing N N 177 
LEU CA    HA     sing N N 178 
LEU C     O      doub N N 179 
LEU C     OXT    sing N N 180 
LEU CB    CG     sing N N 181 
LEU CB    HB2    sing N N 182 
LEU CB    HB3    sing N N 183 
LEU CG    CD1    sing N N 184 
LEU CG    CD2    sing N N 185 
LEU CG    HG     sing N N 186 
LEU CD1   HD11   sing N N 187 
LEU CD1   HD12   sing N N 188 
LEU CD1   HD13   sing N N 189 
LEU CD2   HD21   sing N N 190 
LEU CD2   HD22   sing N N 191 
LEU CD2   HD23   sing N N 192 
LEU OXT   HXT    sing N N 193 
LYS N     CA     sing N N 194 
LYS N     H      sing N N 195 
LYS N     H2     sing N N 196 
LYS CA    C      sing N N 197 
LYS CA    CB     sing N N 198 
LYS CA    HA     sing N N 199 
LYS C     O      doub N N 200 
LYS C     OXT    sing N N 201 
LYS CB    CG     sing N N 202 
LYS CB    HB2    sing N N 203 
LYS CB    HB3    sing N N 204 
LYS CG    CD     sing N N 205 
LYS CG    HG2    sing N N 206 
LYS CG    HG3    sing N N 207 
LYS CD    CE     sing N N 208 
LYS CD    HD2    sing N N 209 
LYS CD    HD3    sing N N 210 
LYS CE    NZ     sing N N 211 
LYS CE    HE2    sing N N 212 
LYS CE    HE3    sing N N 213 
LYS NZ    HZ1    sing N N 214 
LYS NZ    HZ2    sing N N 215 
LYS NZ    HZ3    sing N N 216 
LYS OXT   HXT    sing N N 217 
MET N     CA     sing N N 218 
MET N     H      sing N N 219 
MET N     H2     sing N N 220 
MET CA    C      sing N N 221 
MET CA    CB     sing N N 222 
MET CA    HA     sing N N 223 
MET C     O      doub N N 224 
MET C     OXT    sing N N 225 
MET CB    CG     sing N N 226 
MET CB    HB2    sing N N 227 
MET CB    HB3    sing N N 228 
MET CG    SD     sing N N 229 
MET CG    HG2    sing N N 230 
MET CG    HG3    sing N N 231 
MET SD    CE     sing N N 232 
MET CE    HE1    sing N N 233 
MET CE    HE2    sing N N 234 
MET CE    HE3    sing N N 235 
MET OXT   HXT    sing N N 236 
MGP PA    O1A    sing N N 237 
MGP PA    O2A    doub N N 238 
MGP PA    O3A    sing N N 239 
MGP PA    "O5'"  sing N N 240 
MGP O3A   PB     sing N N 241 
MGP "O5'" "C5'"  sing N N 242 
MGP PB    O1B    sing N N 243 
MGP PB    O2B    doub N N 244 
MGP PB    O3B    sing N N 245 
MGP O3B   PC     sing N N 246 
MGP PC    O1C    sing N N 247 
MGP PC    O2C    doub N N 248 
MGP PC    O3C    sing N N 249 
MGP "C5'" "C4'"  sing N N 250 
MGP "C5'" "H5'"  sing N N 251 
MGP "C5'" "H5'A" sing N N 252 
MGP "C4'" "O4'"  sing N N 253 
MGP "C4'" "C3'"  sing N N 254 
MGP "C4'" "H4'"  sing N N 255 
MGP "O4'" "C1'"  sing N N 256 
MGP "C3'" "O3'"  sing N N 257 
MGP "C3'" "C2'"  sing N N 258 
MGP "C3'" "H3'"  sing N N 259 
MGP "O3'" "HO3'" sing N N 260 
MGP "C2'" "O2'"  sing N N 261 
MGP "C2'" "C1'"  sing N N 262 
MGP "C2'" "H2'"  sing N N 263 
MGP "O2'" "HO2'" sing N N 264 
MGP "C1'" N9     sing N N 265 
MGP "C1'" "H1'"  sing N N 266 
MGP N9    C8     sing Y N 267 
MGP N9    C4     sing Y N 268 
MGP C8    N7     doub Y N 269 
MGP C8    H8     sing N N 270 
MGP N7    CM7    sing N N 271 
MGP N7    C5     sing Y N 272 
MGP CM7   HM7    sing N N 273 
MGP CM7   HM7A   sing N N 274 
MGP CM7   HM7B   sing N N 275 
MGP C5    C6     sing N N 276 
MGP C5    C4     doub Y N 277 
MGP C6    O6     doub N N 278 
MGP C6    N1     sing N N 279 
MGP N1    C2     sing N N 280 
MGP N1    HN1    sing N N 281 
MGP C2    N2     sing N N 282 
MGP C2    N3     doub N N 283 
MGP N2    HN2    sing N N 284 
MGP N2    HN2A   sing N N 285 
MGP N3    C4     sing N N 286 
MGP O1A   H16    sing N N 287 
MGP O1B   H17    sing N N 288 
MGP O1C   H18    sing N N 289 
MGP O3C   H19    sing N N 290 
PHE N     CA     sing N N 291 
PHE N     H      sing N N 292 
PHE N     H2     sing N N 293 
PHE CA    C      sing N N 294 
PHE CA    CB     sing N N 295 
PHE CA    HA     sing N N 296 
PHE C     O      doub N N 297 
PHE C     OXT    sing N N 298 
PHE CB    CG     sing N N 299 
PHE CB    HB2    sing N N 300 
PHE CB    HB3    sing N N 301 
PHE CG    CD1    doub Y N 302 
PHE CG    CD2    sing Y N 303 
PHE CD1   CE1    sing Y N 304 
PHE CD1   HD1    sing N N 305 
PHE CD2   CE2    doub Y N 306 
PHE CD2   HD2    sing N N 307 
PHE CE1   CZ     doub Y N 308 
PHE CE1   HE1    sing N N 309 
PHE CE2   CZ     sing Y N 310 
PHE CE2   HE2    sing N N 311 
PHE CZ    HZ     sing N N 312 
PHE OXT   HXT    sing N N 313 
PRO N     CA     sing N N 314 
PRO N     CD     sing N N 315 
PRO N     H      sing N N 316 
PRO CA    C      sing N N 317 
PRO CA    CB     sing N N 318 
PRO CA    HA     sing N N 319 
PRO C     O      doub N N 320 
PRO C     OXT    sing N N 321 
PRO CB    CG     sing N N 322 
PRO CB    HB2    sing N N 323 
PRO CB    HB3    sing N N 324 
PRO CG    CD     sing N N 325 
PRO CG    HG2    sing N N 326 
PRO CG    HG3    sing N N 327 
PRO CD    HD2    sing N N 328 
PRO CD    HD3    sing N N 329 
PRO OXT   HXT    sing N N 330 
SER N     CA     sing N N 331 
SER N     H      sing N N 332 
SER N     H2     sing N N 333 
SER CA    C      sing N N 334 
SER CA    CB     sing N N 335 
SER CA    HA     sing N N 336 
SER C     O      doub N N 337 
SER C     OXT    sing N N 338 
SER CB    OG     sing N N 339 
SER CB    HB2    sing N N 340 
SER CB    HB3    sing N N 341 
SER OG    HG     sing N N 342 
SER OXT   HXT    sing N N 343 
THR N     CA     sing N N 344 
THR N     H      sing N N 345 
THR N     H2     sing N N 346 
THR CA    C      sing N N 347 
THR CA    CB     sing N N 348 
THR CA    HA     sing N N 349 
THR C     O      doub N N 350 
THR C     OXT    sing N N 351 
THR CB    OG1    sing N N 352 
THR CB    CG2    sing N N 353 
THR CB    HB     sing N N 354 
THR OG1   HG1    sing N N 355 
THR CG2   HG21   sing N N 356 
THR CG2   HG22   sing N N 357 
THR CG2   HG23   sing N N 358 
THR OXT   HXT    sing N N 359 
TRP N     CA     sing N N 360 
TRP N     H      sing N N 361 
TRP N     H2     sing N N 362 
TRP CA    C      sing N N 363 
TRP CA    CB     sing N N 364 
TRP CA    HA     sing N N 365 
TRP C     O      doub N N 366 
TRP C     OXT    sing N N 367 
TRP CB    CG     sing N N 368 
TRP CB    HB2    sing N N 369 
TRP CB    HB3    sing N N 370 
TRP CG    CD1    doub Y N 371 
TRP CG    CD2    sing Y N 372 
TRP CD1   NE1    sing Y N 373 
TRP CD1   HD1    sing N N 374 
TRP CD2   CE2    doub Y N 375 
TRP CD2   CE3    sing Y N 376 
TRP NE1   CE2    sing Y N 377 
TRP NE1   HE1    sing N N 378 
TRP CE2   CZ2    sing Y N 379 
TRP CE3   CZ3    doub Y N 380 
TRP CE3   HE3    sing N N 381 
TRP CZ2   CH2    doub Y N 382 
TRP CZ2   HZ2    sing N N 383 
TRP CZ3   CH2    sing Y N 384 
TRP CZ3   HZ3    sing N N 385 
TRP CH2   HH2    sing N N 386 
TRP OXT   HXT    sing N N 387 
TYR N     CA     sing N N 388 
TYR N     H      sing N N 389 
TYR N     H2     sing N N 390 
TYR CA    C      sing N N 391 
TYR CA    CB     sing N N 392 
TYR CA    HA     sing N N 393 
TYR C     O      doub N N 394 
TYR C     OXT    sing N N 395 
TYR CB    CG     sing N N 396 
TYR CB    HB2    sing N N 397 
TYR CB    HB3    sing N N 398 
TYR CG    CD1    doub Y N 399 
TYR CG    CD2    sing Y N 400 
TYR CD1   CE1    sing Y N 401 
TYR CD1   HD1    sing N N 402 
TYR CD2   CE2    doub Y N 403 
TYR CD2   HD2    sing N N 404 
TYR CE1   CZ     doub Y N 405 
TYR CE1   HE1    sing N N 406 
TYR CE2   CZ     sing Y N 407 
TYR CE2   HE2    sing N N 408 
TYR CZ    OH     sing N N 409 
TYR OH    HH     sing N N 410 
TYR OXT   HXT    sing N N 411 
VAL N     CA     sing N N 412 
VAL N     H      sing N N 413 
VAL N     H2     sing N N 414 
VAL CA    C      sing N N 415 
VAL CA    CB     sing N N 416 
VAL CA    HA     sing N N 417 
VAL C     O      doub N N 418 
VAL C     OXT    sing N N 419 
VAL CB    CG1    sing N N 420 
VAL CB    CG2    sing N N 421 
VAL CB    HB     sing N N 422 
VAL CG1   HG11   sing N N 423 
VAL CG1   HG12   sing N N 424 
VAL CG1   HG13   sing N N 425 
VAL CG2   HG21   sing N N 426 
VAL CG2   HG22   sing N N 427 
VAL CG2   HG23   sing N N 428 
VAL OXT   HXT    sing N N 429 
# 
_atom_sites.entry_id                    1IPC 
_atom_sites.fract_transf_matrix[1][1]   -0.00253304 
_atom_sites.fract_transf_matrix[1][2]   0.00125592 
_atom_sites.fract_transf_matrix[1][3]   -0.01098086 
_atom_sites.fract_transf_matrix[2][1]   -0.01105235 
_atom_sites.fract_transf_matrix[2][2]   -0.00033559 
_atom_sites.fract_transf_matrix[2][3]   0.00251115 
_atom_sites.fract_transf_matrix[3][1]   -0.00010795 
_atom_sites.fract_transf_matrix[3][2]   0.02595075 
_atom_sites.fract_transf_matrix[3][3]   0.00299299 
_atom_sites.fract_transf_vector[1]      0.483019 
_atom_sites.fract_transf_vector[2]      1.206245 
_atom_sites.fract_transf_vector[3]      -0.304910 
# 
loop_
_atom_type.symbol 
C 
N 
O 
P 
S 
# 
loop_
_atom_site.group_PDB 
_atom_site.id 
_atom_site.type_symbol 
_atom_site.label_atom_id 
_atom_site.label_alt_id 
_atom_site.label_comp_id 
_atom_site.label_asym_id 
_atom_site.label_entity_id 
_atom_site.label_seq_id 
_atom_site.pdbx_PDB_ins_code 
_atom_site.Cartn_x 
_atom_site.Cartn_y 
_atom_site.Cartn_z 
_atom_site.occupancy 
_atom_site.B_iso_or_equiv 
_atom_site.pdbx_formal_charge 
_atom_site.auth_seq_id 
_atom_site.auth_comp_id 
_atom_site.auth_asym_id 
_atom_site.auth_atom_id 
_atom_site.pdbx_PDB_model_num 
ATOM   1    N N     . GLU A 1 27  ? 32.120  -29.498 4.774   1.00 46.62 ? 27   GLU A N     1 
ATOM   2    C CA    . GLU A 1 27  ? 31.523  -28.282 5.401   1.00 46.02 ? 27   GLU A CA    1 
ATOM   3    C C     . GLU A 1 27  ? 31.116  -27.270 4.332   1.00 43.50 ? 27   GLU A C     1 
ATOM   4    O O     . GLU A 1 27  ? 31.791  -27.128 3.314   1.00 43.73 ? 27   GLU A O     1 
ATOM   5    C CB    . GLU A 1 27  ? 32.530  -27.644 6.362   1.00 48.81 ? 27   GLU A CB    1 
ATOM   6    C CG    . GLU A 1 27  ? 31.986  -26.435 7.108   1.00 53.67 ? 27   GLU A CG    1 
ATOM   7    C CD    . GLU A 1 27  ? 30.780  -26.774 7.967   1.00 55.66 ? 27   GLU A CD    1 
ATOM   8    O OE1   . GLU A 1 27  ? 30.922  -27.598 8.896   1.00 57.54 ? 27   GLU A OE1   1 
ATOM   9    O OE2   . GLU A 1 27  ? 29.690  -26.217 7.713   1.00 57.65 ? 27   GLU A OE2   1 
ATOM   10   N N     . VAL A 1 28  ? 30.010  -26.571 4.564   1.00 40.24 ? 28   VAL A N     1 
ATOM   11   C CA    . VAL A 1 28  ? 29.529  -25.583 3.608   1.00 36.52 ? 28   VAL A CA    1 
ATOM   12   C C     . VAL A 1 28  ? 29.695  -24.162 4.132   1.00 35.08 ? 28   VAL A C     1 
ATOM   13   O O     . VAL A 1 28  ? 29.845  -23.945 5.333   1.00 34.27 ? 28   VAL A O     1 
ATOM   14   C CB    . VAL A 1 28  ? 28.041  -25.822 3.250   1.00 36.34 ? 28   VAL A CB    1 
ATOM   15   C CG1   . VAL A 1 28  ? 27.887  -27.170 2.559   1.00 36.32 ? 28   VAL A CG1   1 
ATOM   16   C CG2   . VAL A 1 28  ? 27.182  -25.765 4.504   1.00 35.59 ? 28   VAL A CG2   1 
ATOM   17   N N     . ALA A 1 29  ? 29.670  -23.198 3.218   1.00 33.08 ? 29   ALA A N     1 
ATOM   18   C CA    . ALA A 1 29  ? 29.824  -21.794 3.574   1.00 32.04 ? 29   ALA A CA    1 
ATOM   19   C C     . ALA A 1 29  ? 28.731  -21.339 4.534   1.00 31.72 ? 29   ALA A C     1 
ATOM   20   O O     . ALA A 1 29  ? 27.670  -21.957 4.622   1.00 31.32 ? 29   ALA A O     1 
ATOM   21   C CB    . ALA A 1 29  ? 29.797  -20.934 2.312   1.00 31.91 ? 29   ALA A CB    1 
ATOM   22   N N     . ASN A 1 30  ? 29.001  -20.253 5.251   1.00 30.25 ? 30   ASN A N     1 
ATOM   23   C CA    . ASN A 1 30  ? 28.044  -19.697 6.201   1.00 29.81 ? 30   ASN A CA    1 
ATOM   24   C C     . ASN A 1 30  ? 27.037  -18.813 5.456   1.00 28.95 ? 30   ASN A C     1 
ATOM   25   O O     . ASN A 1 30  ? 27.368  -17.710 5.017   1.00 26.29 ? 30   ASN A O     1 
ATOM   26   C CB    . ASN A 1 30  ? 28.786  -18.876 7.262   1.00 30.34 ? 30   ASN A CB    1 
ATOM   27   C CG    . ASN A 1 30  ? 27.864  -18.324 8.339   1.00 32.39 ? 30   ASN A CG    1 
ATOM   28   O OD1   . ASN A 1 30  ? 28.326  -17.752 9.328   1.00 33.59 ? 30   ASN A OD1   1 
ATOM   29   N ND2   . ASN A 1 30  ? 26.559  -18.489 8.154   1.00 29.59 ? 30   ASN A ND2   1 
ATOM   30   N N     . PRO A 1 31  ? 25.788  -19.288 5.315   1.00 28.44 ? 31   PRO A N     1 
ATOM   31   C CA    . PRO A 1 31  ? 24.743  -18.532 4.617   1.00 28.60 ? 31   PRO A CA    1 
ATOM   32   C C     . PRO A 1 31  ? 24.626  -17.067 5.042   1.00 28.24 ? 31   PRO A C     1 
ATOM   33   O O     . PRO A 1 31  ? 24.254  -16.211 4.241   1.00 29.14 ? 31   PRO A O     1 
ATOM   34   C CB    . PRO A 1 31  ? 23.477  -19.340 4.907   1.00 28.33 ? 31   PRO A CB    1 
ATOM   35   C CG    . PRO A 1 31  ? 23.790  -20.021 6.208   1.00 28.61 ? 31   PRO A CG    1 
ATOM   36   C CD    . PRO A 1 31  ? 25.213  -20.456 6.005   1.00 28.19 ? 31   PRO A CD    1 
ATOM   37   N N     . GLU A 1 32  ? 24.964  -16.771 6.290   1.00 29.31 ? 32   GLU A N     1 
ATOM   38   C CA    . GLU A 1 32  ? 24.882  -15.398 6.776   1.00 29.61 ? 32   GLU A CA    1 
ATOM   39   C C     . GLU A 1 32  ? 25.767  -14.445 5.966   1.00 28.08 ? 32   GLU A C     1 
ATOM   40   O O     . GLU A 1 32  ? 25.446  -13.266 5.817   1.00 26.32 ? 32   GLU A O     1 
ATOM   41   C CB    . GLU A 1 32  ? 25.273  -15.337 8.258   1.00 33.61 ? 32   GLU A CB    1 
ATOM   42   C CG    . GLU A 1 32  ? 24.841  -14.053 8.965   1.00 39.20 ? 32   GLU A CG    1 
ATOM   43   C CD    . GLU A 1 32  ? 25.668  -12.837 8.573   1.00 42.42 ? 32   GLU A CD    1 
ATOM   44   O OE1   . GLU A 1 32  ? 25.178  -11.702 8.760   1.00 45.24 ? 32   GLU A OE1   1 
ATOM   45   O OE2   . GLU A 1 32  ? 26.808  -13.009 8.093   1.00 45.29 ? 32   GLU A OE2   1 
ATOM   46   N N     . HIS A 1 33  ? 26.873  -14.955 5.432   1.00 25.50 ? 33   HIS A N     1 
ATOM   47   C CA    . HIS A 1 33  ? 27.790  -14.117 4.663   1.00 25.35 ? 33   HIS A CA    1 
ATOM   48   C C     . HIS A 1 33  ? 27.444  -13.907 3.191   1.00 23.33 ? 33   HIS A C     1 
ATOM   49   O O     . HIS A 1 33  ? 28.058  -13.059 2.540   1.00 20.90 ? 33   HIS A O     1 
ATOM   50   C CB    . HIS A 1 33  ? 29.214  -14.686 4.715   1.00 28.99 ? 33   HIS A CB    1 
ATOM   51   C CG    . HIS A 1 33  ? 29.715  -14.965 6.095   1.00 30.72 ? 33   HIS A CG    1 
ATOM   52   N ND1   . HIS A 1 33  ? 29.543  -14.087 7.143   1.00 33.92 ? 33   HIS A ND1   1 
ATOM   53   C CD2   . HIS A 1 33  ? 30.426  -16.005 6.587   1.00 32.02 ? 33   HIS A CD2   1 
ATOM   54   C CE1   . HIS A 1 33  ? 30.128  -14.575 8.222   1.00 32.89 ? 33   HIS A CE1   1 
ATOM   55   N NE2   . HIS A 1 33  ? 30.672  -15.737 7.912   1.00 32.89 ? 33   HIS A NE2   1 
ATOM   56   N N     . TYR A 1 34  ? 26.481  -14.648 2.650   1.00 21.09 ? 34   TYR A N     1 
ATOM   57   C CA    . TYR A 1 34  ? 26.191  -14.486 1.225   1.00 20.55 ? 34   TYR A CA    1 
ATOM   58   C C     . TYR A 1 34  ? 24.748  -14.556 0.726   1.00 19.39 ? 34   TYR A C     1 
ATOM   59   O O     . TYR A 1 34  ? 24.472  -14.100 -0.382  1.00 18.57 ? 34   TYR A O     1 
ATOM   60   C CB    . TYR A 1 34  ? 27.030  -15.489 0.431   1.00 20.77 ? 34   TYR A CB    1 
ATOM   61   C CG    . TYR A 1 34  ? 26.555  -16.915 0.583   1.00 21.33 ? 34   TYR A CG    1 
ATOM   62   C CD1   . TYR A 1 34  ? 25.607  -17.450 -0.288  1.00 22.03 ? 34   TYR A CD1   1 
ATOM   63   C CD2   . TYR A 1 34  ? 27.007  -17.712 1.637   1.00 22.56 ? 34   TYR A CD2   1 
ATOM   64   C CE1   . TYR A 1 34  ? 25.118  -18.742 -0.114  1.00 22.31 ? 34   TYR A CE1   1 
ATOM   65   C CE2   . TYR A 1 34  ? 26.522  -19.005 1.823   1.00 21.81 ? 34   TYR A CE2   1 
ATOM   66   C CZ    . TYR A 1 34  ? 25.578  -19.513 0.947   1.00 21.94 ? 34   TYR A CZ    1 
ATOM   67   O OH    . TYR A 1 34  ? 25.088  -20.788 1.129   1.00 20.84 ? 34   TYR A OH    1 
ATOM   68   N N     . ILE A 1 35  ? 23.825  -15.120 1.495   1.00 18.43 ? 35   ILE A N     1 
ATOM   69   C CA    . ILE A 1 35  ? 22.455  -15.184 0.986   1.00 19.13 ? 35   ILE A CA    1 
ATOM   70   C C     . ILE A 1 35  ? 21.725  -13.865 1.173   1.00 18.67 ? 35   ILE A C     1 
ATOM   71   O O     . ILE A 1 35  ? 22.010  -13.119 2.106   1.00 18.88 ? 35   ILE A O     1 
ATOM   72   C CB    . ILE A 1 35  ? 21.613  -16.288 1.666   1.00 18.52 ? 35   ILE A CB    1 
ATOM   73   C CG1   . ILE A 1 35  ? 21.335  -15.924 3.126   1.00 20.00 ? 35   ILE A CG1   1 
ATOM   74   C CG2   . ILE A 1 35  ? 22.326  -17.617 1.569   1.00 18.76 ? 35   ILE A CG2   1 
ATOM   75   C CD1   . ILE A 1 35  ? 20.228  -16.737 3.794   1.00 22.43 ? 35   ILE A CD1   1 
ATOM   76   N N     . LYS A 1 36  ? 20.792  -13.567 0.276   1.00 20.10 ? 36   LYS A N     1 
ATOM   77   C CA    . LYS A 1 36  ? 20.017  -12.341 0.414   1.00 20.10 ? 36   LYS A CA    1 
ATOM   78   C C     . LYS A 1 36  ? 19.130  -12.554 1.635   1.00 19.64 ? 36   LYS A C     1 
ATOM   79   O O     . LYS A 1 36  ? 18.863  -13.696 2.014   1.00 19.93 ? 36   LYS A O     1 
ATOM   80   C CB    . LYS A 1 36  ? 19.135  -12.103 -0.812  1.00 19.87 ? 36   LYS A CB    1 
ATOM   81   C CG    . LYS A 1 36  ? 19.877  -11.884 -2.126  1.00 18.42 ? 36   LYS A CG    1 
ATOM   82   C CD    . LYS A 1 36  ? 18.858  -11.637 -3.231  1.00 19.23 ? 36   LYS A CD    1 
ATOM   83   C CE    . LYS A 1 36  ? 19.477  -11.596 -4.611  1.00 19.19 ? 36   LYS A CE    1 
ATOM   84   N NZ    . LYS A 1 36  ? 18.420  -11.504 -5.663  1.00 16.78 ? 36   LYS A NZ    1 
ATOM   85   N N     . HIS A 1 37  ? 18.687  -11.466 2.254   1.00 20.32 ? 37   HIS A N     1 
ATOM   86   C CA    . HIS A 1 37  ? 17.822  -11.561 3.423   1.00 20.84 ? 37   HIS A CA    1 
ATOM   87   C C     . HIS A 1 37  ? 16.378  -11.647 2.923   1.00 20.32 ? 37   HIS A C     1 
ATOM   88   O O     . HIS A 1 37  ? 15.818  -10.669 2.434   1.00 21.60 ? 37   HIS A O     1 
ATOM   89   C CB    . HIS A 1 37  ? 18.028  -10.346 4.334   1.00 21.21 ? 37   HIS A CB    1 
ATOM   90   C CG    . HIS A 1 37  ? 19.415  -10.247 4.893   1.00 21.81 ? 37   HIS A CG    1 
ATOM   91   N ND1   . HIS A 1 37  ? 20.482  -9.772  4.162   1.00 21.40 ? 37   HIS A ND1   1 
ATOM   92   C CD2   . HIS A 1 37  ? 19.921  -10.621 6.095   1.00 23.25 ? 37   HIS A CD2   1 
ATOM   93   C CE1   . HIS A 1 37  ? 21.585  -9.857  4.884   1.00 24.05 ? 37   HIS A CE1   1 
ATOM   94   N NE2   . HIS A 1 37  ? 21.273  -10.371 6.063   1.00 24.39 ? 37   HIS A NE2   1 
ATOM   95   N N     . PRO A 1 38  ? 15.761  -12.830 3.047   1.00 19.73 ? 38   PRO A N     1 
ATOM   96   C CA    . PRO A 1 38  ? 14.386  -13.080 2.603   1.00 20.06 ? 38   PRO A CA    1 
ATOM   97   C C     . PRO A 1 38  ? 13.251  -12.345 3.300   1.00 20.19 ? 38   PRO A C     1 
ATOM   98   O O     . PRO A 1 38  ? 13.324  -12.032 4.487   1.00 19.61 ? 38   PRO A O     1 
ATOM   99   C CB    . PRO A 1 38  ? 14.255  -14.591 2.749   1.00 20.38 ? 38   PRO A CB    1 
ATOM   100  C CG    . PRO A 1 38  ? 15.093  -14.868 3.957   1.00 22.41 ? 38   PRO A CG    1 
ATOM   101  C CD    . PRO A 1 38  ? 16.325  -14.027 3.696   1.00 20.37 ? 38   PRO A CD    1 
ATOM   102  N N     . LEU A 1 39  ? 12.197  -12.076 2.535   1.00 20.59 ? 39   LEU A N     1 
ATOM   103  C CA    . LEU A 1 39  ? 11.002  -11.424 3.053   1.00 20.64 ? 39   LEU A CA    1 
ATOM   104  C C     . LEU A 1 39  ? 9.966   -12.531 3.209   1.00 21.21 ? 39   LEU A C     1 
ATOM   105  O O     . LEU A 1 39  ? 10.006  -13.522 2.482   1.00 22.20 ? 39   LEU A O     1 
ATOM   106  C CB    . LEU A 1 39  ? 10.479  -10.377 2.067   1.00 17.60 ? 39   LEU A CB    1 
ATOM   107  C CG    . LEU A 1 39  ? 11.343  -9.145  1.808   1.00 16.42 ? 39   LEU A CG    1 
ATOM   108  C CD1   . LEU A 1 39  ? 10.675  -8.266  0.762   1.00 16.72 ? 39   LEU A CD1   1 
ATOM   109  C CD2   . LEU A 1 39  ? 11.542  -8.379  3.106   1.00 14.39 ? 39   LEU A CD2   1 
ATOM   110  N N     . GLN A 1 40  ? 9.045   -12.372 4.154   1.00 22.41 ? 40   GLN A N     1 
ATOM   111  C CA    . GLN A 1 40  ? 8.003   -13.374 4.376   1.00 22.80 ? 40   GLN A CA    1 
ATOM   112  C C     . GLN A 1 40  ? 7.229   -13.623 3.083   1.00 21.36 ? 40   GLN A C     1 
ATOM   113  O O     . GLN A 1 40  ? 6.958   -14.767 2.710   1.00 21.33 ? 40   GLN A O     1 
ATOM   114  C CB    . GLN A 1 40  ? 7.040   -12.892 5.461   1.00 26.46 ? 40   GLN A CB    1 
ATOM   115  C CG    . GLN A 1 40  ? 5.975   -13.895 5.850   1.00 31.19 ? 40   GLN A CG    1 
ATOM   116  C CD    . GLN A 1 40  ? 6.558   -15.109 6.536   1.00 35.75 ? 40   GLN A CD    1 
ATOM   117  O OE1   . GLN A 1 40  ? 7.280   -14.988 7.527   1.00 38.43 ? 40   GLN A OE1   1 
ATOM   118  N NE2   . GLN A 1 40  ? 6.248   -16.291 6.014   1.00 37.49 ? 40   GLN A NE2   1 
ATOM   119  N N     . ASN A 1 41  ? 6.879   -12.541 2.399   1.00 18.84 ? 41   ASN A N     1 
ATOM   120  C CA    . ASN A 1 41  ? 6.132   -12.627 1.151   1.00 17.96 ? 41   ASN A CA    1 
ATOM   121  C C     . ASN A 1 41  ? 6.879   -12.032 -0.020  1.00 18.07 ? 41   ASN A C     1 
ATOM   122  O O     . ASN A 1 41  ? 7.763   -11.193 0.155   1.00 16.89 ? 41   ASN A O     1 
ATOM   123  C CB    . ASN A 1 41  ? 4.806   -11.866 1.250   1.00 19.44 ? 41   ASN A CB    1 
ATOM   124  C CG    . ASN A 1 41  ? 3.712   -12.671 1.899   1.00 21.02 ? 41   ASN A CG    1 
ATOM   125  O OD1   . ASN A 1 41  ? 3.498   -12.594 3.109   1.00 22.22 ? 41   ASN A OD1   1 
ATOM   126  N ND2   . ASN A 1 41  ? 3.010   -13.460 1.094   1.00 20.57 ? 41   ASN A ND2   1 
ATOM   127  N N     . ARG A 1 42  ? 6.496   -12.470 -1.216  1.00 15.79 ? 42   ARG A N     1 
ATOM   128  C CA    . ARG A 1 42  ? 7.045   -11.934 -2.449  1.00 17.02 ? 42   ARG A CA    1 
ATOM   129  C C     . ARG A 1 42  ? 6.053   -10.810 -2.774  1.00 16.85 ? 42   ARG A C     1 
ATOM   130  O O     . ARG A 1 42  ? 4.839   -11.000 -2.645  1.00 15.79 ? 42   ARG A O     1 
ATOM   131  C CB    . ARG A 1 42  ? 7.030   -13.005 -3.543  1.00 16.70 ? 42   ARG A CB    1 
ATOM   132  C CG    . ARG A 1 42  ? 7.580   -12.549 -4.875  1.00 21.06 ? 42   ARG A CG    1 
ATOM   133  C CD    . ARG A 1 42  ? 7.952   -13.746 -5.737  1.00 24.69 ? 42   ARG A CD    1 
ATOM   134  N NE    . ARG A 1 42  ? 8.440   -13.344 -7.051  1.00 28.90 ? 42   ARG A NE    1 
ATOM   135  C CZ    . ARG A 1 42  ? 7.864   -13.695 -8.199  1.00 32.74 ? 42   ARG A CZ    1 
ATOM   136  N NH1   . ARG A 1 42  ? 8.370   -13.283 -9.356  1.00 30.03 ? 42   ARG A NH1   1 
ATOM   137  N NH2   . ARG A 1 42  ? 6.781   -14.465 -8.189  1.00 33.37 ? 42   ARG A NH2   1 
ATOM   138  N N     . TRP A 1 43  ? 6.558   -9.641  -3.163  1.00 15.50 ? 43   TRP A N     1 
ATOM   139  C CA    . TRP A 1 43  ? 5.690   -8.506  -3.474  1.00 15.26 ? 43   TRP A CA    1 
ATOM   140  C C     . TRP A 1 43  ? 5.859   -8.014  -4.907  1.00 15.72 ? 43   TRP A C     1 
ATOM   141  O O     . TRP A 1 43  ? 6.886   -8.261  -5.548  1.00 16.74 ? 43   TRP A O     1 
ATOM   142  C CB    . TRP A 1 43  ? 5.952   -7.338  -2.506  1.00 13.76 ? 43   TRP A CB    1 
ATOM   143  C CG    . TRP A 1 43  ? 5.755   -7.687  -1.056  1.00 13.14 ? 43   TRP A CG    1 
ATOM   144  C CD1   . TRP A 1 43  ? 6.624   -8.371  -0.249  1.00 13.40 ? 43   TRP A CD1   1 
ATOM   145  C CD2   . TRP A 1 43  ? 4.582   -7.449  -0.270  1.00 14.33 ? 43   TRP A CD2   1 
ATOM   146  N NE1   . TRP A 1 43  ? 6.060   -8.580  0.988   1.00 12.94 ? 43   TRP A NE1   1 
ATOM   147  C CE2   . TRP A 1 43  ? 4.806   -8.026  1.002   1.00 14.31 ? 43   TRP A CE2   1 
ATOM   148  C CE3   . TRP A 1 43  ? 3.357   -6.810  -0.518  1.00 14.08 ? 43   TRP A CE3   1 
ATOM   149  C CZ2   . TRP A 1 43  ? 3.851   -7.983  2.022   1.00 15.03 ? 43   TRP A CZ2   1 
ATOM   150  C CZ3   . TRP A 1 43  ? 2.407   -6.768  0.495   1.00 12.86 ? 43   TRP A CZ3   1 
ATOM   151  C CH2   . TRP A 1 43  ? 2.660   -7.354  1.751   1.00 12.88 ? 43   TRP A CH2   1 
ATOM   152  N N     . ALA A 1 44  ? 4.845   -7.314  -5.406  1.00 14.79 ? 44   ALA A N     1 
ATOM   153  C CA    . ALA A 1 44  ? 4.881   -6.777  -6.762  1.00 13.39 ? 44   ALA A CA    1 
ATOM   154  C C     . ALA A 1 44  ? 4.506   -5.305  -6.769  1.00 14.37 ? 44   ALA A C     1 
ATOM   155  O O     . ALA A 1 44  ? 3.487   -4.914  -6.192  1.00 14.48 ? 44   ALA A O     1 
ATOM   156  C CB    . ALA A 1 44  ? 3.926   -7.558  -7.670  1.00 14.17 ? 44   ALA A CB    1 
ATOM   157  N N     . LEU A 1 45  ? 5.330   -4.493  -7.427  1.00 12.90 ? 45   LEU A N     1 
ATOM   158  C CA    . LEU A 1 45  ? 5.078   -3.060  -7.527  1.00 13.69 ? 45   LEU A CA    1 
ATOM   159  C C     . LEU A 1 45  ? 4.461   -2.736  -8.886  1.00 14.45 ? 45   LEU A C     1 
ATOM   160  O O     . LEU A 1 45  ? 4.967   -3.163  -9.926  1.00 15.16 ? 45   LEU A O     1 
ATOM   161  C CB    . LEU A 1 45  ? 6.382   -2.271  -7.359  1.00 13.61 ? 45   LEU A CB    1 
ATOM   162  C CG    . LEU A 1 45  ? 6.214   -0.751  -7.309  1.00 14.92 ? 45   LEU A CG    1 
ATOM   163  C CD1   . LEU A 1 45  ? 5.469   -0.372  -6.037  1.00 14.73 ? 45   LEU A CD1   1 
ATOM   164  C CD2   . LEU A 1 45  ? 7.578   -0.071  -7.354  1.00 16.36 ? 45   LEU A CD2   1 
ATOM   165  N N     . TRP A 1 46  ? 3.378   -1.968  -8.870  1.00 15.83 ? 46   TRP A N     1 
ATOM   166  C CA    . TRP A 1 46  ? 2.662   -1.589  -10.084 1.00 15.03 ? 46   TRP A CA    1 
ATOM   167  C C     . TRP A 1 46  ? 2.650   -0.077  -10.284 1.00 16.68 ? 46   TRP A C     1 
ATOM   168  O O     . TRP A 1 46  ? 2.708   0.685   -9.312  1.00 15.91 ? 46   TRP A O     1 
ATOM   169  C CB    . TRP A 1 46  ? 1.208   -2.060  -10.005 1.00 17.55 ? 46   TRP A CB    1 
ATOM   170  C CG    . TRP A 1 46  ? 1.023   -3.528  -9.756  1.00 18.89 ? 46   TRP A CG    1 
ATOM   171  C CD1   . TRP A 1 46  ? 1.305   -4.220  -8.606  1.00 19.50 ? 46   TRP A CD1   1 
ATOM   172  C CD2   . TRP A 1 46  ? 0.491   -4.484  -10.681 1.00 19.58 ? 46   TRP A CD2   1 
ATOM   173  N NE1   . TRP A 1 46  ? 0.979   -5.553  -8.764  1.00 18.85 ? 46   TRP A NE1   1 
ATOM   174  C CE2   . TRP A 1 46  ? 0.477   -5.740  -10.026 1.00 20.08 ? 46   TRP A CE2   1 
ATOM   175  C CE3   . TRP A 1 46  ? 0.022   -4.400  -12.000 1.00 21.04 ? 46   TRP A CE3   1 
ATOM   176  C CZ2   . TRP A 1 46  ? 0.011   -6.903  -10.648 1.00 20.89 ? 46   TRP A CZ2   1 
ATOM   177  C CZ3   . TRP A 1 46  ? -0.444  -5.562  -12.622 1.00 23.28 ? 46   TRP A CZ3   1 
ATOM   178  C CH2   . TRP A 1 46  ? -0.445  -6.795  -11.942 1.00 21.66 ? 46   TRP A CH2   1 
ATOM   179  N N     . PHE A 1 47  ? 2.556   0.350   -11.543 1.00 15.59 ? 47   PHE A N     1 
ATOM   180  C CA    . PHE A 1 47  ? 2.496   1.770   -11.870 1.00 18.13 ? 47   PHE A CA    1 
ATOM   181  C C     . PHE A 1 47  ? 1.244   2.081   -12.694 1.00 18.65 ? 47   PHE A C     1 
ATOM   182  O O     . PHE A 1 47  ? 0.898   1.338   -13.611 1.00 20.10 ? 47   PHE A O     1 
ATOM   183  C CB    . PHE A 1 47  ? 3.725   2.210   -12.673 1.00 18.88 ? 47   PHE A CB    1 
ATOM   184  C CG    . PHE A 1 47  ? 3.721   3.677   -13.017 1.00 20.07 ? 47   PHE A CG    1 
ATOM   185  C CD1   . PHE A 1 47  ? 3.974   4.635   -12.039 1.00 20.51 ? 47   PHE A CD1   1 
ATOM   186  C CD2   . PHE A 1 47  ? 3.418   4.102   -14.306 1.00 20.62 ? 47   PHE A CD2   1 
ATOM   187  C CE1   . PHE A 1 47  ? 3.924   5.998   -12.336 1.00 20.04 ? 47   PHE A CE1   1 
ATOM   188  C CE2   . PHE A 1 47  ? 3.363   5.466   -14.614 1.00 21.64 ? 47   PHE A CE2   1 
ATOM   189  C CZ    . PHE A 1 47  ? 3.617   6.414   -13.625 1.00 20.59 ? 47   PHE A CZ    1 
ATOM   190  N N     . PHE A 1 48  ? 0.572   3.180   -12.365 1.00 19.70 ? 48   PHE A N     1 
ATOM   191  C CA    . PHE A 1 48  ? -0.629  3.593   -13.085 1.00 20.59 ? 48   PHE A CA    1 
ATOM   192  C C     . PHE A 1 48  ? -0.403  4.957   -13.725 1.00 22.46 ? 48   PHE A C     1 
ATOM   193  O O     . PHE A 1 48  ? -0.032  5.907   -13.047 1.00 21.62 ? 48   PHE A O     1 
ATOM   194  C CB    . PHE A 1 48  ? -1.826  3.691   -12.136 1.00 19.41 ? 48   PHE A CB    1 
ATOM   195  C CG    . PHE A 1 48  ? -3.092  4.152   -12.804 1.00 20.84 ? 48   PHE A CG    1 
ATOM   196  C CD1   . PHE A 1 48  ? -3.972  3.234   -13.368 1.00 20.47 ? 48   PHE A CD1   1 
ATOM   197  C CD2   . PHE A 1 48  ? -3.390  5.508   -12.896 1.00 22.22 ? 48   PHE A CD2   1 
ATOM   198  C CE1   . PHE A 1 48  ? -5.130  3.659   -14.014 1.00 20.89 ? 48   PHE A CE1   1 
ATOM   199  C CE2   . PHE A 1 48  ? -4.549  5.949   -13.542 1.00 21.90 ? 48   PHE A CE2   1 
ATOM   200  C CZ    . PHE A 1 48  ? -5.421  5.021   -14.103 1.00 22.57 ? 48   PHE A CZ    1 
ATOM   201  N N     . LYS A 1 49  ? -0.621  5.045   -15.032 1.00 26.46 ? 49   LYS A N     1 
ATOM   202  C CA    . LYS A 1 49  ? -0.467  6.306   -15.749 1.00 31.31 ? 49   LYS A CA    1 
ATOM   203  C C     . LYS A 1 49  ? -1.840  6.659   -16.296 1.00 34.37 ? 49   LYS A C     1 
ATOM   204  O O     . LYS A 1 49  ? -2.388  5.926   -17.115 1.00 35.08 ? 49   LYS A O     1 
ATOM   205  C CB    . LYS A 1 49  ? 0.525   6.159   -16.906 1.00 32.29 ? 49   LYS A CB    1 
ATOM   206  C CG    . LYS A 1 49  ? 0.732   7.448   -17.699 1.00 34.76 ? 49   LYS A CG    1 
ATOM   207  C CD    . LYS A 1 49  ? 1.296   8.548   -16.807 1.00 36.96 ? 49   LYS A CD    1 
ATOM   208  C CE    . LYS A 1 49  ? 1.325   9.895   -17.516 1.00 37.53 ? 49   LYS A CE    1 
ATOM   209  N NZ    . LYS A 1 49  ? 2.151   9.856   -18.744 1.00 37.50 ? 49   LYS A NZ    1 
ATOM   210  N N     . ASN A 1 50  ? -2.398  7.780   -15.852 1.00 37.79 ? 50   ASN A N     1 
ATOM   211  C CA    . ASN A 1 50  ? -3.726  8.171   -16.307 1.00 42.02 ? 50   ASN A CA    1 
ATOM   212  C C     . ASN A 1 50  ? -3.790  8.532   -17.788 1.00 42.98 ? 50   ASN A C     1 
ATOM   213  O O     . ASN A 1 50  ? -2.973  9.297   -18.296 1.00 42.61 ? 50   ASN A O     1 
ATOM   214  C CB    . ASN A 1 50  ? -4.254  9.338   -15.469 1.00 45.37 ? 50   ASN A CB    1 
ATOM   215  C CG    . ASN A 1 50  ? -5.761  9.506   -15.589 1.00 48.81 ? 50   ASN A CG    1 
ATOM   216  O OD1   . ASN A 1 50  ? -6.525  8.570   -15.331 1.00 50.27 ? 50   ASN A OD1   1 
ATOM   217  N ND2   . ASN A 1 50  ? -6.197  10.700  -15.980 1.00 51.33 ? 50   ASN A ND2   1 
ATOM   218  N N     . ASP A 1 51  ? -4.775  7.957   -18.469 1.00 44.52 ? 51   ASP A N     1 
ATOM   219  C CA    . ASP A 1 51  ? -5.004  8.190   -19.888 1.00 46.32 ? 51   ASP A CA    1 
ATOM   220  C C     . ASP A 1 51  ? -6.498  8.009   -20.128 1.00 47.69 ? 51   ASP A C     1 
ATOM   221  O O     . ASP A 1 51  ? -6.999  6.884   -20.165 1.00 47.82 ? 51   ASP A O     1 
ATOM   222  C CB    . ASP A 1 51  ? -4.225  7.184   -20.732 1.00 46.78 ? 51   ASP A CB    1 
ATOM   223  C CG    . ASP A 1 51  ? -4.338  7.465   -22.216 1.00 47.88 ? 51   ASP A CG    1 
ATOM   224  O OD1   . ASP A 1 51  ? -5.464  7.738   -22.681 1.00 48.04 ? 51   ASP A OD1   1 
ATOM   225  O OD2   . ASP A 1 51  ? -3.307  7.404   -22.918 1.00 48.36 ? 51   ASP A OD2   1 
ATOM   226  N N     . LYS A 1 52  ? -7.201  9.125   -20.289 1.00 49.34 ? 52   LYS A N     1 
ATOM   227  C CA    . LYS A 1 52  ? -8.647  9.120   -20.497 1.00 50.73 ? 52   LYS A CA    1 
ATOM   228  C C     . LYS A 1 52  ? -9.150  8.228   -21.632 1.00 50.34 ? 52   LYS A C     1 
ATOM   229  O O     . LYS A 1 52  ? -10.252 7.682   -21.551 1.00 50.54 ? 52   LYS A O     1 
ATOM   230  C CB    . LYS A 1 52  ? -9.135  10.551  -20.730 1.00 52.58 ? 52   LYS A CB    1 
ATOM   231  C CG    . LYS A 1 52  ? -10.627 10.663  -20.986 1.00 53.91 ? 52   LYS A CG    1 
ATOM   232  C CD    . LYS A 1 52  ? -11.008 12.074  -21.397 1.00 56.00 ? 52   LYS A CD    1 
ATOM   233  C CE    . LYS A 1 52  ? -12.486 12.163  -21.741 1.00 57.31 ? 52   LYS A CE    1 
ATOM   234  N NZ    . LYS A 1 52  ? -12.858 13.511  -22.259 1.00 58.34 ? 52   LYS A NZ    1 
ATOM   235  N N     . SER A 1 53  ? -8.348  8.076   -22.682 1.00 49.97 ? 53   SER A N     1 
ATOM   236  C CA    . SER A 1 53  ? -8.746  7.272   -23.837 1.00 48.97 ? 53   SER A CA    1 
ATOM   237  C C     . SER A 1 53  ? -8.710  5.763   -23.619 1.00 47.54 ? 53   SER A C     1 
ATOM   238  O O     . SER A 1 53  ? -9.118  5.000   -24.495 1.00 47.46 ? 53   SER A O     1 
ATOM   239  C CB    . SER A 1 53  ? -7.870  7.616   -25.043 1.00 50.11 ? 53   SER A CB    1 
ATOM   240  O OG    . SER A 1 53  ? -6.533  7.193   -24.836 1.00 52.03 ? 53   SER A OG    1 
ATOM   241  N N     . LYS A 1 54  ? -8.227  5.328   -22.459 1.00 45.27 ? 54   LYS A N     1 
ATOM   242  C CA    . LYS A 1 54  ? -8.148  3.901   -22.177 1.00 42.78 ? 54   LYS A CA    1 
ATOM   243  C C     . LYS A 1 54  ? -8.837  3.494   -20.883 1.00 39.87 ? 54   LYS A C     1 
ATOM   244  O O     . LYS A 1 54  ? -9.023  4.307   -19.977 1.00 38.99 ? 54   LYS A O     1 
ATOM   245  C CB    . LYS A 1 54  ? -6.682  3.459   -22.148 1.00 45.23 ? 54   LYS A CB    1 
ATOM   246  C CG    . LYS A 1 54  ? -6.017  3.488   -23.515 1.00 47.11 ? 54   LYS A CG    1 
ATOM   247  C CD    . LYS A 1 54  ? -4.525  3.198   -23.437 1.00 49.86 ? 54   LYS A CD    1 
ATOM   248  C CE    . LYS A 1 54  ? -3.781  4.327   -22.746 1.00 51.15 ? 54   LYS A CE    1 
ATOM   249  N NZ    . LYS A 1 54  ? -2.305  4.171   -22.858 1.00 52.03 ? 54   LYS A NZ    1 
ATOM   250  N N     . THR A 1 55  ? -9.223  2.225   -20.812 1.00 37.07 ? 55   THR A N     1 
ATOM   251  C CA    . THR A 1 55  ? -9.892  1.696   -19.633 1.00 35.06 ? 55   THR A CA    1 
ATOM   252  C C     . THR A 1 55  ? -8.939  1.819   -18.450 1.00 31.92 ? 55   THR A C     1 
ATOM   253  O O     . THR A 1 55  ? -7.722  1.876   -18.634 1.00 30.62 ? 55   THR A O     1 
ATOM   254  C CB    . THR A 1 55  ? -10.264 0.212   -19.830 1.00 36.64 ? 55   THR A CB    1 
ATOM   255  O OG1   . THR A 1 55  ? -11.135 -0.211  -18.774 1.00 41.29 ? 55   THR A OG1   1 
ATOM   256  C CG2   . THR A 1 55  ? -9.017  -0.654  -19.810 1.00 36.22 ? 55   THR A CG2   1 
ATOM   257  N N     . TRP A 1 56  ? -9.480  1.861   -17.239 1.00 28.75 ? 56   TRP A N     1 
ATOM   258  C CA    . TRP A 1 56  ? -8.630  1.977   -16.065 1.00 26.70 ? 56   TRP A CA    1 
ATOM   259  C C     . TRP A 1 56  ? -7.583  0.870   -16.052 1.00 26.39 ? 56   TRP A C     1 
ATOM   260  O O     . TRP A 1 56  ? -6.400  1.129   -15.854 1.00 25.98 ? 56   TRP A O     1 
ATOM   261  C CB    . TRP A 1 56  ? -9.456  1.894   -14.781 1.00 24.50 ? 56   TRP A CB    1 
ATOM   262  C CG    . TRP A 1 56  ? -8.631  2.086   -13.542 1.00 20.43 ? 56   TRP A CG    1 
ATOM   263  C CD1   . TRP A 1 56  ? -8.239  3.272   -12.993 1.00 19.91 ? 56   TRP A CD1   1 
ATOM   264  C CD2   . TRP A 1 56  ? -8.065  1.056   -12.718 1.00 20.35 ? 56   TRP A CD2   1 
ATOM   265  N NE1   . TRP A 1 56  ? -7.467  3.049   -11.878 1.00 19.52 ? 56   TRP A NE1   1 
ATOM   266  C CE2   . TRP A 1 56  ? -7.343  1.697   -11.687 1.00 20.58 ? 56   TRP A CE2   1 
ATOM   267  C CE3   . TRP A 1 56  ? -8.096  -0.346  -12.754 1.00 20.35 ? 56   TRP A CE3   1 
ATOM   268  C CZ2   . TRP A 1 56  ? -6.656  0.984   -10.696 1.00 19.59 ? 56   TRP A CZ2   1 
ATOM   269  C CZ3   . TRP A 1 56  ? -7.414  -1.057  -11.769 1.00 20.38 ? 56   TRP A CZ3   1 
ATOM   270  C CH2   . TRP A 1 56  ? -6.703  -0.388  -10.752 1.00 20.98 ? 56   TRP A CH2   1 
ATOM   271  N N     . GLN A 1 57  ? -8.023  -0.363  -16.284 1.00 27.27 ? 57   GLN A N     1 
ATOM   272  C CA    . GLN A 1 57  ? -7.128  -1.518  -16.272 1.00 28.63 ? 57   GLN A CA    1 
ATOM   273  C C     . GLN A 1 57  ? -6.009  -1.442  -17.310 1.00 28.93 ? 57   GLN A C     1 
ATOM   274  O O     . GLN A 1 57  ? -4.904  -1.939  -17.079 1.00 27.68 ? 57   GLN A O     1 
ATOM   275  C CB    . GLN A 1 57  ? -7.938  -2.806  -16.478 1.00 30.95 ? 57   GLN A CB    1 
ATOM   276  C CG    . GLN A 1 57  ? -7.202  -4.075  -16.065 1.00 33.21 ? 57   GLN A CG    1 
ATOM   277  C CD    . GLN A 1 57  ? -8.059  -5.325  -16.182 1.00 34.49 ? 57   GLN A CD    1 
ATOM   278  O OE1   . GLN A 1 57  ? -8.436  -5.736  -17.280 1.00 34.18 ? 57   GLN A OE1   1 
ATOM   279  N NE2   . GLN A 1 57  ? -8.372  -5.935  -15.043 1.00 34.83 ? 57   GLN A NE2   1 
ATOM   280  N N     . ALA A 1 58  ? -6.295  -0.821  -18.452 1.00 29.26 ? 58   ALA A N     1 
ATOM   281  C CA    . ALA A 1 58  ? -5.308  -0.695  -19.524 1.00 29.11 ? 58   ALA A CA    1 
ATOM   282  C C     . ALA A 1 58  ? -4.143  0.203   -19.125 1.00 28.18 ? 58   ALA A C     1 
ATOM   283  O O     . ALA A 1 58  ? -3.028  0.040   -19.625 1.00 28.47 ? 58   ALA A O     1 
ATOM   284  C CB    . ALA A 1 58  ? -5.971  -0.149  -20.787 1.00 28.86 ? 58   ALA A CB    1 
ATOM   285  N N     . ASN A 1 59  ? -4.410  1.147   -18.227 1.00 26.39 ? 59   ASN A N     1 
ATOM   286  C CA    . ASN A 1 59  ? -3.395  2.084   -17.753 1.00 24.49 ? 59   ASN A CA    1 
ATOM   287  C C     . ASN A 1 59  ? -2.597  1.541   -16.572 1.00 23.28 ? 59   ASN A C     1 
ATOM   288  O O     . ASN A 1 59  ? -1.651  2.179   -16.101 1.00 22.30 ? 59   ASN A O     1 
ATOM   289  C CB    . ASN A 1 59  ? -4.048  3.406   -17.348 1.00 25.27 ? 59   ASN A CB    1 
ATOM   290  C CG    . ASN A 1 59  ? -4.666  4.132   -18.521 1.00 27.19 ? 59   ASN A CG    1 
ATOM   291  O OD1   . ASN A 1 59  ? -4.053  4.251   -19.582 1.00 25.66 ? 59   ASN A OD1   1 
ATOM   292  N ND2   . ASN A 1 59  ? -5.883  4.634   -18.334 1.00 28.09 ? 59   ASN A ND2   1 
ATOM   293  N N     . LEU A 1 60  ? -2.986  0.367   -16.092 1.00 22.43 ? 60   LEU A N     1 
ATOM   294  C CA    . LEU A 1 60  ? -2.312  -0.268  -14.966 1.00 20.76 ? 60   LEU A CA    1 
ATOM   295  C C     . LEU A 1 60  ? -1.316  -1.318  -15.462 1.00 21.80 ? 60   LEU A C     1 
ATOM   296  O O     . LEU A 1 60  ? -1.698  -2.289  -16.129 1.00 20.36 ? 60   LEU A O     1 
ATOM   297  C CB    . LEU A 1 60  ? -3.351  -0.922  -14.054 1.00 21.56 ? 60   LEU A CB    1 
ATOM   298  C CG    . LEU A 1 60  ? -2.867  -1.749  -12.861 1.00 22.28 ? 60   LEU A CG    1 
ATOM   299  C CD1   . LEU A 1 60  ? -2.144  -0.863  -11.847 1.00 20.31 ? 60   LEU A CD1   1 
ATOM   300  C CD2   . LEU A 1 60  ? -4.070  -2.410  -12.218 1.00 23.44 ? 60   LEU A CD2   1 
ATOM   301  N N     . ARG A 1 61  ? -0.041  -1.123  -15.139 1.00 21.02 ? 61   ARG A N     1 
ATOM   302  C CA    . ARG A 1 61  ? 0.997   -2.055  -15.564 1.00 21.06 ? 61   ARG A CA    1 
ATOM   303  C C     . ARG A 1 61  ? 1.998   -2.413  -14.459 1.00 20.31 ? 61   ARG A C     1 
ATOM   304  O O     . ARG A 1 61  ? 2.343   -1.591  -13.606 1.00 20.74 ? 61   ARG A O     1 
ATOM   305  C CB    . ARG A 1 61  ? 1.740   -1.482  -16.775 1.00 23.61 ? 61   ARG A CB    1 
ATOM   306  C CG    . ARG A 1 61  ? 0.891   -1.383  -18.040 1.00 26.21 ? 61   ARG A CG    1 
ATOM   307  C CD    . ARG A 1 61  ? 0.665   -2.758  -18.664 1.00 30.61 ? 61   ARG A CD    1 
ATOM   308  N NE    . ARG A 1 61  ? -0.136  -2.701  -19.888 1.00 32.65 ? 61   ARG A NE    1 
ATOM   309  C CZ    . ARG A 1 61  ? -1.467  -2.684  -19.925 1.00 33.78 ? 61   ARG A CZ    1 
ATOM   310  N NH1   . ARG A 1 61  ? -2.175  -2.726  -18.800 1.00 31.93 ? 61   ARG A NH1   1 
ATOM   311  N NH2   . ARG A 1 61  ? -2.095  -2.621  -21.094 1.00 33.59 ? 61   ARG A NH2   1 
ATOM   312  N N     . LEU A 1 62  ? 2.454   -3.658  -14.483 1.00 18.52 ? 62   LEU A N     1 
ATOM   313  C CA    . LEU A 1 62  ? 3.421   -4.150  -13.510 1.00 18.89 ? 62   LEU A CA    1 
ATOM   314  C C     . LEU A 1 62  ? 4.816   -3.588  -13.785 1.00 19.37 ? 62   LEU A C     1 
ATOM   315  O O     . LEU A 1 62  ? 5.183   -3.355  -14.937 1.00 17.64 ? 62   LEU A O     1 
ATOM   316  C CB    . LEU A 1 62  ? 3.487   -5.677  -13.578 1.00 19.27 ? 62   LEU A CB    1 
ATOM   317  C CG    . LEU A 1 62  ? 4.611   -6.374  -12.806 1.00 21.73 ? 62   LEU A CG    1 
ATOM   318  C CD1   . LEU A 1 62  ? 4.294   -6.397  -11.316 1.00 19.63 ? 62   LEU A CD1   1 
ATOM   319  C CD2   . LEU A 1 62  ? 4.768   -7.792  -13.323 1.00 22.81 ? 62   LEU A CD2   1 
ATOM   320  N N     . ILE A 1 63  ? 5.583   -3.358  -12.723 1.00 18.91 ? 63   ILE A N     1 
ATOM   321  C CA    . ILE A 1 63  ? 6.953   -2.888  -12.874 1.00 19.33 ? 63   ILE A CA    1 
ATOM   322  C C     . ILE A 1 63  ? 7.813   -4.135  -12.678 1.00 19.82 ? 63   ILE A C     1 
ATOM   323  O O     . ILE A 1 63  ? 8.442   -4.615  -13.621 1.00 21.00 ? 63   ILE A O     1 
ATOM   324  C CB    . ILE A 1 63  ? 7.320   -1.807  -11.828 1.00 19.27 ? 63   ILE A CB    1 
ATOM   325  C CG1   . ILE A 1 63  ? 6.593   -0.499  -12.164 1.00 18.77 ? 63   ILE A CG1   1 
ATOM   326  C CG2   . ILE A 1 63  ? 8.832   -1.582  -11.817 1.00 19.21 ? 63   ILE A CG2   1 
ATOM   327  C CD1   . ILE A 1 63  ? 6.580   0.536   -11.042 1.00 22.43 ? 63   ILE A CD1   1 
ATOM   328  N N     . SER A 1 64  ? 7.820   -4.671  -11.460 1.00 19.65 ? 64   SER A N     1 
ATOM   329  C CA    . SER A 1 64  ? 8.577   -5.886  -11.167 1.00 19.09 ? 64   SER A CA    1 
ATOM   330  C C     . SER A 1 64  ? 8.269   -6.417  -9.766  1.00 18.85 ? 64   SER A C     1 
ATOM   331  O O     . SER A 1 64  ? 7.576   -5.766  -8.984  1.00 17.68 ? 64   SER A O     1 
ATOM   332  C CB    . SER A 1 64  ? 10.082  -5.633  -11.316 1.00 19.32 ? 64   SER A CB    1 
ATOM   333  O OG    . SER A 1 64  ? 10.539  -4.688  -10.371 1.00 21.33 ? 64   SER A OG    1 
ATOM   334  N N     . LYS A 1 65  ? 8.784   -7.605  -9.461  1.00 19.33 ? 65   LYS A N     1 
ATOM   335  C CA    . LYS A 1 65  ? 8.563   -8.245  -8.169  1.00 18.78 ? 65   LYS A CA    1 
ATOM   336  C C     . LYS A 1 65  ? 9.880   -8.492  -7.435  1.00 19.78 ? 65   LYS A C     1 
ATOM   337  O O     . LYS A 1 65  ? 10.952  -8.431  -8.035  1.00 19.05 ? 65   LYS A O     1 
ATOM   338  C CB    . LYS A 1 65  ? 7.835   -9.575  -8.367  1.00 19.90 ? 65   LYS A CB    1 
ATOM   339  C CG    . LYS A 1 65  ? 6.577   -9.479  -9.208  1.00 21.54 ? 65   LYS A CG    1 
ATOM   340  C CD    . LYS A 1 65  ? 5.876   -10.830 -9.302  1.00 24.09 ? 65   LYS A CD    1 
ATOM   341  C CE    . LYS A 1 65  ? 4.672   -10.769 -10.237 1.00 25.62 ? 65   LYS A CE    1 
ATOM   342  N NZ    . LYS A 1 65  ? 3.905   -12.053 -10.255 1.00 23.22 ? 65   LYS A NZ    1 
ATOM   343  N N     . PHE A 1 66  ? 9.789   -8.783  -6.139  1.00 19.31 ? 66   PHE A N     1 
ATOM   344  C CA    . PHE A 1 66  ? 10.969  -9.034  -5.309  1.00 18.37 ? 66   PHE A CA    1 
ATOM   345  C C     . PHE A 1 66  ? 10.561  -9.764  -4.035  1.00 17.66 ? 66   PHE A C     1 
ATOM   346  O O     . PHE A 1 66  ? 9.414   -9.661  -3.604  1.00 17.19 ? 66   PHE A O     1 
ATOM   347  C CB    . PHE A 1 66  ? 11.625  -7.704  -4.935  1.00 18.09 ? 66   PHE A CB    1 
ATOM   348  C CG    . PHE A 1 66  ? 10.725  -6.792  -4.148  1.00 18.18 ? 66   PHE A CG    1 
ATOM   349  C CD1   . PHE A 1 66  ? 10.646  -6.894  -2.760  1.00 15.52 ? 66   PHE A CD1   1 
ATOM   350  C CD2   . PHE A 1 66  ? 9.929   -5.854  -4.799  1.00 16.85 ? 66   PHE A CD2   1 
ATOM   351  C CE1   . PHE A 1 66  ? 9.785   -6.074  -2.030  1.00 19.23 ? 66   PHE A CE1   1 
ATOM   352  C CE2   . PHE A 1 66  ? 9.066   -5.027  -4.082  1.00 17.85 ? 66   PHE A CE2   1 
ATOM   353  C CZ    . PHE A 1 66  ? 8.994   -5.137  -2.691  1.00 16.99 ? 66   PHE A CZ    1 
ATOM   354  N N     . ASP A 1 67  ? 11.487  -10.503 -3.429  1.00 17.18 ? 67   ASP A N     1 
ATOM   355  C CA    . ASP A 1 67  ? 11.163  -11.216 -2.192  1.00 16.63 ? 67   ASP A CA    1 
ATOM   356  C C     . ASP A 1 67  ? 12.292  -11.227 -1.170  1.00 16.36 ? 67   ASP A C     1 
ATOM   357  O O     . ASP A 1 67  ? 12.362  -12.112 -0.312  1.00 14.34 ? 67   ASP A O     1 
ATOM   358  C CB    . ASP A 1 67  ? 10.707  -12.652 -2.482  1.00 18.05 ? 67   ASP A CB    1 
ATOM   359  C CG    . ASP A 1 67  ? 11.763  -13.482 -3.195  1.00 20.49 ? 67   ASP A CG    1 
ATOM   360  O OD1   . ASP A 1 67  ? 12.894  -12.997 -3.408  1.00 20.11 ? 67   ASP A OD1   1 
ATOM   361  O OD2   . ASP A 1 67  ? 11.450  -14.635 -3.541  1.00 20.94 ? 67   ASP A OD2   1 
ATOM   362  N N     . THR A 1 68  ? 13.165  -10.226 -1.263  1.00 15.26 ? 68   THR A N     1 
ATOM   363  C CA    . THR A 1 68  ? 14.286  -10.081 -0.343  1.00 15.00 ? 68   THR A CA    1 
ATOM   364  C C     . THR A 1 68  ? 14.499  -8.598  -0.051  1.00 14.04 ? 68   THR A C     1 
ATOM   365  O O     . THR A 1 68  ? 14.058  -7.735  -0.811  1.00 12.28 ? 68   THR A O     1 
ATOM   366  C CB    . THR A 1 68  ? 15.603  -10.641 -0.939  1.00 16.04 ? 68   THR A CB    1 
ATOM   367  O OG1   . THR A 1 68  ? 16.070  -9.765  -1.973  1.00 16.57 ? 68   THR A OG1   1 
ATOM   368  C CG2   . THR A 1 68  ? 15.377  -12.033 -1.517  1.00 12.76 ? 68   THR A CG2   1 
ATOM   369  N N     . VAL A 1 69  ? 15.164  -8.309  1.060   1.00 14.03 ? 69   VAL A N     1 
ATOM   370  C CA    . VAL A 1 69  ? 15.458  -6.936  1.453   1.00 14.49 ? 69   VAL A CA    1 
ATOM   371  C C     . VAL A 1 69  ? 16.323  -6.243  0.401   1.00 16.12 ? 69   VAL A C     1 
ATOM   372  O O     . VAL A 1 69  ? 16.058  -5.103  0.018   1.00 13.94 ? 69   VAL A O     1 
ATOM   373  C CB    . VAL A 1 69  ? 16.215  -6.902  2.811   1.00 14.83 ? 69   VAL A CB    1 
ATOM   374  C CG1   . VAL A 1 69  ? 16.608  -5.478  3.166   1.00 14.28 ? 69   VAL A CG1   1 
ATOM   375  C CG2   . VAL A 1 69  ? 15.341  -7.496  3.907   1.00 16.22 ? 69   VAL A CG2   1 
ATOM   376  N N     . GLU A 1 70  ? 17.362  -6.937  -0.063  1.00 14.98 ? 70   GLU A N     1 
ATOM   377  C CA    . GLU A 1 70  ? 18.269  -6.364  -1.049  1.00 17.56 ? 70   GLU A CA    1 
ATOM   378  C C     . GLU A 1 70  ? 17.554  -6.005  -2.342  1.00 18.73 ? 70   GLU A C     1 
ATOM   379  O O     . GLU A 1 70  ? 17.786  -4.940  -2.917  1.00 18.18 ? 70   GLU A O     1 
ATOM   380  C CB    . GLU A 1 70  ? 19.420  -7.335  -1.355  1.00 18.20 ? 70   GLU A CB    1 
ATOM   381  C CG    . GLU A 1 70  ? 20.395  -7.552  -0.203  1.00 18.39 ? 70   GLU A CG    1 
ATOM   382  C CD    . GLU A 1 70  ? 19.914  -8.562  0.831   1.00 22.39 ? 70   GLU A CD    1 
ATOM   383  O OE1   . GLU A 1 70  ? 18.742  -9.000  0.778   1.00 20.85 ? 70   GLU A OE1   1 
ATOM   384  O OE2   . GLU A 1 70  ? 20.724  -8.918  1.715   1.00 25.20 ? 70   GLU A OE2   1 
ATOM   385  N N     . ASP A 1 71  ? 16.679  -6.891  -2.804  1.00 18.81 ? 71   ASP A N     1 
ATOM   386  C CA    . ASP A 1 71  ? 15.965  -6.627  -4.038  1.00 18.97 ? 71   ASP A CA    1 
ATOM   387  C C     . ASP A 1 71  ? 14.928  -5.522  -3.876  1.00 18.07 ? 71   ASP A C     1 
ATOM   388  O O     . ASP A 1 71  ? 14.579  -4.846  -4.842  1.00 18.36 ? 71   ASP A O     1 
ATOM   389  C CB    . ASP A 1 71  ? 15.344  -7.921  -4.571  1.00 18.80 ? 71   ASP A CB    1 
ATOM   390  C CG    . ASP A 1 71  ? 16.406  -8.908  -5.034  1.00 22.81 ? 71   ASP A CG    1 
ATOM   391  O OD1   . ASP A 1 71  ? 17.351  -8.461  -5.719  1.00 19.84 ? 71   ASP A OD1   1 
ATOM   392  O OD2   . ASP A 1 71  ? 16.309  -10.113 -4.717  1.00 21.48 ? 71   ASP A OD2   1 
ATOM   393  N N     . PHE A 1 72  ? 14.437  -5.328  -2.657  1.00 17.97 ? 72   PHE A N     1 
ATOM   394  C CA    . PHE A 1 72  ? 13.475  -4.254  -2.426  1.00 17.82 ? 72   PHE A CA    1 
ATOM   395  C C     . PHE A 1 72  ? 14.191  -2.923  -2.653  1.00 17.12 ? 72   PHE A C     1 
ATOM   396  O O     . PHE A 1 72  ? 13.763  -2.106  -3.462  1.00 19.46 ? 72   PHE A O     1 
ATOM   397  C CB    . PHE A 1 72  ? 12.936  -4.284  -0.996  1.00 16.03 ? 72   PHE A CB    1 
ATOM   398  C CG    . PHE A 1 72  ? 12.273  -2.995  -0.584  1.00 16.87 ? 72   PHE A CG    1 
ATOM   399  C CD1   . PHE A 1 72  ? 11.040  -2.632  -1.112  1.00 14.99 ? 72   PHE A CD1   1 
ATOM   400  C CD2   . PHE A 1 72  ? 12.920  -2.110  0.277   1.00 14.68 ? 72   PHE A CD2   1 
ATOM   401  C CE1   . PHE A 1 72  ? 10.462  -1.399  -0.795  1.00 16.29 ? 72   PHE A CE1   1 
ATOM   402  C CE2   . PHE A 1 72  ? 12.355  -0.878  0.603   1.00 16.21 ? 72   PHE A CE2   1 
ATOM   403  C CZ    . PHE A 1 72  ? 11.123  -0.519  0.065   1.00 17.24 ? 72   PHE A CZ    1 
ATOM   404  N N     . TRP A 1 73  ? 15.288  -2.708  -1.935  1.00 18.12 ? 73   TRP A N     1 
ATOM   405  C CA    . TRP A 1 73  ? 16.030  -1.459  -2.070  1.00 17.44 ? 73   TRP A CA    1 
ATOM   406  C C     . TRP A 1 73  ? 16.553  -1.204  -3.472  1.00 16.75 ? 73   TRP A C     1 
ATOM   407  O O     . TRP A 1 73  ? 16.602  -0.060  -3.914  1.00 18.95 ? 73   TRP A O     1 
ATOM   408  C CB    . TRP A 1 73  ? 17.178  -1.418  -1.071  1.00 17.04 ? 73   TRP A CB    1 
ATOM   409  C CG    . TRP A 1 73  ? 16.702  -1.287  0.323   1.00 16.25 ? 73   TRP A CG    1 
ATOM   410  C CD1   . TRP A 1 73  ? 16.821  -2.206  1.321   1.00 17.18 ? 73   TRP A CD1   1 
ATOM   411  C CD2   . TRP A 1 73  ? 16.017  -0.166  0.884   1.00 17.80 ? 73   TRP A CD2   1 
ATOM   412  N NE1   . TRP A 1 73  ? 16.255  -1.726  2.476   1.00 17.36 ? 73   TRP A NE1   1 
ATOM   413  C CE2   . TRP A 1 73  ? 15.752  -0.474  2.235   1.00 16.63 ? 73   TRP A CE2   1 
ATOM   414  C CE3   . TRP A 1 73  ? 15.601  1.072   0.377   1.00 16.13 ? 73   TRP A CE3   1 
ATOM   415  C CZ2   . TRP A 1 73  ? 15.091  0.415   3.090   1.00 17.80 ? 73   TRP A CZ2   1 
ATOM   416  C CZ3   . TRP A 1 73  ? 14.944  1.955   1.228   1.00 15.47 ? 73   TRP A CZ3   1 
ATOM   417  C CH2   . TRP A 1 73  ? 14.697  1.621   2.569   1.00 15.54 ? 73   TRP A CH2   1 
ATOM   418  N N     . ALA A 1 74  ? 16.949  -2.261  -4.174  1.00 18.08 ? 74   ALA A N     1 
ATOM   419  C CA    . ALA A 1 74  ? 17.450  -2.106  -5.537  1.00 17.22 ? 74   ALA A CA    1 
ATOM   420  C C     . ALA A 1 74  ? 16.355  -1.464  -6.389  1.00 16.70 ? 74   ALA A C     1 
ATOM   421  O O     . ALA A 1 74  ? 16.620  -0.623  -7.250  1.00 17.46 ? 74   ALA A O     1 
ATOM   422  C CB    . ALA A 1 74  ? 17.844  -3.469  -6.111  1.00 18.43 ? 74   ALA A CB    1 
ATOM   423  N N     . LEU A 1 75  ? 15.113  -1.868  -6.143  1.00 15.98 ? 75   LEU A N     1 
ATOM   424  C CA    . LEU A 1 75  ? 13.977  -1.321  -6.876  1.00 14.28 ? 75   LEU A CA    1 
ATOM   425  C C     . LEU A 1 75  ? 13.646  0.101   -6.410  1.00 14.30 ? 75   LEU A C     1 
ATOM   426  O O     . LEU A 1 75  ? 13.616  1.034   -7.208  1.00 15.12 ? 75   LEU A O     1 
ATOM   427  C CB    . LEU A 1 75  ? 12.753  -2.225  -6.685  1.00 14.51 ? 75   LEU A CB    1 
ATOM   428  C CG    . LEU A 1 75  ? 11.399  -1.745  -7.211  1.00 14.23 ? 75   LEU A CG    1 
ATOM   429  C CD1   . LEU A 1 75  ? 11.495  -1.480  -8.706  1.00 14.82 ? 75   LEU A CD1   1 
ATOM   430  C CD2   . LEU A 1 75  ? 10.337  -2.813  -6.926  1.00 14.04 ? 75   LEU A CD2   1 
ATOM   431  N N     . TYR A 1 76  ? 13.410  0.256   -5.111  1.00 14.24 ? 76   TYR A N     1 
ATOM   432  C CA    . TYR A 1 76  ? 13.058  1.549   -4.533  1.00 14.91 ? 76   TYR A CA    1 
ATOM   433  C C     . TYR A 1 76  ? 14.050  2.663   -4.854  1.00 15.43 ? 76   TYR A C     1 
ATOM   434  O O     . TYR A 1 76  ? 13.656  3.787   -5.167  1.00 12.69 ? 76   TYR A O     1 
ATOM   435  C CB    . TYR A 1 76  ? 12.925  1.430   -3.008  1.00 14.86 ? 76   TYR A CB    1 
ATOM   436  C CG    . TYR A 1 76  ? 12.503  2.724   -2.351  1.00 16.75 ? 76   TYR A CG    1 
ATOM   437  C CD1   . TYR A 1 76  ? 11.160  3.110   -2.321  1.00 16.40 ? 76   TYR A CD1   1 
ATOM   438  C CD2   . TYR A 1 76  ? 13.452  3.588   -1.794  1.00 16.21 ? 76   TYR A CD2   1 
ATOM   439  C CE1   . TYR A 1 76  ? 10.769  4.326   -1.750  1.00 17.68 ? 76   TYR A CE1   1 
ATOM   440  C CE2   . TYR A 1 76  ? 13.075  4.806   -1.226  1.00 16.54 ? 76   TYR A CE2   1 
ATOM   441  C CZ    . TYR A 1 76  ? 11.733  5.170   -1.205  1.00 17.97 ? 76   TYR A CZ    1 
ATOM   442  O OH    . TYR A 1 76  ? 11.357  6.369   -0.638  1.00 13.75 ? 76   TYR A OH    1 
ATOM   443  N N     . ASN A 1 77  ? 15.338  2.351   -4.780  1.00 16.17 ? 77   ASN A N     1 
ATOM   444  C CA    . ASN A 1 77  ? 16.362  3.353   -5.044  1.00 17.60 ? 77   ASN A CA    1 
ATOM   445  C C     . ASN A 1 77  ? 16.439  3.901   -6.469  1.00 19.51 ? 77   ASN A C     1 
ATOM   446  O O     . ASN A 1 77  ? 16.923  5.017   -6.661  1.00 19.81 ? 77   ASN A O     1 
ATOM   447  C CB    . ASN A 1 77  ? 17.734  2.813   -4.638  1.00 17.21 ? 77   ASN A CB    1 
ATOM   448  C CG    . ASN A 1 77  ? 17.903  2.718   -3.128  1.00 20.02 ? 77   ASN A CG    1 
ATOM   449  O OD1   . ASN A 1 77  ? 18.714  1.936   -2.636  1.00 22.65 ? 77   ASN A OD1   1 
ATOM   450  N ND2   . ASN A 1 77  ? 17.147  3.523   -2.390  1.00 15.88 ? 77   ASN A ND2   1 
ATOM   451  N N     . HIS A 1 78  ? 15.973  3.154   -7.470  1.00 21.21 ? 78   HIS A N     1 
ATOM   452  C CA    . HIS A 1 78  ? 16.081  3.680   -8.831  1.00 21.65 ? 78   HIS A CA    1 
ATOM   453  C C     . HIS A 1 78  ? 14.800  4.234   -9.442  1.00 20.11 ? 78   HIS A C     1 
ATOM   454  O O     . HIS A 1 78  ? 14.797  4.676   -10.591 1.00 18.58 ? 78   HIS A O     1 
ATOM   455  C CB    . HIS A 1 78  ? 16.709  2.636   -9.773  1.00 25.51 ? 78   HIS A CB    1 
ATOM   456  C CG    . HIS A 1 78  ? 15.723  1.729   -10.441 1.00 27.31 ? 78   HIS A CG    1 
ATOM   457  N ND1   . HIS A 1 78  ? 15.322  0.529   -9.893  1.00 29.40 ? 78   HIS A ND1   1 
ATOM   458  C CD2   . HIS A 1 78  ? 15.081  1.833   -11.629 1.00 28.88 ? 78   HIS A CD2   1 
ATOM   459  C CE1   . HIS A 1 78  ? 14.478  -0.068  -10.717 1.00 31.20 ? 78   HIS A CE1   1 
ATOM   460  N NE2   . HIS A 1 78  ? 14.315  0.703   -11.778 1.00 28.52 ? 78   HIS A NE2   1 
ATOM   461  N N     . ILE A 1 79  ? 13.713  4.227   -8.677  1.00 18.90 ? 79   ILE A N     1 
ATOM   462  C CA    . ILE A 1 79  ? 12.452  4.751   -9.180  1.00 16.60 ? 79   ILE A CA    1 
ATOM   463  C C     . ILE A 1 79  ? 12.140  6.090   -8.516  1.00 16.45 ? 79   ILE A C     1 
ATOM   464  O O     . ILE A 1 79  ? 12.547  6.349   -7.387  1.00 13.66 ? 79   ILE A O     1 
ATOM   465  C CB    . ILE A 1 79  ? 11.286  3.767   -8.932  1.00 16.74 ? 79   ILE A CB    1 
ATOM   466  C CG1   . ILE A 1 79  ? 11.089  3.546   -7.434  1.00 15.42 ? 79   ILE A CG1   1 
ATOM   467  C CG2   . ILE A 1 79  ? 11.573  2.443   -9.633  1.00 14.44 ? 79   ILE A CG2   1 
ATOM   468  C CD1   . ILE A 1 79  ? 9.764   2.890   -7.049  1.00 22.43 ? 79   ILE A CD1   1 
ATOM   469  N N     . GLN A 1 80  ? 11.412  6.943   -9.225  1.00 15.44 ? 80   GLN A N     1 
ATOM   470  C CA    . GLN A 1 80  ? 11.081  8.256   -8.697  1.00 16.87 ? 80   GLN A CA    1 
ATOM   471  C C     . GLN A 1 80  ? 10.237  8.218   -7.430  1.00 17.20 ? 80   GLN A C     1 
ATOM   472  O O     . GLN A 1 80  ? 9.432   7.303   -7.231  1.00 15.44 ? 80   GLN A O     1 
ATOM   473  C CB    . GLN A 1 80  ? 10.367  9.073   -9.773  1.00 19.34 ? 80   GLN A CB    1 
ATOM   474  C CG    . GLN A 1 80  ? 11.204  9.238   -11.035 1.00 19.24 ? 80   GLN A CG    1 
ATOM   475  C CD    . GLN A 1 80  ? 10.468  9.964   -12.138 1.00 26.31 ? 80   GLN A CD    1 
ATOM   476  O OE1   . GLN A 1 80  ? 10.825  9.856   -13.315 1.00 27.16 ? 80   GLN A OE1   1 
ATOM   477  N NE2   . GLN A 1 80  ? 9.436   10.717  -11.768 1.00 27.95 ? 80   GLN A NE2   1 
ATOM   478  N N     . LEU A 1 81  ? 10.451  9.209   -6.567  1.00 15.33 ? 81   LEU A N     1 
ATOM   479  C CA    . LEU A 1 81  ? 9.689   9.334   -5.334  1.00 15.78 ? 81   LEU A CA    1 
ATOM   480  C C     . LEU A 1 81  ? 8.276   9.717   -5.769  1.00 15.44 ? 81   LEU A C     1 
ATOM   481  O O     . LEU A 1 81  ? 8.099   10.401  -6.781  1.00 14.40 ? 81   LEU A O     1 
ATOM   482  C CB    . LEU A 1 81  ? 10.272  10.443  -4.447  1.00 15.08 ? 81   LEU A CB    1 
ATOM   483  C CG    . LEU A 1 81  ? 11.613  10.202  -3.743  1.00 16.22 ? 81   LEU A CG    1 
ATOM   484  C CD1   . LEU A 1 81  ? 12.145  11.512  -3.175  1.00 15.87 ? 81   LEU A CD1   1 
ATOM   485  C CD2   . LEU A 1 81  ? 11.428  9.173   -2.629  1.00 14.96 ? 81   LEU A CD2   1 
ATOM   486  N N     . SER A 1 82  ? 7.275   9.277   -5.015  1.00 13.72 ? 82   SER A N     1 
ATOM   487  C CA    . SER A 1 82  ? 5.886   9.588   -5.344  1.00 15.26 ? 82   SER A CA    1 
ATOM   488  C C     . SER A 1 82  ? 5.672   11.079  -5.590  1.00 15.71 ? 82   SER A C     1 
ATOM   489  O O     . SER A 1 82  ? 4.944   11.464  -6.502  1.00 16.30 ? 82   SER A O     1 
ATOM   490  C CB    . SER A 1 82  ? 4.958   9.132   -4.213  1.00 14.22 ? 82   SER A CB    1 
ATOM   491  O OG    . SER A 1 82  ? 5.049   7.729   -4.018  1.00 17.69 ? 82   SER A OG    1 
ATOM   492  N N     . SER A 1 83  ? 6.311   11.913  -4.778  1.00 14.97 ? 83   SER A N     1 
ATOM   493  C CA    . SER A 1 83  ? 6.167   13.357  -4.908  1.00 17.82 ? 83   SER A CA    1 
ATOM   494  C C     . SER A 1 83  ? 6.602   13.909  -6.270  1.00 18.80 ? 83   SER A C     1 
ATOM   495  O O     . SER A 1 83  ? 6.225   15.023  -6.635  1.00 18.03 ? 83   SER A O     1 
ATOM   496  C CB    . SER A 1 83  ? 6.953   14.055  -3.796  1.00 19.24 ? 83   SER A CB    1 
ATOM   497  O OG    . SER A 1 83  ? 8.327   13.710  -3.863  1.00 16.39 ? 83   SER A OG    1 
ATOM   498  N N     . ASN A 1 84  ? 7.384   13.136  -7.020  1.00 20.12 ? 84   ASN A N     1 
ATOM   499  C CA    . ASN A 1 84  ? 7.859   13.575  -8.334  1.00 22.92 ? 84   ASN A CA    1 
ATOM   500  C C     . ASN A 1 84  ? 7.046   13.076  -9.524  1.00 22.63 ? 84   ASN A C     1 
ATOM   501  O O     . ASN A 1 84  ? 7.298   13.488  -10.655 1.00 22.59 ? 84   ASN A O     1 
ATOM   502  C CB    . ASN A 1 84  ? 9.323   13.162  -8.548  1.00 25.91 ? 84   ASN A CB    1 
ATOM   503  C CG    . ASN A 1 84  ? 10.290  13.990  -7.727  1.00 30.73 ? 84   ASN A CG    1 
ATOM   504  O OD1   . ASN A 1 84  ? 10.215  15.219  -7.722  1.00 34.11 ? 84   ASN A OD1   1 
ATOM   505  N ND2   . ASN A 1 84  ? 11.214  13.324  -7.040  1.00 30.98 ? 84   ASN A ND2   1 
ATOM   506  N N     . LEU A 1 85  ? 6.081   12.193  -9.285  1.00 21.96 ? 85   LEU A N     1 
ATOM   507  C CA    . LEU A 1 85  ? 5.277   11.656  -10.383 1.00 21.33 ? 85   LEU A CA    1 
ATOM   508  C C     . LEU A 1 85  ? 4.266   12.667  -10.911 1.00 22.84 ? 85   LEU A C     1 
ATOM   509  O O     . LEU A 1 85  ? 3.907   13.615  -10.217 1.00 23.22 ? 85   LEU A O     1 
ATOM   510  C CB    . LEU A 1 85  ? 4.534   10.392  -9.934  1.00 20.54 ? 85   LEU A CB    1 
ATOM   511  C CG    . LEU A 1 85  ? 5.334   9.175   -9.461  1.00 20.46 ? 85   LEU A CG    1 
ATOM   512  C CD1   . LEU A 1 85  ? 4.359   8.051   -9.119  1.00 20.00 ? 85   LEU A CD1   1 
ATOM   513  C CD2   . LEU A 1 85  ? 6.304   8.718   -10.541 1.00 19.56 ? 85   LEU A CD2   1 
ATOM   514  N N     . MET A 1 86  ? 3.811   12.469  -12.144 1.00 23.64 ? 86   MET A N     1 
ATOM   515  C CA    . MET A 1 86  ? 2.814   13.367  -12.720 1.00 26.68 ? 86   MET A CA    1 
ATOM   516  C C     . MET A 1 86  ? 1.471   13.083  -12.050 1.00 26.04 ? 86   MET A C     1 
ATOM   517  O O     . MET A 1 86  ? 1.140   11.931  -11.763 1.00 23.55 ? 86   MET A O     1 
ATOM   518  C CB    . MET A 1 86  ? 2.677   13.137  -14.229 1.00 28.29 ? 86   MET A CB    1 
ATOM   519  C CG    . MET A 1 86  ? 3.881   13.566  -15.050 1.00 35.26 ? 86   MET A CG    1 
ATOM   520  S SD    . MET A 1 86  ? 3.676   13.187  -16.810 1.00 43.71 ? 86   MET A SD    1 
ATOM   521  C CE    . MET A 1 86  ? 4.389   11.517  -16.875 1.00 41.86 ? 86   MET A CE    1 
ATOM   522  N N     . PRO A 1 87  ? 0.684   14.136  -11.778 1.00 27.01 ? 87   PRO A N     1 
ATOM   523  C CA    . PRO A 1 87  ? -0.628  13.968  -11.140 1.00 26.34 ? 87   PRO A CA    1 
ATOM   524  C C     . PRO A 1 87  ? -1.498  12.961  -11.901 1.00 25.04 ? 87   PRO A C     1 
ATOM   525  O O     . PRO A 1 87  ? -1.547  12.972  -13.135 1.00 24.94 ? 87   PRO A O     1 
ATOM   526  C CB    . PRO A 1 87  ? -1.206  15.377  -11.182 1.00 27.00 ? 87   PRO A CB    1 
ATOM   527  C CG    . PRO A 1 87  ? 0.021   16.231  -10.997 1.00 30.32 ? 87   PRO A CG    1 
ATOM   528  C CD    . PRO A 1 87  ? 1.018   15.564  -11.930 1.00 29.15 ? 87   PRO A CD    1 
ATOM   529  N N     . GLY A 1 88  ? -2.178  12.091  -11.163 1.00 22.66 ? 88   GLY A N     1 
ATOM   530  C CA    . GLY A 1 88  ? -3.028  11.097  -11.795 1.00 22.08 ? 88   GLY A CA    1 
ATOM   531  C C     . GLY A 1 88  ? -2.404  9.714   -11.812 1.00 20.78 ? 88   GLY A C     1 
ATOM   532  O O     . GLY A 1 88  ? -3.069  8.726   -12.131 1.00 21.13 ? 88   GLY A O     1 
ATOM   533  N N     . CYS A 1 89  ? -1.122  9.640   -11.465 1.00 19.62 ? 89   CYS A N     1 
ATOM   534  C CA    . CYS A 1 89  ? -0.402  8.371   -11.437 1.00 17.96 ? 89   CYS A CA    1 
ATOM   535  C C     . CYS A 1 89  ? -0.447  7.728   -10.052 1.00 16.90 ? 89   CYS A C     1 
ATOM   536  O O     . CYS A 1 89  ? -0.622  8.419   -9.048  1.00 14.97 ? 89   CYS A O     1 
ATOM   537  C CB    . CYS A 1 89  ? 1.064   8.596   -11.839 1.00 19.21 ? 89   CYS A CB    1 
ATOM   538  S SG    . CYS A 1 89  ? 1.314   9.200   -13.533 1.00 25.29 ? 89   CYS A SG    1 
ATOM   539  N N     . ASP A 1 90  ? -0.304  6.404   -10.003 1.00 16.59 ? 90   ASP A N     1 
ATOM   540  C CA    . ASP A 1 90  ? -0.283  5.684   -8.729  1.00 16.20 ? 90   ASP A CA    1 
ATOM   541  C C     . ASP A 1 90  ? 0.859   4.678   -8.702  1.00 15.69 ? 90   ASP A C     1 
ATOM   542  O O     . ASP A 1 90  ? 1.382   4.273   -9.742  1.00 16.46 ? 90   ASP A O     1 
ATOM   543  C CB    . ASP A 1 90  ? -1.551  4.850   -8.469  1.00 15.72 ? 90   ASP A CB    1 
ATOM   544  C CG    . ASP A 1 90  ? -2.838  5.559   -8.824  1.00 19.14 ? 90   ASP A CG    1 
ATOM   545  O OD1   . ASP A 1 90  ? -2.973  6.778   -8.581  1.00 17.23 ? 90   ASP A OD1   1 
ATOM   546  O OD2   . ASP A 1 90  ? -3.738  4.856   -9.332  1.00 21.23 ? 90   ASP A OD2   1 
ATOM   547  N N     . TYR A 1 91  ? 1.212   4.274   -7.487  1.00 16.28 ? 91   TYR A N     1 
ATOM   548  C CA    . TYR A 1 91  ? 2.210   3.245   -7.221  1.00 15.84 ? 91   TYR A CA    1 
ATOM   549  C C     . TYR A 1 91  ? 1.371   2.297   -6.359  1.00 17.49 ? 91   TYR A C     1 
ATOM   550  O O     . TYR A 1 91  ? 0.551   2.760   -5.563  1.00 16.76 ? 91   TYR A O     1 
ATOM   551  C CB    . TYR A 1 91  ? 3.365   3.786   -6.371  1.00 17.72 ? 91   TYR A CB    1 
ATOM   552  C CG    . TYR A 1 91  ? 4.606   4.256   -7.115  1.00 17.45 ? 91   TYR A CG    1 
ATOM   553  C CD1   . TYR A 1 91  ? 5.382   5.295   -6.599  1.00 18.60 ? 91   TYR A CD1   1 
ATOM   554  C CD2   . TYR A 1 91  ? 5.054   3.619   -8.282  1.00 15.36 ? 91   TYR A CD2   1 
ATOM   555  C CE1   . TYR A 1 91  ? 6.570   5.694   -7.209  1.00 15.72 ? 91   TYR A CE1   1 
ATOM   556  C CE2   . TYR A 1 91  ? 6.254   4.014   -8.904  1.00 15.35 ? 91   TYR A CE2   1 
ATOM   557  C CZ    . TYR A 1 91  ? 7.003   5.052   -8.353  1.00 16.07 ? 91   TYR A CZ    1 
ATOM   558  O OH    . TYR A 1 91  ? 8.194   5.448   -8.921  1.00 16.55 ? 91   TYR A OH    1 
ATOM   559  N N     . SER A 1 92  ? 1.546   0.992   -6.526  1.00 15.98 ? 92   SER A N     1 
ATOM   560  C CA    . SER A 1 92  ? 0.812   0.011   -5.730  1.00 16.05 ? 92   SER A CA    1 
ATOM   561  C C     . SER A 1 92  ? 1.741   -1.158  -5.434  1.00 14.96 ? 92   SER A C     1 
ATOM   562  O O     . SER A 1 92  ? 2.376   -1.689  -6.345  1.00 16.05 ? 92   SER A O     1 
ATOM   563  C CB    . SER A 1 92  ? -0.412  -0.530  -6.492  1.00 15.69 ? 92   SER A CB    1 
ATOM   564  O OG    . SER A 1 92  ? -1.277  0.505   -6.919  1.00 18.17 ? 92   SER A OG    1 
ATOM   565  N N     . LEU A 1 93  ? 1.840   -1.538  -4.163  1.00 13.89 ? 93   LEU A N     1 
ATOM   566  C CA    . LEU A 1 93  ? 2.658   -2.686  -3.779  1.00 13.04 ? 93   LEU A CA    1 
ATOM   567  C C     . LEU A 1 93  ? 1.676   -3.693  -3.212  1.00 14.67 ? 93   LEU A C     1 
ATOM   568  O O     . LEU A 1 93  ? 1.067   -3.449  -2.170  1.00 14.22 ? 93   LEU A O     1 
ATOM   569  C CB    . LEU A 1 93  ? 3.678   -2.338  -2.690  1.00 13.07 ? 93   LEU A CB    1 
ATOM   570  C CG    . LEU A 1 93  ? 4.658   -3.494  -2.456  1.00 13.17 ? 93   LEU A CG    1 
ATOM   571  C CD1   . LEU A 1 93  ? 5.684   -3.490  -3.583  1.00 10.88 ? 93   LEU A CD1   1 
ATOM   572  C CD2   . LEU A 1 93  ? 5.346   -3.375  -1.099  1.00 11.04 ? 93   LEU A CD2   1 
ATOM   573  N N     . PHE A 1 94  ? 1.513   -4.817  -3.904  1.00 13.18 ? 94   PHE A N     1 
ATOM   574  C CA    . PHE A 1 94  ? 0.591   -5.854  -3.464  1.00 14.69 ? 94   PHE A CA    1 
ATOM   575  C C     . PHE A 1 94  ? 1.279   -7.201  -3.441  1.00 15.31 ? 94   PHE A C     1 
ATOM   576  O O     . PHE A 1 94  ? 2.208   -7.447  -4.216  1.00 15.48 ? 94   PHE A O     1 
ATOM   577  C CB    . PHE A 1 94  ? -0.629  -5.918  -4.390  1.00 11.19 ? 94   PHE A CB    1 
ATOM   578  C CG    . PHE A 1 94  ? -1.704  -4.933  -4.040  1.00 12.26 ? 94   PHE A CG    1 
ATOM   579  C CD1   . PHE A 1 94  ? -1.481  -3.563  -4.156  1.00 13.34 ? 94   PHE A CD1   1 
ATOM   580  C CD2   . PHE A 1 94  ? -2.938  -5.375  -3.568  1.00 11.40 ? 94   PHE A CD2   1 
ATOM   581  C CE1   . PHE A 1 94  ? -2.465  -2.651  -3.807  1.00 14.20 ? 94   PHE A CE1   1 
ATOM   582  C CE2   . PHE A 1 94  ? -3.932  -4.469  -3.213  1.00 11.91 ? 94   PHE A CE2   1 
ATOM   583  C CZ    . PHE A 1 94  ? -3.698  -3.106  -3.332  1.00 12.84 ? 94   PHE A CZ    1 
ATOM   584  N N     . LYS A 1 95  ? 0.832   -8.068  -2.540  1.00 15.98 ? 95   LYS A N     1 
ATOM   585  C CA    . LYS A 1 95  ? 1.414   -9.388  -2.442  1.00 16.93 ? 95   LYS A CA    1 
ATOM   586  C C     . LYS A 1 95  ? 1.290   -10.089 -3.781  1.00 18.07 ? 95   LYS A C     1 
ATOM   587  O O     . LYS A 1 95  ? 0.284   -9.957  -4.483  1.00 16.36 ? 95   LYS A O     1 
ATOM   588  C CB    . LYS A 1 95  ? 0.745   -10.200 -1.326  1.00 18.03 ? 95   LYS A CB    1 
ATOM   589  C CG    . LYS A 1 95  ? 1.122   -9.681  0.055   1.00 23.85 ? 95   LYS A CG    1 
ATOM   590  C CD    . LYS A 1 95  ? 1.073   -10.737 1.147   1.00 28.03 ? 95   LYS A CD    1 
ATOM   591  C CE    . LYS A 1 95  ? -0.293  -10.823 1.786   1.00 28.24 ? 95   LYS A CE    1 
ATOM   592  N NZ    . LYS A 1 95  ? -1.297  -11.075 0.730   1.00 33.85 ? 95   LYS A NZ    1 
ATOM   593  N N     . ASP A 1 96  ? 2.344   -10.810 -4.139  1.00 18.16 ? 96   ASP A N     1 
ATOM   594  C CA    . ASP A 1 96  ? 2.397   -11.534 -5.396  1.00 19.60 ? 96   ASP A CA    1 
ATOM   595  C C     . ASP A 1 96  ? 1.129   -12.372 -5.568  1.00 18.82 ? 96   ASP A C     1 
ATOM   596  O O     . ASP A 1 96  ? 0.752   -13.142 -4.684  1.00 19.03 ? 96   ASP A O     1 
ATOM   597  C CB    . ASP A 1 96  ? 3.660   -12.405 -5.402  1.00 21.36 ? 96   ASP A CB    1 
ATOM   598  C CG    . ASP A 1 96  ? 3.833   -13.188 -6.682  1.00 22.80 ? 96   ASP A CG    1 
ATOM   599  O OD1   . ASP A 1 96  ? 3.528   -12.659 -7.770  1.00 22.22 ? 96   ASP A OD1   1 
ATOM   600  O OD2   . ASP A 1 96  ? 4.294   -14.341 -6.593  1.00 26.56 ? 96   ASP A OD2   1 
ATOM   601  N N     . GLY A 1 97  ? 0.459   -12.196 -6.702  1.00 18.21 ? 97   GLY A N     1 
ATOM   602  C CA    . GLY A 1 97  ? -0.763  -12.937 -6.965  1.00 18.44 ? 97   GLY A CA    1 
ATOM   603  C C     . GLY A 1 97  ? -2.033  -12.122 -6.771  1.00 17.58 ? 97   GLY A C     1 
ATOM   604  O O     . GLY A 1 97  ? -3.111  -12.527 -7.210  1.00 18.37 ? 97   GLY A O     1 
ATOM   605  N N     . ILE A 1 98  ? -1.917  -10.980 -6.104  1.00 16.53 ? 98   ILE A N     1 
ATOM   606  C CA    . ILE A 1 98  ? -3.077  -10.120 -5.877  1.00 15.93 ? 98   ILE A CA    1 
ATOM   607  C C     . ILE A 1 98  ? -2.961  -8.853  -6.718  1.00 16.36 ? 98   ILE A C     1 
ATOM   608  O O     . ILE A 1 98  ? -2.088  -8.018  -6.468  1.00 15.15 ? 98   ILE A O     1 
ATOM   609  C CB    . ILE A 1 98  ? -3.193  -9.701  -4.398  1.00 14.73 ? 98   ILE A CB    1 
ATOM   610  C CG1   . ILE A 1 98  ? -3.340  -10.935 -3.509  1.00 13.93 ? 98   ILE A CG1   1 
ATOM   611  C CG2   . ILE A 1 98  ? -4.400  -8.778  -4.211  1.00 15.54 ? 98   ILE A CG2   1 
ATOM   612  C CD1   . ILE A 1 98  ? -2.047  -11.701 -3.258  1.00 22.43 ? 98   ILE A CD1   1 
ATOM   613  N N     . GLU A 1 99  ? -3.833  -8.712  -7.716  1.00 16.86 ? 99   GLU A N     1 
ATOM   614  C CA    . GLU A 1 99  ? -3.806  -7.519  -8.560  1.00 16.98 ? 99   GLU A CA    1 
ATOM   615  C C     . GLU A 1 99  ? -4.356  -6.352  -7.738  1.00 17.46 ? 99   GLU A C     1 
ATOM   616  O O     . GLU A 1 99  ? -5.287  -6.525  -6.953  1.00 16.79 ? 99   GLU A O     1 
ATOM   617  C CB    . GLU A 1 99  ? -4.642  -7.734  -9.826  1.00 20.09 ? 99   GLU A CB    1 
ATOM   618  C CG    . GLU A 1 99  ? -4.120  -8.852  -10.727 1.00 24.05 ? 99   GLU A CG    1 
ATOM   619  C CD    . GLU A 1 99  ? -4.710  -8.807  -12.135 1.00 25.77 ? 99   GLU A CD    1 
ATOM   620  O OE1   . GLU A 1 99  ? -5.944  -8.708  -12.271 1.00 27.38 ? 99   GLU A OE1   1 
ATOM   621  O OE2   . GLU A 1 99  ? -3.937  -8.880  -13.109 1.00 29.31 ? 99   GLU A OE2   1 
ATOM   622  N N     . PRO A 1 100 ? -3.783  -5.150  -7.904  1.00 16.36 ? 100  PRO A N     1 
ATOM   623  C CA    . PRO A 1 100 ? -4.241  -3.982  -7.149  1.00 15.70 ? 100  PRO A CA    1 
ATOM   624  C C     . PRO A 1 100 ? -5.571  -3.398  -7.614  1.00 15.03 ? 100  PRO A C     1 
ATOM   625  O O     . PRO A 1 100 ? -5.652  -2.213  -7.923  1.00 13.19 ? 100  PRO A O     1 
ATOM   626  C CB    . PRO A 1 100 ? -3.078  -3.002  -7.312  1.00 15.70 ? 100  PRO A CB    1 
ATOM   627  C CG    . PRO A 1 100 ? -2.613  -3.287  -8.697  1.00 16.14 ? 100  PRO A CG    1 
ATOM   628  C CD    . PRO A 1 100 ? -2.631  -4.805  -8.758  1.00 15.95 ? 100  PRO A CD    1 
ATOM   629  N N     . MET A 1 101 ? -6.617  -4.228  -7.638  1.00 15.49 ? 101  MET A N     1 
ATOM   630  C CA    . MET A 1 101 ? -7.933  -3.780  -8.077  1.00 14.89 ? 101  MET A CA    1 
ATOM   631  C C     . MET A 1 101 ? -9.065  -4.415  -7.264  1.00 14.82 ? 101  MET A C     1 
ATOM   632  O O     . MET A 1 101 ? -8.916  -5.514  -6.716  1.00 14.05 ? 101  MET A O     1 
ATOM   633  C CB    . MET A 1 101 ? -8.128  -4.103  -9.563  1.00 16.36 ? 101  MET A CB    1 
ATOM   634  C CG    . MET A 1 101 ? -8.059  -5.596  -9.874  1.00 19.51 ? 101  MET A CG    1 
ATOM   635  S SD    . MET A 1 101 ? -8.354  -5.981  -11.618 1.00 21.96 ? 101  MET A SD    1 
ATOM   636  C CE    . MET A 1 101 ? -6.988  -5.089  -12.399 1.00 22.63 ? 101  MET A CE    1 
ATOM   637  N N     . TRP A 1 102 ? -10.195 -3.712  -7.203  1.00 14.68 ? 102  TRP A N     1 
ATOM   638  C CA    . TRP A 1 102 ? -11.371 -4.165  -6.462  1.00 15.66 ? 102  TRP A CA    1 
ATOM   639  C C     . TRP A 1 102 ? -11.812 -5.567  -6.854  1.00 16.39 ? 102  TRP A C     1 
ATOM   640  O O     . TRP A 1 102 ? -12.120 -6.393  -5.996  1.00 17.69 ? 102  TRP A O     1 
ATOM   641  C CB    . TRP A 1 102 ? -12.563 -3.232  -6.705  1.00 16.01 ? 102  TRP A CB    1 
ATOM   642  C CG    . TRP A 1 102 ? -12.333 -1.782  -6.426  1.00 16.04 ? 102  TRP A CG    1 
ATOM   643  C CD1   . TRP A 1 102 ? -11.657 -1.240  -5.373  1.00 16.35 ? 102  TRP A CD1   1 
ATOM   644  C CD2   . TRP A 1 102 ? -12.843 -0.680  -7.189  1.00 17.26 ? 102  TRP A CD2   1 
ATOM   645  N NE1   . TRP A 1 102 ? -11.714 0.137   -5.432  1.00 18.37 ? 102  TRP A NE1   1 
ATOM   646  C CE2   . TRP A 1 102 ? -12.436 0.505   -6.536  1.00 17.35 ? 102  TRP A CE2   1 
ATOM   647  C CE3   . TRP A 1 102 ? -13.606 -0.580  -8.363  1.00 17.03 ? 102  TRP A CE3   1 
ATOM   648  C CZ2   . TRP A 1 102 ? -12.766 1.777   -7.018  1.00 17.10 ? 102  TRP A CZ2   1 
ATOM   649  C CZ3   . TRP A 1 102 ? -13.934 0.682   -8.842  1.00 15.79 ? 102  TRP A CZ3   1 
ATOM   650  C CH2   . TRP A 1 102 ? -13.514 1.844   -8.169  1.00 18.75 ? 102  TRP A CH2   1 
ATOM   651  N N     . GLU A 1 103 ? -11.841 -5.818  -8.161  1.00 14.71 ? 103  GLU A N     1 
ATOM   652  C CA    . GLU A 1 103 ? -12.293 -7.091  -8.712  1.00 15.73 ? 103  GLU A CA    1 
ATOM   653  C C     . GLU A 1 103 ? -11.562 -8.349  -8.249  1.00 17.40 ? 103  GLU A C     1 
ATOM   654  O O     . GLU A 1 103 ? -12.117 -9.449  -8.310  1.00 14.29 ? 103  GLU A O     1 
ATOM   655  C CB    . GLU A 1 103 ? -12.250 -7.036  -10.244 1.00 17.70 ? 103  GLU A CB    1 
ATOM   656  C CG    . GLU A 1 103 ? -13.089 -5.928  -10.871 1.00 16.74 ? 103  GLU A CG    1 
ATOM   657  C CD    . GLU A 1 103 ? -12.283 -4.681  -11.205 1.00 19.12 ? 103  GLU A CD    1 
ATOM   658  O OE1   . GLU A 1 103 ? -11.693 -4.086  -10.279 1.00 15.01 ? 103  GLU A OE1   1 
ATOM   659  O OE2   . GLU A 1 103 ? -12.248 -4.293  -12.400 1.00 17.13 ? 103  GLU A OE2   1 
ATOM   660  N N     . ASP A 1 104 ? -10.324 -8.195  -7.792  1.00 16.34 ? 104  ASP A N     1 
ATOM   661  C CA    . ASP A 1 104 ? -9.539  -9.346  -7.367  1.00 17.32 ? 104  ASP A CA    1 
ATOM   662  C C     . ASP A 1 104 ? -10.243 -10.189 -6.306  1.00 17.47 ? 104  ASP A C     1 
ATOM   663  O O     . ASP A 1 104 ? -11.010 -9.682  -5.489  1.00 15.32 ? 104  ASP A O     1 
ATOM   664  C CB    . ASP A 1 104 ? -8.169  -8.896  -6.839  1.00 17.92 ? 104  ASP A CB    1 
ATOM   665  C CG    . ASP A 1 104 ? -7.165  -10.038 -6.764  1.00 18.98 ? 104  ASP A CG    1 
ATOM   666  O OD1   . ASP A 1 104 ? -6.462  -10.288 -7.770  1.00 17.42 ? 104  ASP A OD1   1 
ATOM   667  O OD2   . ASP A 1 104 ? -7.083  -10.693 -5.704  1.00 16.54 ? 104  ASP A OD2   1 
ATOM   668  N N     . GLU A 1 105 ? -9.972  -11.489 -6.337  1.00 16.90 ? 105  GLU A N     1 
ATOM   669  C CA    . GLU A 1 105 ? -10.547 -12.421 -5.380  1.00 18.90 ? 105  GLU A CA    1 
ATOM   670  C C     . GLU A 1 105 ? -10.244 -11.981 -3.954  1.00 18.56 ? 105  GLU A C     1 
ATOM   671  O O     . GLU A 1 105 ? -11.088 -12.091 -3.063  1.00 19.52 ? 105  GLU A O     1 
ATOM   672  C CB    . GLU A 1 105 ? -9.971  -13.818 -5.614  1.00 20.41 ? 105  GLU A CB    1 
ATOM   673  C CG    . GLU A 1 105 ? -10.258 -14.805 -4.499  1.00 25.01 ? 105  GLU A CG    1 
ATOM   674  C CD    . GLU A 1 105 ? -9.470  -16.092 -4.652  1.00 29.19 ? 105  GLU A CD    1 
ATOM   675  O OE1   . GLU A 1 105 ? -9.433  -16.884 -3.683  1.00 32.12 ? 105  GLU A OE1   1 
ATOM   676  O OE2   . GLU A 1 105 ? -8.891  -16.316 -5.738  1.00 28.79 ? 105  GLU A OE2   1 
ATOM   677  N N     . LYS A 1 106 ? -9.037  -11.465 -3.749  1.00 17.63 ? 106  LYS A N     1 
ATOM   678  C CA    . LYS A 1 106 ? -8.591  -11.031 -2.427  1.00 18.11 ? 106  LYS A CA    1 
ATOM   679  C C     . LYS A 1 106 ? -8.987  -9.610  -2.012  1.00 16.32 ? 106  LYS A C     1 
ATOM   680  O O     . LYS A 1 106 ? -8.723  -9.199  -0.878  1.00 16.26 ? 106  LYS A O     1 
ATOM   681  C CB    . LYS A 1 106 ? -7.068  -11.183 -2.346  1.00 18.55 ? 106  LYS A CB    1 
ATOM   682  C CG    . LYS A 1 106 ? -6.580  -12.595 -2.697  1.00 23.06 ? 106  LYS A CG    1 
ATOM   683  C CD    . LYS A 1 106 ? -6.359  -13.464 -1.468  1.00 24.68 ? 106  LYS A CD    1 
ATOM   684  C CE    . LYS A 1 106 ? -7.599  -13.601 -0.608  1.00 24.81 ? 106  LYS A CE    1 
ATOM   685  N NZ    . LYS A 1 106 ? -7.274  -14.210 0.721   1.00 25.89 ? 106  LYS A NZ    1 
ATOM   686  N N     . ASN A 1 107 ? -9.611  -8.859  -2.915  1.00 13.98 ? 107  ASN A N     1 
ATOM   687  C CA    . ASN A 1 107 ? -10.024 -7.496  -2.595  1.00 14.04 ? 107  ASN A CA    1 
ATOM   688  C C     . ASN A 1 107 ? -11.529 -7.233  -2.672  1.00 15.22 ? 107  ASN A C     1 
ATOM   689  O O     . ASN A 1 107 ? -12.039 -6.396  -1.936  1.00 15.28 ? 107  ASN A O     1 
ATOM   690  C CB    . ASN A 1 107 ? -9.337  -6.489  -3.521  1.00 14.15 ? 107  ASN A CB    1 
ATOM   691  C CG    . ASN A 1 107 ? -7.829  -6.518  -3.411  1.00 16.12 ? 107  ASN A CG    1 
ATOM   692  O OD1   . ASN A 1 107 ? -7.269  -6.519  -2.315  1.00 17.51 ? 107  ASN A OD1   1 
ATOM   693  N ND2   . ASN A 1 107 ? -7.162  -6.527  -4.553  1.00 14.72 ? 107  ASN A ND2   1 
ATOM   694  N N     . LYS A 1 108 ? -12.236 -7.933  -3.558  1.00 16.61 ? 108  LYS A N     1 
ATOM   695  C CA    . LYS A 1 108 ? -13.673 -7.686  -3.738  1.00 16.49 ? 108  LYS A CA    1 
ATOM   696  C C     . LYS A 1 108 ? -14.506 -7.598  -2.468  1.00 15.40 ? 108  LYS A C     1 
ATOM   697  O O     . LYS A 1 108 ? -15.449 -6.816  -2.402  1.00 16.42 ? 108  LYS A O     1 
ATOM   698  C CB    . LYS A 1 108 ? -14.301 -8.710  -4.697  1.00 18.28 ? 108  LYS A CB    1 
ATOM   699  C CG    . LYS A 1 108 ? -14.894 -9.960  -4.056  1.00 16.31 ? 108  LYS A CG    1 
ATOM   700  C CD    . LYS A 1 108 ? -13.846 -11.048 -3.896  1.00 17.96 ? 108  LYS A CD    1 
ATOM   701  C CE    . LYS A 1 108 ? -14.493 -12.326 -3.354  1.00 25.34 ? 108  LYS A CE    1 
ATOM   702  N NZ    . LYS A 1 108 ? -13.561 -13.483 -3.211  1.00 24.55 ? 108  LYS A NZ    1 
ATOM   703  N N     . ARG A 1 109 ? -14.166 -8.387  -1.458  1.00 16.85 ? 109  ARG A N     1 
ATOM   704  C CA    . ARG A 1 109 ? -14.912 -8.355  -0.204  1.00 19.78 ? 109  ARG A CA    1 
ATOM   705  C C     . ARG A 1 109 ? -14.239 -7.510  0.875   1.00 19.42 ? 109  ARG A C     1 
ATOM   706  O O     . ARG A 1 109 ? -14.704 -7.476  2.013   1.00 19.30 ? 109  ARG A O     1 
ATOM   707  C CB    . ARG A 1 109 ? -15.112 -9.778  0.320   1.00 23.45 ? 109  ARG A CB    1 
ATOM   708  C CG    . ARG A 1 109 ? -16.112 -10.590 -0.491  1.00 27.15 ? 109  ARG A CG    1 
ATOM   709  C CD    . ARG A 1 109 ? -16.395 -11.925 0.166   1.00 33.81 ? 109  ARG A CD    1 
ATOM   710  N NE    . ARG A 1 109 ? -15.359 -12.914 -0.116  1.00 39.07 ? 109  ARG A NE    1 
ATOM   711  C CZ    . ARG A 1 109 ? -15.578 -14.043 -0.785  1.00 42.62 ? 109  ARG A CZ    1 
ATOM   712  N NH1   . ARG A 1 109 ? -14.584 -14.895 -1.003  1.00 45.71 ? 109  ARG A NH1   1 
ATOM   713  N NH2   . ARG A 1 109 ? -16.795 -14.323 -1.239  1.00 44.10 ? 109  ARG A NH2   1 
ATOM   714  N N     . GLY A 1 110 ? -13.162 -6.816  0.511   1.00 18.97 ? 110  GLY A N     1 
ATOM   715  C CA    . GLY A 1 110 ? -12.437 -6.013  1.485   1.00 18.61 ? 110  GLY A CA    1 
ATOM   716  C C     . GLY A 1 110 ? -12.666 -4.512  1.474   1.00 19.73 ? 110  GLY A C     1 
ATOM   717  O O     . GLY A 1 110 ? -13.730 -4.019  1.084   1.00 16.34 ? 110  GLY A O     1 
ATOM   718  N N     . GLY A 1 111 ? -11.647 -3.784  1.919   1.00 18.41 ? 111  GLY A N     1 
ATOM   719  C CA    . GLY A 1 111 ? -11.725 -2.336  1.981   1.00 17.54 ? 111  GLY A CA    1 
ATOM   720  C C     . GLY A 1 111 ? -10.344 -1.733  2.154   1.00 16.43 ? 111  GLY A C     1 
ATOM   721  O O     . GLY A 1 111 ? -9.336  -2.422  1.968   1.00 15.63 ? 111  GLY A O     1 
ATOM   722  N N     . ARG A 1 112 ? -10.288 -0.456  2.521   1.00 15.33 ? 112  ARG A N     1 
ATOM   723  C CA    . ARG A 1 112 ? -9.012  0.229   2.700   1.00 14.75 ? 112  ARG A CA    1 
ATOM   724  C C     . ARG A 1 112 ? -9.023  1.276   3.820   1.00 14.65 ? 112  ARG A C     1 
ATOM   725  O O     . ARG A 1 112 ? -10.050 1.913   4.072   1.00 13.93 ? 112  ARG A O     1 
ATOM   726  C CB    . ARG A 1 112 ? -8.623  0.937   1.396   1.00 14.88 ? 112  ARG A CB    1 
ATOM   727  C CG    . ARG A 1 112 ? -9.612  2.042   1.008   1.00 15.10 ? 112  ARG A CG    1 
ATOM   728  C CD    . ARG A 1 112 ? -9.156  2.859   -0.192  1.00 15.97 ? 112  ARG A CD    1 
ATOM   729  N NE    . ARG A 1 112 ? -10.104 3.930   -0.494  1.00 15.41 ? 112  ARG A NE    1 
ATOM   730  C CZ    . ARG A 1 112 ? -9.947  4.840   -1.454  1.00 18.46 ? 112  ARG A CZ    1 
ATOM   731  N NH1   . ARG A 1 112 ? -10.878 5.772   -1.645  1.00 17.48 ? 112  ARG A NH1   1 
ATOM   732  N NH2   . ARG A 1 112 ? -8.866  4.830   -2.224  1.00 15.77 ? 112  ARG A NH2   1 
ATOM   733  N N     . TRP A 1 113 ? -7.883  1.430   4.494   1.00 13.38 ? 113  TRP A N     1 
ATOM   734  C CA    . TRP A 1 113 ? -7.730  2.465   5.517   1.00 15.57 ? 113  TRP A CA    1 
ATOM   735  C C     . TRP A 1 113 ? -7.147  3.614   4.699   1.00 17.10 ? 113  TRP A C     1 
ATOM   736  O O     . TRP A 1 113 ? -6.052  3.492   4.142   1.00 17.10 ? 113  TRP A O     1 
ATOM   737  C CB    . TRP A 1 113 ? -6.739  2.050   6.609   1.00 15.71 ? 113  TRP A CB    1 
ATOM   738  C CG    . TRP A 1 113 ? -7.356  1.231   7.704   1.00 16.32 ? 113  TRP A CG    1 
ATOM   739  C CD1   . TRP A 1 113 ? -7.178  -0.105  7.930   1.00 18.91 ? 113  TRP A CD1   1 
ATOM   740  C CD2   . TRP A 1 113 ? -8.277  1.690   8.706   1.00 16.56 ? 113  TRP A CD2   1 
ATOM   741  N NE1   . TRP A 1 113 ? -7.933  -0.507  9.011   1.00 18.59 ? 113  TRP A NE1   1 
ATOM   742  C CE2   . TRP A 1 113 ? -8.618  0.572   9.505   1.00 17.93 ? 113  TRP A CE2   1 
ATOM   743  C CE3   . TRP A 1 113 ? -8.851  2.935   9.005   1.00 17.13 ? 113  TRP A CE3   1 
ATOM   744  C CZ2   . TRP A 1 113 ? -9.509  0.662   10.586  1.00 17.07 ? 113  TRP A CZ2   1 
ATOM   745  C CZ3   . TRP A 1 113 ? -9.742  3.027   10.083  1.00 16.16 ? 113  TRP A CZ3   1 
ATOM   746  C CH2   . TRP A 1 113 ? -10.059 1.893   10.858  1.00 17.04 ? 113  TRP A CH2   1 
ATOM   747  N N     . LEU A 1 114 ? -7.881  4.718   4.615   1.00 16.13 ? 114  LEU A N     1 
ATOM   748  C CA    . LEU A 1 114 ? -7.458  5.857   3.809   1.00 16.34 ? 114  LEU A CA    1 
ATOM   749  C C     . LEU A 1 114 ? -6.742  6.975   4.566   1.00 16.84 ? 114  LEU A C     1 
ATOM   750  O O     . LEU A 1 114 ? -7.205  7.437   5.609   1.00 16.23 ? 114  LEU A O     1 
ATOM   751  C CB    . LEU A 1 114 ? -8.679  6.432   3.075   1.00 17.38 ? 114  LEU A CB    1 
ATOM   752  C CG    . LEU A 1 114 ? -8.488  7.534   2.024   1.00 17.27 ? 114  LEU A CG    1 
ATOM   753  C CD1   . LEU A 1 114 ? -7.737  6.987   0.818   1.00 15.32 ? 114  LEU A CD1   1 
ATOM   754  C CD2   . LEU A 1 114 ? -9.845  8.060   1.595   1.00 16.38 ? 114  LEU A CD2   1 
ATOM   755  N N     . ILE A 1 115 ? -5.608  7.398   4.016   1.00 17.71 ? 115  ILE A N     1 
ATOM   756  C CA    . ILE A 1 115 ? -4.809  8.483   4.577   1.00 15.63 ? 115  ILE A CA    1 
ATOM   757  C C     . ILE A 1 115 ? -4.997  9.627   3.583   1.00 17.36 ? 115  ILE A C     1 
ATOM   758  O O     . ILE A 1 115 ? -4.534  9.540   2.444   1.00 16.33 ? 115  ILE A O     1 
ATOM   759  C CB    . ILE A 1 115 ? -3.304  8.111   4.629   1.00 14.87 ? 115  ILE A CB    1 
ATOM   760  C CG1   . ILE A 1 115 ? -3.103  6.826   5.438   1.00 13.74 ? 115  ILE A CG1   1 
ATOM   761  C CG2   . ILE A 1 115 ? -2.503  9.254   5.250   1.00 15.76 ? 115  ILE A CG2   1 
ATOM   762  C CD1   . ILE A 1 115 ? -3.562  6.834   6.923   1.00 22.43 ? 115  ILE A CD1   1 
ATOM   763  N N     . THR A 1 116 ? -5.692  10.682  3.994   1.00 16.32 ? 116  THR A N     1 
ATOM   764  C CA    . THR A 1 116 ? -5.926  11.819  3.104   1.00 18.43 ? 116  THR A CA    1 
ATOM   765  C C     . THR A 1 116 ? -4.976  12.963  3.444   1.00 18.82 ? 116  THR A C     1 
ATOM   766  O O     . THR A 1 116 ? -5.012  13.500  4.553   1.00 19.41 ? 116  THR A O     1 
ATOM   767  C CB    . THR A 1 116 ? -7.379  12.324  3.211   1.00 18.24 ? 116  THR A CB    1 
ATOM   768  O OG1   . THR A 1 116 ? -7.668  12.660  4.572   1.00 20.68 ? 116  THR A OG1   1 
ATOM   769  C CG2   . THR A 1 116 ? -8.353  11.249  2.740   1.00 18.47 ? 116  THR A CG2   1 
ATOM   770  N N     . LEU A 1 117 ? -4.132  13.330  2.485   1.00 17.10 ? 117  LEU A N     1 
ATOM   771  C CA    . LEU A 1 117 ? -3.151  14.396  2.676   1.00 17.52 ? 117  LEU A CA    1 
ATOM   772  C C     . LEU A 1 117 ? -3.574  15.720  2.040   1.00 19.06 ? 117  LEU A C     1 
ATOM   773  O O     . LEU A 1 117 ? -4.308  15.743  1.044   1.00 17.69 ? 117  LEU A O     1 
ATOM   774  C CB    . LEU A 1 117 ? -1.804  13.964  2.083   1.00 15.71 ? 117  LEU A CB    1 
ATOM   775  C CG    . LEU A 1 117 ? -1.274  12.601  2.546   1.00 16.05 ? 117  LEU A CG    1 
ATOM   776  C CD1   . LEU A 1 117 ? 0.007   12.254  1.804   1.00 16.99 ? 117  LEU A CD1   1 
ATOM   777  C CD2   . LEU A 1 117 ? -1.034  12.633  4.039   1.00 14.20 ? 117  LEU A CD2   1 
ATOM   778  N N     . ASN A 1 118 ? -3.101  16.825  2.614   1.00 19.52 ? 118  ASN A N     1 
ATOM   779  C CA    . ASN A 1 118 ? -3.412  18.145  2.077   1.00 20.34 ? 118  ASN A CA    1 
ATOM   780  C C     . ASN A 1 118 ? -2.288  18.524  1.119   1.00 20.14 ? 118  ASN A C     1 
ATOM   781  O O     . ASN A 1 118 ? -1.248  17.861  1.096   1.00 19.35 ? 118  ASN A O     1 
ATOM   782  C CB    . ASN A 1 118 ? -3.542  19.187  3.203   1.00 21.13 ? 118  ASN A CB    1 
ATOM   783  C CG    . ASN A 1 118 ? -2.285  19.312  4.042   1.00 22.66 ? 118  ASN A CG    1 
ATOM   784  O OD1   . ASN A 1 118 ? -1.177  19.421  3.515   1.00 19.55 ? 118  ASN A OD1   1 
ATOM   785  N ND2   . ASN A 1 118 ? -2.454  19.312  5.365   1.00 23.98 ? 118  ASN A ND2   1 
ATOM   786  N N     . LYS A 1 119 ? -2.494  19.575  0.328   1.00 19.65 ? 119  LYS A N     1 
ATOM   787  C CA    . LYS A 1 119 ? -1.492  20.003  -0.648  1.00 20.57 ? 119  LYS A CA    1 
ATOM   788  C C     . LYS A 1 119 ? -0.112  20.282  -0.067  1.00 20.63 ? 119  LYS A C     1 
ATOM   789  O O     . LYS A 1 119 ? 0.894   20.118  -0.760  1.00 20.32 ? 119  LYS A O     1 
ATOM   790  C CB    . LYS A 1 119 ? -1.983  21.232  -1.420  1.00 21.47 ? 119  LYS A CB    1 
ATOM   791  C CG    . LYS A 1 119 ? -3.152  20.931  -2.345  1.00 25.57 ? 119  LYS A CG    1 
ATOM   792  C CD    . LYS A 1 119 ? -3.579  22.146  -3.156  1.00 26.93 ? 119  LYS A CD    1 
ATOM   793  C CE    . LYS A 1 119 ? -4.722  21.791  -4.092  1.00 28.42 ? 119  LYS A CE    1 
ATOM   794  N NZ    . LYS A 1 119 ? -5.209  22.963  -4.869  1.00 35.16 ? 119  LYS A NZ    1 
ATOM   795  N N     . GLN A 1 120 ? -0.052  20.701  1.194   1.00 19.10 ? 120  GLN A N     1 
ATOM   796  C CA    . GLN A 1 120 ? 1.236   20.984  1.823   1.00 20.55 ? 120  GLN A CA    1 
ATOM   797  C C     . GLN A 1 120 ? 1.987   19.697  2.163   1.00 20.52 ? 120  GLN A C     1 
ATOM   798  O O     . GLN A 1 120 ? 3.214   19.668  2.148   1.00 21.35 ? 120  GLN A O     1 
ATOM   799  C CB    . GLN A 1 120 ? 1.057   21.819  3.097   1.00 18.08 ? 120  GLN A CB    1 
ATOM   800  C CG    . GLN A 1 120 ? 0.524   23.226  2.853   1.00 21.26 ? 120  GLN A CG    1 
ATOM   801  C CD    . GLN A 1 120 ? -0.946  23.235  2.495   1.00 22.46 ? 120  GLN A CD    1 
ATOM   802  O OE1   . GLN A 1 120 ? -1.370  23.937  1.573   1.00 25.17 ? 120  GLN A OE1   1 
ATOM   803  N NE2   . GLN A 1 120 ? -1.737  22.457  3.224   1.00 19.37 ? 120  GLN A NE2   1 
ATOM   804  N N     . GLN A 1 121 ? 1.241   18.635  2.453   1.00 19.52 ? 121  GLN A N     1 
ATOM   805  C CA    . GLN A 1 121 ? 1.843   17.354  2.807   1.00 20.31 ? 121  GLN A CA    1 
ATOM   806  C C     . GLN A 1 121 ? 2.581   16.641  1.669   1.00 20.25 ? 121  GLN A C     1 
ATOM   807  O O     . GLN A 1 121 ? 3.312   15.683  1.912   1.00 19.44 ? 121  GLN A O     1 
ATOM   808  C CB    . GLN A 1 121 ? 0.779   16.440  3.430   1.00 18.91 ? 121  GLN A CB    1 
ATOM   809  C CG    . GLN A 1 121 ? 0.463   16.829  4.873   1.00 20.13 ? 121  GLN A CG    1 
ATOM   810  C CD    . GLN A 1 121 ? -0.644  16.002  5.495   1.00 19.55 ? 121  GLN A CD    1 
ATOM   811  O OE1   . GLN A 1 121 ? -1.804  16.120  5.119   1.00 18.10 ? 121  GLN A OE1   1 
ATOM   812  N NE2   . GLN A 1 121 ? -0.285  15.159  6.455   1.00 19.58 ? 121  GLN A NE2   1 
ATOM   813  N N     . ARG A 1 122 ? 2.395   17.108  0.438   1.00 20.83 ? 122  ARG A N     1 
ATOM   814  C CA    . ARG A 1 122 ? 3.087   16.522  -0.717  1.00 21.77 ? 122  ARG A CA    1 
ATOM   815  C C     . ARG A 1 122 ? 4.593   16.626  -0.430  1.00 23.53 ? 122  ARG A C     1 
ATOM   816  O O     . ARG A 1 122 ? 5.349   15.662  -0.596  1.00 23.14 ? 122  ARG A O     1 
ATOM   817  C CB    . ARG A 1 122 ? 2.723   17.311  -1.990  1.00 20.75 ? 122  ARG A CB    1 
ATOM   818  C CG    . ARG A 1 122 ? 3.635   17.121  -3.214  1.00 23.21 ? 122  ARG A CG    1 
ATOM   819  C CD    . ARG A 1 122 ? 3.421   15.799  -3.934  1.00 21.68 ? 122  ARG A CD    1 
ATOM   820  N NE    . ARG A 1 122 ? 2.067   15.645  -4.467  1.00 23.11 ? 122  ARG A NE    1 
ATOM   821  C CZ    . ARG A 1 122 ? 1.630   16.179  -5.602  1.00 22.14 ? 122  ARG A CZ    1 
ATOM   822  N NH1   . ARG A 1 122 ? 2.435   16.919  -6.356  1.00 22.55 ? 122  ARG A NH1   1 
ATOM   823  N NH2   . ARG A 1 122 ? 0.379   15.970  -5.987  1.00 21.03 ? 122  ARG A NH2   1 
ATOM   824  N N     . ARG A 1 123 ? 5.001   17.806  0.031   1.00 22.55 ? 123  ARG A N     1 
ATOM   825  C CA    . ARG A 1 123 ? 6.390   18.096  0.362   1.00 21.24 ? 123  ARG A CA    1 
ATOM   826  C C     . ARG A 1 123 ? 6.825   17.536  1.716   1.00 21.32 ? 123  ARG A C     1 
ATOM   827  O O     . ARG A 1 123 ? 7.903   16.960  1.838   1.00 20.38 ? 123  ARG A O     1 
ATOM   828  C CB    . ARG A 1 123 ? 6.610   19.613  0.363   1.00 22.77 ? 123  ARG A CB    1 
ATOM   829  C CG    . ARG A 1 123 ? 7.705   20.097  1.319   1.00 23.71 ? 123  ARG A CG    1 
ATOM   830  C CD    . ARG A 1 123 ? 7.779   21.621  1.372   1.00 26.03 ? 123  ARG A CD    1 
ATOM   831  N NE    . ARG A 1 123 ? 8.816   22.101  2.287   1.00 29.12 ? 123  ARG A NE    1 
ATOM   832  C CZ    . ARG A 1 123 ? 8.685   22.188  3.608   1.00 28.67 ? 123  ARG A CZ    1 
ATOM   833  N NH1   . ARG A 1 123 ? 7.549   21.832  4.196   1.00 27.28 ? 123  ARG A NH1   1 
ATOM   834  N NH2   . ARG A 1 123 ? 9.698   22.629  4.346   1.00 31.35 ? 123  ARG A NH2   1 
ATOM   835  N N     . SER A 1 124 ? 5.980   17.698  2.726   1.00 20.63 ? 124  SER A N     1 
ATOM   836  C CA    . SER A 1 124 ? 6.320   17.260  4.075   1.00 20.78 ? 124  SER A CA    1 
ATOM   837  C C     . SER A 1 124 ? 6.153   15.792  4.476   1.00 22.55 ? 124  SER A C     1 
ATOM   838  O O     . SER A 1 124 ? 7.016   15.247  5.166   1.00 24.10 ? 124  SER A O     1 
ATOM   839  C CB    . SER A 1 124 ? 5.570   18.126  5.092   1.00 22.04 ? 124  SER A CB    1 
ATOM   840  O OG    . SER A 1 124 ? 4.170   17.945  4.981   1.00 21.92 ? 124  SER A OG    1 
ATOM   841  N N     . ASP A 1 125 ? 5.067   15.142  4.067   1.00 20.47 ? 125  ASP A N     1 
ATOM   842  C CA    . ASP A 1 125 ? 4.851   13.766  4.505   1.00 18.50 ? 125  ASP A CA    1 
ATOM   843  C C     . ASP A 1 125 ? 4.646   12.668  3.467   1.00 17.01 ? 125  ASP A C     1 
ATOM   844  O O     . ASP A 1 125 ? 4.875   11.499  3.766   1.00 16.19 ? 125  ASP A O     1 
ATOM   845  C CB    . ASP A 1 125 ? 3.652   13.708  5.468   1.00 20.70 ? 125  ASP A CB    1 
ATOM   846  C CG    . ASP A 1 125 ? 3.735   14.733  6.592   1.00 23.42 ? 125  ASP A CG    1 
ATOM   847  O OD1   . ASP A 1 125 ? 4.853   14.992  7.096   1.00 20.08 ? 125  ASP A OD1   1 
ATOM   848  O OD2   . ASP A 1 125 ? 2.668   15.263  6.981   1.00 21.04 ? 125  ASP A OD2   1 
ATOM   849  N N     . LEU A 1 126 ? 4.216   13.016  2.262   1.00 15.71 ? 126  LEU A N     1 
ATOM   850  C CA    . LEU A 1 126 ? 3.946   11.987  1.257   1.00 15.54 ? 126  LEU A CA    1 
ATOM   851  C C     . LEU A 1 126 ? 5.012   10.912  1.097   1.00 16.83 ? 126  LEU A C     1 
ATOM   852  O O     . LEU A 1 126 ? 4.738   9.713   1.240   1.00 16.84 ? 126  LEU A O     1 
ATOM   853  C CB    . LEU A 1 126 ? 3.681   12.622  -0.111  1.00 15.04 ? 126  LEU A CB    1 
ATOM   854  C CG    . LEU A 1 126 ? 3.415   11.619  -1.248  1.00 12.99 ? 126  LEU A CG    1 
ATOM   855  C CD1   . LEU A 1 126 ? 2.104   10.851  -0.988  1.00 11.86 ? 126  LEU A CD1   1 
ATOM   856  C CD2   . LEU A 1 126 ? 3.344   12.359  -2.578  1.00 10.10 ? 126  LEU A CD2   1 
ATOM   857  N N     . ASP A 1 127 ? 6.227   11.336  0.785   1.00 15.31 ? 127  ASP A N     1 
ATOM   858  C CA    . ASP A 1 127 ? 7.308   10.388  0.568   1.00 14.58 ? 127  ASP A CA    1 
ATOM   859  C C     . ASP A 1 127 ? 7.691   9.582   1.804   1.00 14.66 ? 127  ASP A C     1 
ATOM   860  O O     . ASP A 1 127 ? 7.923   8.378   1.712   1.00 14.42 ? 127  ASP A O     1 
ATOM   861  C CB    . ASP A 1 127 ? 8.518   11.129  0.002   1.00 14.25 ? 127  ASP A CB    1 
ATOM   862  C CG    . ASP A 1 127 ? 8.243   11.707  -1.377  1.00 16.64 ? 127  ASP A CG    1 
ATOM   863  O OD1   . ASP A 1 127 ? 8.920   12.682  -1.767  1.00 16.16 ? 127  ASP A OD1   1 
ATOM   864  O OD2   . ASP A 1 127 ? 7.353   11.176  -2.083  1.00 14.68 ? 127  ASP A OD2   1 
ATOM   865  N N     . ARG A 1 128 ? 7.756   10.216  2.968   1.00 13.07 ? 128  ARG A N     1 
ATOM   866  C CA    . ARG A 1 128 ? 8.126   9.448   4.150   1.00 15.32 ? 128  ARG A CA    1 
ATOM   867  C C     . ARG A 1 128 ? 6.991   8.520   4.582   1.00 15.83 ? 128  ARG A C     1 
ATOM   868  O O     . ARG A 1 128 ? 7.242   7.426   5.084   1.00 16.75 ? 128  ARG A O     1 
ATOM   869  C CB    . ARG A 1 128 ? 8.566   10.374  5.295   1.00 17.42 ? 128  ARG A CB    1 
ATOM   870  C CG    . ARG A 1 128 ? 7.522   11.321  5.828   1.00 20.22 ? 128  ARG A CG    1 
ATOM   871  C CD    . ARG A 1 128 ? 8.183   12.433  6.645   1.00 23.63 ? 128  ARG A CD    1 
ATOM   872  N NE    . ARG A 1 128 ? 7.197   13.189  7.407   1.00 24.51 ? 128  ARG A NE    1 
ATOM   873  C CZ    . ARG A 1 128 ? 6.621   12.743  8.517   1.00 26.92 ? 128  ARG A CZ    1 
ATOM   874  N NH1   . ARG A 1 128 ? 5.721   13.488  9.143   1.00 28.33 ? 128  ARG A NH1   1 
ATOM   875  N NH2   . ARG A 1 128 ? 6.964   11.560  9.016   1.00 27.28 ? 128  ARG A NH2   1 
ATOM   876  N N     . PHE A 1 129 ? 5.747   8.944   4.363   1.00 16.13 ? 129  PHE A N     1 
ATOM   877  C CA    . PHE A 1 129 ? 4.587   8.114   4.701   1.00 17.28 ? 129  PHE A CA    1 
ATOM   878  C C     . PHE A 1 129 ? 4.533   6.890   3.779   1.00 16.69 ? 129  PHE A C     1 
ATOM   879  O O     . PHE A 1 129 ? 4.236   5.776   4.219   1.00 17.67 ? 129  PHE A O     1 
ATOM   880  C CB    . PHE A 1 129 ? 3.278   8.904   4.549   1.00 14.41 ? 129  PHE A CB    1 
ATOM   881  C CG    . PHE A 1 129 ? 2.921   9.761   5.747   1.00 17.53 ? 129  PHE A CG    1 
ATOM   882  C CD1   . PHE A 1 129 ? 1.719   10.470  5.772   1.00 17.35 ? 129  PHE A CD1   1 
ATOM   883  C CD2   . PHE A 1 129 ? 3.775   9.861   6.840   1.00 18.33 ? 129  PHE A CD2   1 
ATOM   884  C CE1   . PHE A 1 129 ? 1.373   11.268  6.868   1.00 17.54 ? 129  PHE A CE1   1 
ATOM   885  C CE2   . PHE A 1 129 ? 3.438   10.659  7.946   1.00 19.85 ? 129  PHE A CE2   1 
ATOM   886  C CZ    . PHE A 1 129 ? 2.237   11.361  7.957   1.00 16.35 ? 129  PHE A CZ    1 
ATOM   887  N N     . TRP A 1 130 ? 4.801   7.097   2.494   1.00 14.38 ? 130  TRP A N     1 
ATOM   888  C CA    . TRP A 1 130 ? 4.767   5.983   1.557   1.00 14.35 ? 130  TRP A CA    1 
ATOM   889  C C     . TRP A 1 130 ? 5.866   4.965   1.883   1.00 14.85 ? 130  TRP A C     1 
ATOM   890  O O     . TRP A 1 130 ? 5.609   3.761   1.904   1.00 16.72 ? 130  TRP A O     1 
ATOM   891  C CB    . TRP A 1 130 ? 4.912   6.487   0.115   1.00 13.66 ? 130  TRP A CB    1 
ATOM   892  C CG    . TRP A 1 130 ? 4.902   5.381   -0.906  1.00 14.00 ? 130  TRP A CG    1 
ATOM   893  C CD1   . TRP A 1 130 ? 5.900   5.072   -1.786  1.00 13.45 ? 130  TRP A CD1   1 
ATOM   894  C CD2   . TRP A 1 130 ? 3.850   4.431   -1.142  1.00 12.56 ? 130  TRP A CD2   1 
ATOM   895  N NE1   . TRP A 1 130 ? 5.537   3.990   -2.558  1.00 14.66 ? 130  TRP A NE1   1 
ATOM   896  C CE2   . TRP A 1 130 ? 4.284   3.576   -2.183  1.00 13.38 ? 130  TRP A CE2   1 
ATOM   897  C CE3   . TRP A 1 130 ? 2.585   4.219   -0.577  1.00 13.58 ? 130  TRP A CE3   1 
ATOM   898  C CZ2   . TRP A 1 130 ? 3.498   2.523   -2.673  1.00 14.27 ? 130  TRP A CZ2   1 
ATOM   899  C CZ3   . TRP A 1 130 ? 1.795   3.164   -1.068  1.00 14.02 ? 130  TRP A CZ3   1 
ATOM   900  C CH2   . TRP A 1 130 ? 2.259   2.334   -2.105  1.00 14.61 ? 130  TRP A CH2   1 
ATOM   901  N N     . LEU A 1 131 ? 7.083   5.432   2.151   1.00 14.23 ? 131  LEU A N     1 
ATOM   902  C CA    . LEU A 1 131 ? 8.163   4.495   2.475   1.00 15.84 ? 131  LEU A CA    1 
ATOM   903  C C     . LEU A 1 131 ? 7.848   3.699   3.738   1.00 15.95 ? 131  LEU A C     1 
ATOM   904  O O     . LEU A 1 131 ? 8.133   2.504   3.805   1.00 15.79 ? 131  LEU A O     1 
ATOM   905  C CB    . LEU A 1 131 ? 9.512   5.220   2.644   1.00 15.67 ? 131  LEU A CB    1 
ATOM   906  C CG    . LEU A 1 131 ? 10.705  4.323   3.028   1.00 13.68 ? 131  LEU A CG    1 
ATOM   907  C CD1   . LEU A 1 131 ? 10.866  3.201   2.013   1.00 13.78 ? 131  LEU A CD1   1 
ATOM   908  C CD2   . LEU A 1 131 ? 11.987  5.142   3.097   1.00 16.40 ? 131  LEU A CD2   1 
ATOM   909  N N     . GLU A 1 132 ? 7.259   4.354   4.739   1.00 16.43 ? 132  GLU A N     1 
ATOM   910  C CA    . GLU A 1 132 ? 6.916   3.666   5.980   1.00 17.45 ? 132  GLU A CA    1 
ATOM   911  C C     . GLU A 1 132 ? 5.844   2.624   5.685   1.00 17.13 ? 132  GLU A C     1 
ATOM   912  O O     . GLU A 1 132 ? 5.813   1.558   6.302   1.00 17.01 ? 132  GLU A O     1 
ATOM   913  C CB    . GLU A 1 132 ? 6.403   4.656   7.035   1.00 19.10 ? 132  GLU A CB    1 
ATOM   914  C CG    . GLU A 1 132 ? 5.996   3.998   8.348   1.00 22.62 ? 132  GLU A CG    1 
ATOM   915  C CD    . GLU A 1 132 ? 7.157   3.318   9.073   1.00 27.45 ? 132  GLU A CD    1 
ATOM   916  O OE1   . GLU A 1 132 ? 6.898   2.596   10.062  1.00 28.45 ? 132  GLU A OE1   1 
ATOM   917  O OE2   . GLU A 1 132 ? 8.327   3.505   8.669   1.00 27.13 ? 132  GLU A OE2   1 
ATOM   918  N N     . THR A 1 133 ? 4.962   2.945   4.742   1.00 15.79 ? 133  THR A N     1 
ATOM   919  C CA    . THR A 1 133 ? 3.902   2.025   4.343   1.00 15.44 ? 133  THR A CA    1 
ATOM   920  C C     . THR A 1 133 ? 4.543   0.796   3.689   1.00 15.98 ? 133  THR A C     1 
ATOM   921  O O     . THR A 1 133 ? 4.194   -0.339  4.003   1.00 14.17 ? 133  THR A O     1 
ATOM   922  C CB    . THR A 1 133 ? 2.930   2.699   3.346   1.00 15.78 ? 133  THR A CB    1 
ATOM   923  O OG1   . THR A 1 133 ? 2.314   3.827   3.981   1.00 14.13 ? 133  THR A OG1   1 
ATOM   924  C CG2   . THR A 1 133 ? 1.833   1.724   2.909   1.00 15.76 ? 133  THR A CG2   1 
ATOM   925  N N     . LEU A 1 134 ? 5.490   1.033   2.783   1.00 15.63 ? 134  LEU A N     1 
ATOM   926  C CA    . LEU A 1 134 ? 6.183   -0.062  2.112   1.00 15.33 ? 134  LEU A CA    1 
ATOM   927  C C     . LEU A 1 134 ? 6.867   -0.965  3.142   1.00 15.91 ? 134  LEU A C     1 
ATOM   928  O O     . LEU A 1 134 ? 6.788   -2.195  3.059   1.00 15.92 ? 134  LEU A O     1 
ATOM   929  C CB    . LEU A 1 134 ? 7.228   0.492   1.130   1.00 13.45 ? 134  LEU A CB    1 
ATOM   930  C CG    . LEU A 1 134 ? 6.704   1.232   -0.106  1.00 11.12 ? 134  LEU A CG    1 
ATOM   931  C CD1   . LEU A 1 134 ? 7.846   1.933   -0.823  1.00 12.53 ? 134  LEU A CD1   1 
ATOM   932  C CD2   . LEU A 1 134 ? 6.007   0.245   -1.028  1.00 13.97 ? 134  LEU A CD2   1 
ATOM   933  N N     . LEU A 1 135 ? 7.526   -0.346  4.120   1.00 14.78 ? 135  LEU A N     1 
ATOM   934  C CA    . LEU A 1 135 ? 8.229   -1.085  5.160   1.00 16.11 ? 135  LEU A CA    1 
ATOM   935  C C     . LEU A 1 135 ? 7.284   -1.877  6.064   1.00 16.75 ? 135  LEU A C     1 
ATOM   936  O O     . LEU A 1 135 ? 7.626   -2.969  6.516   1.00 15.85 ? 135  LEU A O     1 
ATOM   937  C CB    . LEU A 1 135 ? 9.091   -0.130  5.989   1.00 17.49 ? 135  LEU A CB    1 
ATOM   938  C CG    . LEU A 1 135 ? 10.234  0.535   5.207   1.00 18.53 ? 135  LEU A CG    1 
ATOM   939  C CD1   . LEU A 1 135 ? 11.069  1.391   6.147   1.00 18.55 ? 135  LEU A CD1   1 
ATOM   940  C CD2   . LEU A 1 135 ? 11.109  -0.537  4.549   1.00 17.57 ? 135  LEU A CD2   1 
ATOM   941  N N     . CYS A 1 136 ? 6.100   -1.328  6.326   1.00 15.66 ? 136  CYS A N     1 
ATOM   942  C CA    . CYS A 1 136 ? 5.111   -2.017  7.154   1.00 15.77 ? 136  CYS A CA    1 
ATOM   943  C C     . CYS A 1 136 ? 4.656   -3.284  6.447   1.00 15.33 ? 136  CYS A C     1 
ATOM   944  O O     . CYS A 1 136 ? 4.462   -4.322  7.079   1.00 17.46 ? 136  CYS A O     1 
ATOM   945  C CB    . CYS A 1 136 ? 3.892   -1.122  7.411   1.00 17.91 ? 136  CYS A CB    1 
ATOM   946  S SG    . CYS A 1 136 ? 4.137   0.128   8.700   1.00 19.47 ? 136  CYS A SG    1 
ATOM   947  N N     . LEU A 1 137 ? 4.478   -3.189  5.132   1.00 14.89 ? 137  LEU A N     1 
ATOM   948  C CA    . LEU A 1 137 ? 4.047   -4.333  4.331   1.00 14.39 ? 137  LEU A CA    1 
ATOM   949  C C     . LEU A 1 137 ? 5.100   -5.440  4.259   1.00 16.61 ? 137  LEU A C     1 
ATOM   950  O O     . LEU A 1 137 ? 4.859   -6.569  4.696   1.00 16.70 ? 137  LEU A O     1 
ATOM   951  C CB    . LEU A 1 137 ? 3.699   -3.892  2.897   1.00 13.69 ? 137  LEU A CB    1 
ATOM   952  C CG    . LEU A 1 137 ? 2.443   -3.065  2.624   1.00 14.90 ? 137  LEU A CG    1 
ATOM   953  C CD1   . LEU A 1 137 ? 2.398   -2.692  1.143   1.00 16.55 ? 137  LEU A CD1   1 
ATOM   954  C CD2   . LEU A 1 137 ? 1.201   -3.859  2.998   1.00 17.69 ? 137  LEU A CD2   1 
ATOM   955  N N     . ILE A 1 138 ? 6.272   -5.117  3.712   1.00 16.68 ? 138  ILE A N     1 
ATOM   956  C CA    . ILE A 1 138 ? 7.317   -6.119  3.554   1.00 16.83 ? 138  ILE A CA    1 
ATOM   957  C C     . ILE A 1 138 ? 7.907   -6.619  4.867   1.00 17.74 ? 138  ILE A C     1 
ATOM   958  O O     . ILE A 1 138 ? 8.461   -7.716  4.928   1.00 18.26 ? 138  ILE A O     1 
ATOM   959  C CB    . ILE A 1 138 ? 8.449   -5.610  2.624   1.00 16.71 ? 138  ILE A CB    1 
ATOM   960  C CG1   . ILE A 1 138 ? 9.239   -4.484  3.295   1.00 17.01 ? 138  ILE A CG1   1 
ATOM   961  C CG2   . ILE A 1 138 ? 7.844   -5.104  1.319   1.00 16.15 ? 138  ILE A CG2   1 
ATOM   962  C CD1   . ILE A 1 138 ? 10.583  -4.162  2.641   1.00 22.43 ? 138  ILE A CD1   1 
ATOM   963  N N     . GLY A 1 139 ? 7.767   -5.826  5.923   1.00 17.97 ? 139  GLY A N     1 
ATOM   964  C CA    . GLY A 1 139 ? 8.282   -6.236  7.215   1.00 17.72 ? 139  GLY A CA    1 
ATOM   965  C C     . GLY A 1 139 ? 7.222   -6.945  8.042   1.00 19.78 ? 139  GLY A C     1 
ATOM   966  O O     . GLY A 1 139 ? 7.460   -7.288  9.203   1.00 19.57 ? 139  GLY A O     1 
ATOM   967  N N     . GLU A 1 140 ? 6.055   -7.167  7.441   1.00 19.23 ? 140  GLU A N     1 
ATOM   968  C CA    . GLU A 1 140 ? 4.941   -7.836  8.114   1.00 20.97 ? 140  GLU A CA    1 
ATOM   969  C C     . GLU A 1 140 ? 4.674   -7.213  9.488   1.00 20.67 ? 140  GLU A C     1 
ATOM   970  O O     . GLU A 1 140 ? 4.534   -7.921  10.484  1.00 19.44 ? 140  GLU A O     1 
ATOM   971  C CB    . GLU A 1 140 ? 5.251   -9.328  8.275   1.00 21.60 ? 140  GLU A CB    1 
ATOM   972  C CG    . GLU A 1 140 ? 5.619   -10.060 6.981   1.00 24.22 ? 140  GLU A CG    1 
ATOM   973  C CD    . GLU A 1 140 ? 4.456   -10.192 6.005   1.00 25.45 ? 140  GLU A CD    1 
ATOM   974  O OE1   . GLU A 1 140 ? 3.346   -10.548 6.447   1.00 26.34 ? 140  GLU A OE1   1 
ATOM   975  O OE2   . GLU A 1 140 ? 4.657   -9.958  4.792   1.00 25.64 ? 140  GLU A OE2   1 
ATOM   976  N N     . SER A 1 141 ? 4.583   -5.887  9.530   1.00 20.11 ? 141  SER A N     1 
ATOM   977  C CA    . SER A 1 141 ? 4.363   -5.164  10.780  1.00 21.08 ? 141  SER A CA    1 
ATOM   978  C C     . SER A 1 141 ? 2.992   -5.362  11.435  1.00 21.33 ? 141  SER A C     1 
ATOM   979  O O     . SER A 1 141 ? 2.778   -4.929  12.569  1.00 16.50 ? 141  SER A O     1 
ATOM   980  C CB    . SER A 1 141 ? 4.601   -3.670  10.557  1.00 20.54 ? 141  SER A CB    1 
ATOM   981  O OG    . SER A 1 141 ? 5.926   -3.435  10.117  1.00 23.90 ? 141  SER A OG    1 
ATOM   982  N N     . PHE A 1 142 ? 2.068   -6.015  10.737  1.00 20.41 ? 142  PHE A N     1 
ATOM   983  C CA    . PHE A 1 142 ? 0.742   -6.229  11.297  1.00 21.57 ? 142  PHE A CA    1 
ATOM   984  C C     . PHE A 1 142 ? 0.606   -7.583  11.985  1.00 22.70 ? 142  PHE A C     1 
ATOM   985  O O     . PHE A 1 142 ? -0.493  -8.027  12.313  1.00 22.59 ? 142  PHE A O     1 
ATOM   986  C CB    . PHE A 1 142 ? -0.310  -6.031  10.207  1.00 22.01 ? 142  PHE A CB    1 
ATOM   987  C CG    . PHE A 1 142 ? -0.218  -4.683  9.544   1.00 19.56 ? 142  PHE A CG    1 
ATOM   988  C CD1   . PHE A 1 142 ? 0.202   -4.567  8.227   1.00 18.03 ? 142  PHE A CD1   1 
ATOM   989  C CD2   . PHE A 1 142 ? -0.482  -3.523  10.270  1.00 20.32 ? 142  PHE A CD2   1 
ATOM   990  C CE1   . PHE A 1 142 ? 0.365   -3.314  7.636   1.00 18.94 ? 142  PHE A CE1   1 
ATOM   991  C CE2   . PHE A 1 142 ? -0.324  -2.263  9.688   1.00 20.11 ? 142  PHE A CE2   1 
ATOM   992  C CZ    . PHE A 1 142 ? 0.101   -2.159  8.371   1.00 18.21 ? 142  PHE A CZ    1 
ATOM   993  N N     . ASP A 1 143 ? 1.755   -8.213  12.206  1.00 23.74 ? 143  ASP A N     1 
ATOM   994  C CA    . ASP A 1 143 ? 1.867   -9.494  12.901  1.00 24.88 ? 143  ASP A CA    1 
ATOM   995  C C     . ASP A 1 143 ? 0.762   -10.528 12.679  1.00 24.22 ? 143  ASP A C     1 
ATOM   996  O O     . ASP A 1 143 ? 0.602   -11.057 11.584  1.00 23.35 ? 143  ASP A O     1 
ATOM   997  C CB    . ASP A 1 143 ? 2.022   -9.222  14.401  1.00 26.71 ? 143  ASP A CB    1 
ATOM   998  C CG    . ASP A 1 143 ? 3.304   -8.463  14.730  1.00 31.33 ? 143  ASP A CG    1 
ATOM   999  O OD1   . ASP A 1 143 ? 3.398   -7.908  15.849  1.00 30.65 ? 143  ASP A OD1   1 
ATOM   1000 O OD2   . ASP A 1 143 ? 4.220   -8.426  13.875  1.00 30.94 ? 143  ASP A OD2   1 
ATOM   1001 N N     . ASP A 1 144 ? 0.019   -10.824 13.740  1.00 24.47 ? 144  ASP A N     1 
ATOM   1002 C CA    . ASP A 1 144 ? -1.057  -11.809 13.697  1.00 25.93 ? 144  ASP A CA    1 
ATOM   1003 C C     . ASP A 1 144 ? -2.080  -11.613 12.591  1.00 25.07 ? 144  ASP A C     1 
ATOM   1004 O O     . ASP A 1 144 ? -2.752  -12.565 12.190  1.00 25.01 ? 144  ASP A O     1 
ATOM   1005 C CB    . ASP A 1 144 ? -1.797  -11.836 15.034  1.00 30.75 ? 144  ASP A CB    1 
ATOM   1006 C CG    . ASP A 1 144 ? -1.003  -12.512 16.129  1.00 34.93 ? 144  ASP A CG    1 
ATOM   1007 O OD1   . ASP A 1 144 ? 0.170   -12.140 16.333  1.00 39.67 ? 144  ASP A OD1   1 
ATOM   1008 O OD2   . ASP A 1 144 ? -1.557  -13.414 16.790  1.00 37.18 ? 144  ASP A OD2   1 
ATOM   1009 N N     . TYR A 1 145 ? -2.214  -10.389 12.099  1.00 22.59 ? 145  TYR A N     1 
ATOM   1010 C CA    . TYR A 1 145 ? -3.204  -10.129 11.064  1.00 21.93 ? 145  TYR A CA    1 
ATOM   1011 C C     . TYR A 1 145 ? -2.620  -9.923  9.676   1.00 21.86 ? 145  TYR A C     1 
ATOM   1012 O O     . TYR A 1 145 ? -3.274  -9.358  8.796   1.00 20.76 ? 145  TYR A O     1 
ATOM   1013 C CB    . TYR A 1 145 ? -4.047  -8.919  11.464  1.00 22.11 ? 145  TYR A CB    1 
ATOM   1014 C CG    . TYR A 1 145 ? -4.539  -8.995  12.891  1.00 21.20 ? 145  TYR A CG    1 
ATOM   1015 C CD1   . TYR A 1 145 ? -3.831  -8.380  13.924  1.00 22.62 ? 145  TYR A CD1   1 
ATOM   1016 C CD2   . TYR A 1 145 ? -5.691  -9.706  13.214  1.00 20.82 ? 145  TYR A CD2   1 
ATOM   1017 C CE1   . TYR A 1 145 ? -4.256  -8.472  15.241  1.00 23.18 ? 145  TYR A CE1   1 
ATOM   1018 C CE2   . TYR A 1 145 ? -6.129  -9.803  14.532  1.00 22.46 ? 145  TYR A CE2   1 
ATOM   1019 C CZ    . TYR A 1 145 ? -5.405  -9.183  15.540  1.00 23.98 ? 145  TYR A CZ    1 
ATOM   1020 O OH    . TYR A 1 145 ? -5.826  -9.268  16.848  1.00 25.46 ? 145  TYR A OH    1 
ATOM   1021 N N     . SER A 1 146 ? -1.394  -10.397 9.480   1.00 21.26 ? 146  SER A N     1 
ATOM   1022 C CA    . SER A 1 146 ? -0.709  -10.262 8.200   1.00 20.82 ? 146  SER A CA    1 
ATOM   1023 C C     . SER A 1 146 ? -1.464  -10.865 7.023   1.00 21.22 ? 146  SER A C     1 
ATOM   1024 O O     . SER A 1 146 ? -1.374  -10.364 5.898   1.00 19.16 ? 146  SER A O     1 
ATOM   1025 C CB    . SER A 1 146 ? 0.678   -10.890 8.287   1.00 22.43 ? 146  SER A CB    1 
ATOM   1026 O OG    . SER A 1 146 ? 1.463   -10.223 9.257   1.00 24.26 ? 146  SER A OG    1 
ATOM   1027 N N     . ASP A 1 147 ? -2.208  -11.936 7.279   1.00 21.13 ? 147  ASP A N     1 
ATOM   1028 C CA    . ASP A 1 147 ? -2.960  -12.595 6.218   1.00 23.26 ? 147  ASP A CA    1 
ATOM   1029 C C     . ASP A 1 147 ? -4.105  -11.757 5.672   1.00 21.77 ? 147  ASP A C     1 
ATOM   1030 O O     . ASP A 1 147 ? -4.557  -11.983 4.550   1.00 20.96 ? 147  ASP A O     1 
ATOM   1031 C CB    . ASP A 1 147 ? -3.506  -13.937 6.700   1.00 27.74 ? 147  ASP A CB    1 
ATOM   1032 C CG    . ASP A 1 147 ? -2.419  -14.964 6.888   1.00 32.31 ? 147  ASP A CG    1 
ATOM   1033 O OD1   . ASP A 1 147 ? -1.640  -15.180 5.934   1.00 33.74 ? 147  ASP A OD1   1 
ATOM   1034 O OD2   . ASP A 1 147 ? -2.345  -15.553 7.986   1.00 37.91 ? 147  ASP A OD2   1 
ATOM   1035 N N     . ASP A 1 148 ? -4.582  -10.803 6.464   1.00 19.32 ? 148  ASP A N     1 
ATOM   1036 C CA    . ASP A 1 148 ? -5.674  -9.945  6.017   1.00 17.16 ? 148  ASP A CA    1 
ATOM   1037 C C     . ASP A 1 148 ? -5.183  -8.798  5.141   1.00 15.07 ? 148  ASP A C     1 
ATOM   1038 O O     . ASP A 1 148 ? -5.974  -8.180  4.429   1.00 15.38 ? 148  ASP A O     1 
ATOM   1039 C CB    . ASP A 1 148 ? -6.441  -9.374  7.217   1.00 17.20 ? 148  ASP A CB    1 
ATOM   1040 C CG    . ASP A 1 148 ? -7.594  -10.264 7.647   1.00 19.59 ? 148  ASP A CG    1 
ATOM   1041 O OD1   . ASP A 1 148 ? -7.336  -11.360 8.180   1.00 21.01 ? 148  ASP A OD1   1 
ATOM   1042 O OD2   . ASP A 1 148 ? -8.764  -9.868  7.448   1.00 18.22 ? 148  ASP A OD2   1 
ATOM   1043 N N     . VAL A 1 149 ? -3.881  -8.515  5.199   1.00 14.16 ? 149  VAL A N     1 
ATOM   1044 C CA    . VAL A 1 149 ? -3.293  -7.432  4.413   1.00 12.02 ? 149  VAL A CA    1 
ATOM   1045 C C     . VAL A 1 149 ? -3.035  -7.861  2.971   1.00 13.10 ? 149  VAL A C     1 
ATOM   1046 O O     . VAL A 1 149 ? -2.449  -8.918  2.721   1.00 12.99 ? 149  VAL A O     1 
ATOM   1047 C CB    . VAL A 1 149 ? -1.951  -6.951  5.014   1.00 13.78 ? 149  VAL A CB    1 
ATOM   1048 C CG1   . VAL A 1 149 ? -1.400  -5.785  4.188   1.00 14.48 ? 149  VAL A CG1   1 
ATOM   1049 C CG2   . VAL A 1 149 ? -2.143  -6.527  6.463   1.00 11.68 ? 149  VAL A CG2   1 
ATOM   1050 N N     . CYS A 1 150 ? -3.463  -7.032  2.025   1.00 10.87 ? 150  CYS A N     1 
ATOM   1051 C CA    . CYS A 1 150 ? -3.272  -7.334  0.610   1.00 11.29 ? 150  CYS A CA    1 
ATOM   1052 C C     . CYS A 1 150 ? -2.140  -6.507  0.006   1.00 12.55 ? 150  CYS A C     1 
ATOM   1053 O O     . CYS A 1 150 ? -1.338  -7.020  -0.773  1.00 13.73 ? 150  CYS A O     1 
ATOM   1054 C CB    . CYS A 1 150 ? -4.554  -7.056  -0.158  1.00 10.79 ? 150  CYS A CB    1 
ATOM   1055 S SG    . CYS A 1 150 ? -5.978  -7.978  0.454   1.00 14.40 ? 150  CYS A SG    1 
ATOM   1056 N N     . GLY A 1 151 ? -2.093  -5.228  0.371   1.00 12.70 ? 151  GLY A N     1 
ATOM   1057 C CA    . GLY A 1 151 ? -1.070  -4.327  -0.138  1.00 13.07 ? 151  GLY A CA    1 
ATOM   1058 C C     . GLY A 1 151 ? -1.448  -2.884  0.152   1.00 15.47 ? 151  GLY A C     1 
ATOM   1059 O O     . GLY A 1 151 ? -2.294  -2.634  1.015   1.00 16.67 ? 151  GLY A O     1 
ATOM   1060 N N     . ALA A 1 152 ? -0.835  -1.940  -0.563  1.00 15.06 ? 152  ALA A N     1 
ATOM   1061 C CA    . ALA A 1 152 ? -1.118  -0.518  -0.372  1.00 14.73 ? 152  ALA A CA    1 
ATOM   1062 C C     . ALA A 1 152 ? -1.017  0.267   -1.678  1.00 15.57 ? 152  ALA A C     1 
ATOM   1063 O O     . ALA A 1 152 ? -0.321  -0.136  -2.618  1.00 14.36 ? 152  ALA A O     1 
ATOM   1064 C CB    . ALA A 1 152 ? -0.167  0.073   0.660   1.00 14.72 ? 152  ALA A CB    1 
ATOM   1065 N N     . VAL A 1 153 ? -1.704  1.402   -1.723  1.00 14.39 ? 153  VAL A N     1 
ATOM   1066 C CA    . VAL A 1 153 ? -1.716  2.243   -2.913  1.00 15.12 ? 153  VAL A CA    1 
ATOM   1067 C C     . VAL A 1 153 ? -1.500  3.724   -2.619  1.00 15.86 ? 153  VAL A C     1 
ATOM   1068 O O     . VAL A 1 153 ? -2.107  4.270   -1.700  1.00 15.58 ? 153  VAL A O     1 
ATOM   1069 C CB    . VAL A 1 153 ? -3.078  2.125   -3.657  1.00 14.34 ? 153  VAL A CB    1 
ATOM   1070 C CG1   . VAL A 1 153 ? -3.104  3.069   -4.860  1.00 14.70 ? 153  VAL A CG1   1 
ATOM   1071 C CG2   . VAL A 1 153 ? -3.318  0.688   -4.098  1.00 13.16 ? 153  VAL A CG2   1 
ATOM   1072 N N     . VAL A 1 154 ? -0.644  4.377   -3.402  1.00 14.58 ? 154  VAL A N     1 
ATOM   1073 C CA    . VAL A 1 154 ? -0.451  5.811   -3.228  1.00 14.03 ? 154  VAL A CA    1 
ATOM   1074 C C     . VAL A 1 154 ? -0.977  6.504   -4.487  1.00 14.21 ? 154  VAL A C     1 
ATOM   1075 O O     . VAL A 1 154 ? -0.607  6.127   -5.600  1.00 13.47 ? 154  VAL A O     1 
ATOM   1076 C CB    . VAL A 1 154 ? 1.046   6.196   -2.987  1.00 15.84 ? 154  VAL A CB    1 
ATOM   1077 C CG1   . VAL A 1 154 ? 1.933   5.672   -4.098  1.00 13.41 ? 154  VAL A CG1   1 
ATOM   1078 C CG2   . VAL A 1 154 ? 1.175   7.713   -2.886  1.00 15.11 ? 154  VAL A CG2   1 
ATOM   1079 N N     . ASN A 1 155 ? -1.882  7.472   -4.304  1.00 13.31 ? 155  ASN A N     1 
ATOM   1080 C CA    . ASN A 1 155 ? -2.452  8.232   -5.420  1.00 14.85 ? 155  ASN A CA    1 
ATOM   1081 C C     . ASN A 1 155 ? -1.856  9.643   -5.428  1.00 15.28 ? 155  ASN A C     1 
ATOM   1082 O O     . ASN A 1 155 ? -2.037  10.402  -4.473  1.00 15.64 ? 155  ASN A O     1 
ATOM   1083 C CB    . ASN A 1 155 ? -3.979  8.375   -5.293  1.00 14.56 ? 155  ASN A CB    1 
ATOM   1084 C CG    . ASN A 1 155 ? -4.696  7.043   -5.123  1.00 16.23 ? 155  ASN A CG    1 
ATOM   1085 O OD1   . ASN A 1 155 ? -5.245  6.755   -4.057  1.00 17.69 ? 155  ASN A OD1   1 
ATOM   1086 N ND2   . ASN A 1 155 ? -4.702  6.232   -6.170  1.00 14.80 ? 155  ASN A ND2   1 
ATOM   1087 N N     . VAL A 1 156 ? -1.139  9.996   -6.487  1.00 14.55 ? 156  VAL A N     1 
ATOM   1088 C CA    . VAL A 1 156 ? -0.580  11.343  -6.582  1.00 16.34 ? 156  VAL A CA    1 
ATOM   1089 C C     . VAL A 1 156 ? -1.650  12.157  -7.305  1.00 16.49 ? 156  VAL A C     1 
ATOM   1090 O O     . VAL A 1 156 ? -1.946  11.916  -8.479  1.00 15.16 ? 156  VAL A O     1 
ATOM   1091 C CB    . VAL A 1 156 ? 0.740   11.357  -7.381  1.00 15.55 ? 156  VAL A CB    1 
ATOM   1092 C CG1   . VAL A 1 156 ? 1.330   12.762  -7.384  1.00 15.50 ? 156  VAL A CG1   1 
ATOM   1093 C CG2   . VAL A 1 156 ? 1.726   10.375  -6.757  1.00 14.81 ? 156  VAL A CG2   1 
ATOM   1094 N N     . ARG A 1 157 ? -2.239  13.111  -6.590  1.00 17.85 ? 157  ARG A N     1 
ATOM   1095 C CA    . ARG A 1 157 ? -3.319  13.928  -7.136  1.00 18.20 ? 157  ARG A CA    1 
ATOM   1096 C C     . ARG A 1 157 ? -3.179  15.411  -6.793  1.00 19.06 ? 157  ARG A C     1 
ATOM   1097 O O     . ARG A 1 157 ? -2.794  15.768  -5.676  1.00 18.23 ? 157  ARG A O     1 
ATOM   1098 C CB    . ARG A 1 157 ? -4.660  13.405  -6.602  1.00 16.10 ? 157  ARG A CB    1 
ATOM   1099 C CG    . ARG A 1 157 ? -4.949  11.928  -6.916  1.00 15.84 ? 157  ARG A CG    1 
ATOM   1100 C CD    . ARG A 1 157 ? -5.404  11.717  -8.366  1.00 15.35 ? 157  ARG A CD    1 
ATOM   1101 N NE    . ARG A 1 157 ? -5.815  10.333  -8.626  1.00 15.73 ? 157  ARG A NE    1 
ATOM   1102 C CZ    . ARG A 1 157 ? -4.976  9.327   -8.863  1.00 17.23 ? 157  ARG A CZ    1 
ATOM   1103 N NH1   . ARG A 1 157 ? -3.666  9.539   -8.885  1.00 12.33 ? 157  ARG A NH1   1 
ATOM   1104 N NH2   . ARG A 1 157 ? -5.446  8.098   -9.068  1.00 14.79 ? 157  ARG A NH2   1 
ATOM   1105 N N     . ALA A 1 158 ? -3.519  16.267  -7.752  1.00 19.02 ? 158  ALA A N     1 
ATOM   1106 C CA    . ALA A 1 158 ? -3.429  17.714  -7.570  1.00 21.91 ? 158  ALA A CA    1 
ATOM   1107 C C     . ALA A 1 158 ? -4.310  18.257  -6.443  1.00 23.57 ? 158  ALA A C     1 
ATOM   1108 O O     . ALA A 1 158 ? -3.940  19.217  -5.763  1.00 23.60 ? 158  ALA A O     1 
ATOM   1109 C CB    . ALA A 1 158 ? -3.771  18.419  -8.881  1.00 23.17 ? 158  ALA A CB    1 
ATOM   1110 N N     . LYS A 1 159 ? -5.475  17.653  -6.240  1.00 24.13 ? 159  LYS A N     1 
ATOM   1111 C CA    . LYS A 1 159 ? -6.376  18.119  -5.190  1.00 26.26 ? 159  LYS A CA    1 
ATOM   1112 C C     . LYS A 1 159 ? -5.969  17.615  -3.811  1.00 25.39 ? 159  LYS A C     1 
ATOM   1113 O O     . LYS A 1 159 ? -6.486  18.077  -2.795  1.00 23.63 ? 159  LYS A O     1 
ATOM   1114 C CB    . LYS A 1 159 ? -7.813  17.686  -5.493  1.00 30.79 ? 159  LYS A CB    1 
ATOM   1115 C CG    . LYS A 1 159 ? -8.491  18.471  -6.617  1.00 36.49 ? 159  LYS A CG    1 
ATOM   1116 C CD    . LYS A 1 159 ? -9.019  19.831  -6.143  1.00 41.49 ? 159  LYS A CD    1 
ATOM   1117 C CE    . LYS A 1 159 ? -7.901  20.819  -5.816  1.00 43.85 ? 159  LYS A CE    1 
ATOM   1118 N NZ    . LYS A 1 159 ? -8.421  22.107  -5.271  1.00 44.58 ? 159  LYS A NZ    1 
ATOM   1119 N N     . GLY A 1 160 ? -5.033  16.673  -3.777  1.00 24.41 ? 160  GLY A N     1 
ATOM   1120 C CA    . GLY A 1 160 ? -4.583  16.133  -2.507  1.00 22.80 ? 160  GLY A CA    1 
ATOM   1121 C C     . GLY A 1 160 ? -4.206  14.674  -2.643  1.00 22.71 ? 160  GLY A C     1 
ATOM   1122 O O     . GLY A 1 160 ? -5.023  13.842  -3.040  1.00 21.67 ? 160  GLY A O     1 
ATOM   1123 N N     . ASP A 1 161 ? -2.964  14.356  -2.308  1.00 20.22 ? 161  ASP A N     1 
ATOM   1124 C CA    . ASP A 1 161 ? -2.494  12.986  -2.412  1.00 18.49 ? 161  ASP A CA    1 
ATOM   1125 C C     . ASP A 1 161 ? -3.201  12.055  -1.424  1.00 18.07 ? 161  ASP A C     1 
ATOM   1126 O O     . ASP A 1 161 ? -3.777  12.500  -0.426  1.00 17.54 ? 161  ASP A O     1 
ATOM   1127 C CB    . ASP A 1 161 ? -0.981  12.939  -2.192  1.00 18.30 ? 161  ASP A CB    1 
ATOM   1128 C CG    . ASP A 1 161 ? -0.230  13.851  -3.142  1.00 18.61 ? 161  ASP A CG    1 
ATOM   1129 O OD1   . ASP A 1 161 ? -0.512  13.798  -4.356  1.00 18.60 ? 161  ASP A OD1   1 
ATOM   1130 O OD2   . ASP A 1 161 ? 0.644   14.616  -2.681  1.00 19.66 ? 161  ASP A OD2   1 
ATOM   1131 N N     . LYS A 1 162 ? -3.141  10.760  -1.715  1.00 15.89 ? 162  LYS A N     1 
ATOM   1132 C CA    . LYS A 1 162 ? -3.768  9.743   -0.882  1.00 16.94 ? 162  LYS A CA    1 
ATOM   1133 C C     . LYS A 1 162 ? -2.915  8.486   -0.783  1.00 16.25 ? 162  LYS A C     1 
ATOM   1134 O O     . LYS A 1 162 ? -2.255  8.089   -1.744  1.00 16.04 ? 162  LYS A O     1 
ATOM   1135 C CB    . LYS A 1 162 ? -5.135  9.360   -1.462  1.00 17.52 ? 162  LYS A CB    1 
ATOM   1136 C CG    . LYS A 1 162 ? -6.331  10.115  -0.887  1.00 20.22 ? 162  LYS A CG    1 
ATOM   1137 C CD    . LYS A 1 162 ? -7.317  10.538  -1.975  1.00 25.38 ? 162  LYS A CD    1 
ATOM   1138 C CE    . LYS A 1 162 ? -7.550  9.454   -3.006  1.00 24.95 ? 162  LYS A CE    1 
ATOM   1139 N NZ    . LYS A 1 162 ? -8.445  9.925   -4.106  1.00 26.42 ? 162  LYS A NZ    1 
ATOM   1140 N N     . ILE A 1 163 ? -2.929  7.870   0.393   1.00 14.53 ? 163  ILE A N     1 
ATOM   1141 C CA    . ILE A 1 163 ? -2.212  6.623   0.618   1.00 16.83 ? 163  ILE A CA    1 
ATOM   1142 C C     . ILE A 1 163 ? -3.212  5.703   1.310   1.00 16.39 ? 163  ILE A C     1 
ATOM   1143 O O     . ILE A 1 163 ? -4.048  6.170   2.090   1.00 15.61 ? 163  ILE A O     1 
ATOM   1144 C CB    . ILE A 1 163 ? -1.000  6.806   1.538   1.00 16.05 ? 163  ILE A CB    1 
ATOM   1145 C CG1   . ILE A 1 163 ? -0.049  7.854   0.951   1.00 17.13 ? 163  ILE A CG1   1 
ATOM   1146 C CG2   . ILE A 1 163 ? -0.281  5.477   1.701   1.00 18.91 ? 163  ILE A CG2   1 
ATOM   1147 C CD1   . ILE A 1 163 ? -0.509  9.273   1.088   1.00 22.43 ? 163  ILE A CD1   1 
ATOM   1148 N N     . ALA A 1 164 ? -3.136  4.405   1.033   1.00 15.67 ? 164  ALA A N     1 
ATOM   1149 C CA    . ALA A 1 164 ? -4.076  3.482   1.654   1.00 15.71 ? 164  ALA A CA    1 
ATOM   1150 C C     . ALA A 1 164 ? -3.588  2.046   1.755   1.00 15.56 ? 164  ALA A C     1 
ATOM   1151 O O     . ALA A 1 164 ? -2.876  1.550   0.885   1.00 16.61 ? 164  ALA A O     1 
ATOM   1152 C CB    . ALA A 1 164 ? -5.403  3.520   0.906   1.00 15.38 ? 164  ALA A CB    1 
ATOM   1153 N N     . ILE A 1 165 ? -3.970  1.395   2.846   1.00 15.16 ? 165  ILE A N     1 
ATOM   1154 C CA    . ILE A 1 165 ? -3.634  0.000   3.080   1.00 12.87 ? 165  ILE A CA    1 
ATOM   1155 C C     . ILE A 1 165 ? -4.923  -0.749  2.766   1.00 11.87 ? 165  ILE A C     1 
ATOM   1156 O O     . ILE A 1 165 ? -5.982  -0.425  3.305   1.00 11.52 ? 165  ILE A O     1 
ATOM   1157 C CB    . ILE A 1 165 ? -3.250  -0.262  4.563   1.00 14.54 ? 165  ILE A CB    1 
ATOM   1158 C CG1   . ILE A 1 165 ? -1.809  0.191   4.835   1.00 15.05 ? 165  ILE A CG1   1 
ATOM   1159 C CG2   . ILE A 1 165 ? -3.418  -1.746  4.888   1.00 13.96 ? 165  ILE A CG2   1 
ATOM   1160 C CD1   . ILE A 1 165 ? -1.169  -0.320  6.104   1.00 22.43 ? 165  ILE A CD1   1 
ATOM   1161 N N     . TRP A 1 166 ? -4.838  -1.729  1.874   1.00 11.59 ? 166  TRP A N     1 
ATOM   1162 C CA    . TRP A 1 166 ? -6.002  -2.523  1.496   1.00 11.60 ? 166  TRP A CA    1 
ATOM   1163 C C     . TRP A 1 166 ? -5.992  -3.843  2.261   1.00 11.51 ? 166  TRP A C     1 
ATOM   1164 O O     . TRP A 1 166 ? -4.936  -4.464  2.411   1.00 11.24 ? 166  TRP A O     1 
ATOM   1165 C CB    . TRP A 1 166 ? -5.970  -2.822  -0.010  1.00 12.39 ? 166  TRP A CB    1 
ATOM   1166 C CG    . TRP A 1 166 ? -6.307  -1.664  -0.903  1.00 11.56 ? 166  TRP A CG    1 
ATOM   1167 C CD1   . TRP A 1 166 ? -6.096  -0.335  -0.653  1.00 14.21 ? 166  TRP A CD1   1 
ATOM   1168 C CD2   . TRP A 1 166 ? -6.883  -1.738  -2.211  1.00 13.78 ? 166  TRP A CD2   1 
ATOM   1169 N NE1   . TRP A 1 166 ? -6.508  0.423   -1.728  1.00 13.05 ? 166  TRP A NE1   1 
ATOM   1170 C CE2   . TRP A 1 166 ? -6.995  -0.417  -2.697  1.00 12.74 ? 166  TRP A CE2   1 
ATOM   1171 C CE3   . TRP A 1 166 ? -7.316  -2.796  -3.022  1.00 13.20 ? 166  TRP A CE3   1 
ATOM   1172 C CZ2   . TRP A 1 166 ? -7.523  -0.126  -3.956  1.00 13.50 ? 166  TRP A CZ2   1 
ATOM   1173 C CZ3   . TRP A 1 166 ? -7.842  -2.506  -4.275  1.00 16.09 ? 166  TRP A CZ3   1 
ATOM   1174 C CH2   . TRP A 1 166 ? -7.940  -1.180  -4.730  1.00 14.25 ? 166  TRP A CH2   1 
ATOM   1175 N N     . THR A 1 167 ? -7.158  -4.267  2.748   1.00 12.17 ? 167  THR A N     1 
ATOM   1176 C CA    . THR A 1 167 ? -7.270  -5.536  3.461   1.00 14.13 ? 167  THR A CA    1 
ATOM   1177 C C     . THR A 1 167 ? -8.342  -6.368  2.763   1.00 14.45 ? 167  THR A C     1 
ATOM   1178 O O     . THR A 1 167 ? -9.218  -5.824  2.091   1.00 14.21 ? 167  THR A O     1 
ATOM   1179 C CB    . THR A 1 167 ? -7.627  -5.357  4.953   1.00 13.53 ? 167  THR A CB    1 
ATOM   1180 O OG1   . THR A 1 167 ? -9.027  -5.098  5.093   1.00 13.83 ? 167  THR A OG1   1 
ATOM   1181 C CG2   . THR A 1 167 ? -6.824  -4.206  5.549   1.00 16.16 ? 167  THR A CG2   1 
ATOM   1182 N N     . THR A 1 168 ? -8.278  -7.681  2.960   1.00 15.22 ? 168  THR A N     1 
ATOM   1183 C CA    . THR A 1 168 ? -9.153  -8.635  2.280   1.00 14.72 ? 168  THR A CA    1 
ATOM   1184 C C     . THR A 1 168 ? -10.625 -8.825  2.649   1.00 14.86 ? 168  THR A C     1 
ATOM   1185 O O     . THR A 1 168 ? -11.427 -9.193  1.783   1.00 14.03 ? 168  THR A O     1 
ATOM   1186 C CB    . THR A 1 168 ? -8.488  -10.034 2.282   1.00 16.01 ? 168  THR A CB    1 
ATOM   1187 O OG1   . THR A 1 168 ? -9.053  -10.833 1.238   1.00 15.92 ? 168  THR A OG1   1 
ATOM   1188 C CG2   . THR A 1 168 ? -8.699  -10.729 3.625   1.00 15.31 ? 168  THR A CG2   1 
ATOM   1189 N N     . GLU A 1 169 ? -10.994 -8.595  3.903   1.00 13.77 ? 169  GLU A N     1 
ATOM   1190 C CA    . GLU A 1 169 ? -12.384 -8.802  4.320   1.00 15.23 ? 169  GLU A CA    1 
ATOM   1191 C C     . GLU A 1 169 ? -12.874 -7.715  5.270   1.00 16.91 ? 169  GLU A C     1 
ATOM   1192 O O     . GLU A 1 169 ? -12.430 -7.629  6.423   1.00 16.52 ? 169  GLU A O     1 
ATOM   1193 C CB    . GLU A 1 169 ? -12.510 -10.188 4.970   1.00 16.73 ? 169  GLU A CB    1 
ATOM   1194 C CG    . GLU A 1 169 ? -13.879 -10.534 5.561   1.00 18.23 ? 169  GLU A CG    1 
ATOM   1195 C CD    . GLU A 1 169 ? -15.017 -10.378 4.568   1.00 21.18 ? 169  GLU A CD    1 
ATOM   1196 O OE1   . GLU A 1 169 ? -15.762 -9.380  4.678   1.00 18.77 ? 169  GLU A OE1   1 
ATOM   1197 O OE2   . GLU A 1 169 ? -15.161 -11.249 3.675   1.00 20.91 ? 169  GLU A OE2   1 
ATOM   1198 N N     . CYS A 1 170 ? -13.798 -6.889  4.783   1.00 18.08 ? 170  CYS A N     1 
ATOM   1199 C CA    . CYS A 1 170 ? -14.334 -5.791  5.578   1.00 22.72 ? 170  CYS A CA    1 
ATOM   1200 C C     . CYS A 1 170 ? -15.103 -6.258  6.810   1.00 22.58 ? 170  CYS A C     1 
ATOM   1201 O O     . CYS A 1 170 ? -15.326 -5.479  7.735   1.00 21.70 ? 170  CYS A O     1 
ATOM   1202 C CB    . CYS A 1 170 ? -15.224 -4.894  4.711   1.00 25.48 ? 170  CYS A CB    1 
ATOM   1203 S SG    . CYS A 1 170 ? -16.662 -5.722  4.013   1.00 36.43 ? 170  CYS A SG    1 
ATOM   1204 N N     . GLU A 1 171 ? -15.494 -7.531  6.827   1.00 22.10 ? 171  GLU A N     1 
ATOM   1205 C CA    . GLU A 1 171 ? -16.233 -8.082  7.955   1.00 22.93 ? 171  GLU A CA    1 
ATOM   1206 C C     . GLU A 1 171 ? -15.351 -8.589  9.101   1.00 21.23 ? 171  GLU A C     1 
ATOM   1207 O O     . GLU A 1 171 ? -15.865 -8.960  10.154  1.00 19.84 ? 171  GLU A O     1 
ATOM   1208 C CB    . GLU A 1 171 ? -17.156 -9.210  7.486   1.00 26.15 ? 171  GLU A CB    1 
ATOM   1209 C CG    . GLU A 1 171 ? -18.289 -8.755  6.585   1.00 31.32 ? 171  GLU A CG    1 
ATOM   1210 C CD    . GLU A 1 171 ? -19.152 -7.675  7.222   1.00 36.56 ? 171  GLU A CD    1 
ATOM   1211 O OE1   . GLU A 1 171 ? -19.620 -7.873  8.367   1.00 37.01 ? 171  GLU A OE1   1 
ATOM   1212 O OE2   . GLU A 1 171 ? -19.370 -6.629  6.572   1.00 39.05 ? 171  GLU A OE2   1 
ATOM   1213 N N     . ASN A 1 172 ? -14.035 -8.628  8.901   1.00 20.50 ? 172  ASN A N     1 
ATOM   1214 C CA    . ASN A 1 172 ? -13.135 -9.073  9.967   1.00 19.32 ? 172  ASN A CA    1 
ATOM   1215 C C     . ASN A 1 172 ? -12.775 -7.858  10.825  1.00 19.06 ? 172  ASN A C     1 
ATOM   1216 O O     . ASN A 1 172 ? -11.671 -7.310  10.718  1.00 17.83 ? 172  ASN A O     1 
ATOM   1217 C CB    . ASN A 1 172 ? -11.852 -9.693  9.400   1.00 19.36 ? 172  ASN A CB    1 
ATOM   1218 C CG    . ASN A 1 172 ? -12.102 -10.993 8.657   1.00 21.90 ? 172  ASN A CG    1 
ATOM   1219 O OD1   . ASN A 1 172 ? -13.139 -11.640 8.832   1.00 20.25 ? 172  ASN A OD1   1 
ATOM   1220 N ND2   . ASN A 1 172 ? -11.137 -11.393 7.836   1.00 20.50 ? 172  ASN A ND2   1 
ATOM   1221 N N     . ARG A 1 173 ? -13.712 -7.440  11.672  1.00 17.60 ? 173  ARG A N     1 
ATOM   1222 C CA    . ARG A 1 173 ? -13.515 -6.274  12.537  1.00 17.48 ? 173  ARG A CA    1 
ATOM   1223 C C     . ARG A 1 173 ? -12.221 -6.301  13.339  1.00 17.35 ? 173  ARG A C     1 
ATOM   1224 O O     . ARG A 1 173 ? -11.500 -5.304  13.391  1.00 17.50 ? 173  ARG A O     1 
ATOM   1225 C CB    . ARG A 1 173 ? -14.697 -6.123  13.498  1.00 17.44 ? 173  ARG A CB    1 
ATOM   1226 C CG    . ARG A 1 173 ? -14.546 -4.998  14.518  1.00 18.30 ? 173  ARG A CG    1 
ATOM   1227 C CD    . ARG A 1 173 ? -15.487 -5.223  15.697  1.00 20.21 ? 173  ARG A CD    1 
ATOM   1228 N NE    . ARG A 1 173 ? -15.120 -6.441  16.420  1.00 20.51 ? 173  ARG A NE    1 
ATOM   1229 C CZ    . ARG A 1 173 ? -14.019 -6.560  17.156  1.00 21.74 ? 173  ARG A CZ    1 
ATOM   1230 N NH1   . ARG A 1 173 ? -13.188 -5.532  17.278  1.00 17.78 ? 173  ARG A NH1   1 
ATOM   1231 N NH2   . ARG A 1 173 ? -13.728 -7.712  17.746  1.00 22.46 ? 173  ARG A NH2   1 
ATOM   1232 N N     . GLU A 1 174 ? -11.926 -7.435  13.972  1.00 18.12 ? 174  GLU A N     1 
ATOM   1233 C CA    . GLU A 1 174 ? -10.715 -7.537  14.779  1.00 19.15 ? 174  GLU A CA    1 
ATOM   1234 C C     . GLU A 1 174 ? -9.450  -7.266  13.971  1.00 18.50 ? 174  GLU A C     1 
ATOM   1235 O O     . GLU A 1 174 ? -8.605  -6.464  14.372  1.00 17.05 ? 174  GLU A O     1 
ATOM   1236 C CB    . GLU A 1 174 ? -10.612 -8.918  15.435  1.00 22.44 ? 174  GLU A CB    1 
ATOM   1237 C CG    . GLU A 1 174 ? -9.333  -9.092  16.239  1.00 25.47 ? 174  GLU A CG    1 
ATOM   1238 C CD    . GLU A 1 174 ? -9.161  -10.492 16.802  1.00 29.80 ? 174  GLU A CD    1 
ATOM   1239 O OE1   . GLU A 1 174 ? -8.027  -10.828 17.207  1.00 30.64 ? 174  GLU A OE1   1 
ATOM   1240 O OE2   . GLU A 1 174 ? -10.151 -11.251 16.848  1.00 30.32 ? 174  GLU A OE2   1 
ATOM   1241 N N     . ALA A 1 175 ? -9.316  -7.937  12.834  1.00 18.33 ? 175  ALA A N     1 
ATOM   1242 C CA    . ALA A 1 175 ? -8.147  -7.753  11.988  1.00 17.43 ? 175  ALA A CA    1 
ATOM   1243 C C     . ALA A 1 175 ? -8.086  -6.330  11.437  1.00 16.55 ? 175  ALA A C     1 
ATOM   1244 O O     . ALA A 1 175 ? -7.042  -5.678  11.498  1.00 14.45 ? 175  ALA A O     1 
ATOM   1245 C CB    . ALA A 1 175 ? -8.171  -8.753  10.840  1.00 15.50 ? 175  ALA A CB    1 
ATOM   1246 N N     . VAL A 1 176 ? -9.207  -5.856  10.903  1.00 16.32 ? 176  VAL A N     1 
ATOM   1247 C CA    . VAL A 1 176 ? -9.268  -4.515  10.329  1.00 16.06 ? 176  VAL A CA    1 
ATOM   1248 C C     . VAL A 1 176 ? -8.932  -3.406  11.339  1.00 16.80 ? 176  VAL A C     1 
ATOM   1249 O O     . VAL A 1 176 ? -8.120  -2.526  11.046  1.00 16.81 ? 176  VAL A O     1 
ATOM   1250 C CB    . VAL A 1 176 ? -10.665 -4.239  9.712   1.00 16.55 ? 176  VAL A CB    1 
ATOM   1251 C CG1   . VAL A 1 176 ? -10.773 -2.781  9.267   1.00 15.99 ? 176  VAL A CG1   1 
ATOM   1252 C CG2   . VAL A 1 176 ? -10.896 -5.161  8.522   1.00 17.22 ? 176  VAL A CG2   1 
ATOM   1253 N N     . THR A 1 177 ? -9.538  -3.441  12.523  1.00 15.32 ? 177  THR A N     1 
ATOM   1254 C CA    . THR A 1 177 ? -9.261  -2.395  13.513  1.00 14.79 ? 177  THR A CA    1 
ATOM   1255 C C     . THR A 1 177 ? -7.815  -2.414  14.018  1.00 15.08 ? 177  THR A C     1 
ATOM   1256 O O     . THR A 1 177 ? -7.204  -1.361  14.196  1.00 15.58 ? 177  THR A O     1 
ATOM   1257 C CB    . THR A 1 177 ? -10.233 -2.480  14.710  1.00 15.25 ? 177  THR A CB    1 
ATOM   1258 O OG1   . THR A 1 177 ? -10.186 -3.793  15.280  1.00 14.62 ? 177  THR A OG1   1 
ATOM   1259 C CG2   . THR A 1 177 ? -11.661 -2.164  14.257  1.00 13.82 ? 177  THR A CG2   1 
ATOM   1260 N N     . HIS A 1 178 ? -7.269  -3.605  14.251  1.00 16.34 ? 178  HIS A N     1 
ATOM   1261 C CA    . HIS A 1 178 ? -5.885  -3.730  14.708  1.00 16.69 ? 178  HIS A CA    1 
ATOM   1262 C C     . HIS A 1 178 ? -4.904  -3.229  13.643  1.00 17.11 ? 178  HIS A C     1 
ATOM   1263 O O     . HIS A 1 178 ? -3.914  -2.570  13.956  1.00 17.30 ? 178  HIS A O     1 
ATOM   1264 C CB    . HIS A 1 178 ? -5.578  -5.185  15.066  1.00 17.89 ? 178  HIS A CB    1 
ATOM   1265 C CG    . HIS A 1 178 ? -6.059  -5.584  16.427  1.00 19.78 ? 178  HIS A CG    1 
ATOM   1266 N ND1   . HIS A 1 178 ? -5.266  -5.495  17.551  1.00 21.47 ? 178  HIS A ND1   1 
ATOM   1267 C CD2   . HIS A 1 178 ? -7.263  -6.040  16.851  1.00 20.00 ? 178  HIS A CD2   1 
ATOM   1268 C CE1   . HIS A 1 178 ? -5.959  -5.880  18.609  1.00 20.66 ? 178  HIS A CE1   1 
ATOM   1269 N NE2   . HIS A 1 178 ? -7.174  -6.217  18.212  1.00 22.39 ? 178  HIS A NE2   1 
ATOM   1270 N N     . ILE A 1 179 ? -5.184  -3.536  12.382  1.00 17.14 ? 179  ILE A N     1 
ATOM   1271 C CA    . ILE A 1 179 ? -4.330  -3.092  11.281  1.00 15.92 ? 179  ILE A CA    1 
ATOM   1272 C C     . ILE A 1 179 ? -4.344  -1.559  11.194  1.00 15.30 ? 179  ILE A C     1 
ATOM   1273 O O     . ILE A 1 179 ? -3.299  -0.919  11.036  1.00 13.17 ? 179  ILE A O     1 
ATOM   1274 C CB    . ILE A 1 179 ? -4.816  -3.702  9.935   1.00 16.59 ? 179  ILE A CB    1 
ATOM   1275 C CG1   . ILE A 1 179 ? -4.482  -5.197  9.900   1.00 14.68 ? 179  ILE A CG1   1 
ATOM   1276 C CG2   . ILE A 1 179 ? -4.188  -2.957  8.749   1.00 14.94 ? 179  ILE A CG2   1 
ATOM   1277 C CD1   . ILE A 1 179 ? -5.184  -5.988  8.800   1.00 22.43 ? 179  ILE A CD1   1 
ATOM   1278 N N     . GLY A 1 180 ? -5.534  -0.974  11.316  1.00 14.21 ? 180  GLY A N     1 
ATOM   1279 C CA    . GLY A 1 180 ? -5.652  0.472   11.242  1.00 13.53 ? 180  GLY A CA    1 
ATOM   1280 C C     . GLY A 1 180 ? -4.895  1.182   12.349  1.00 15.49 ? 180  GLY A C     1 
ATOM   1281 O O     . GLY A 1 180 ? -4.193  2.162   12.112  1.00 14.39 ? 180  GLY A O     1 
ATOM   1282 N N     . ARG A 1 181 ? -5.043  0.680   13.570  1.00 15.49 ? 181  ARG A N     1 
ATOM   1283 C CA    . ARG A 1 181 ? -4.385  1.255   14.736  1.00 17.69 ? 181  ARG A CA    1 
ATOM   1284 C C     . ARG A 1 181 ? -2.865  1.208   14.572  1.00 18.01 ? 181  ARG A C     1 
ATOM   1285 O O     . ARG A 1 181 ? -2.169  2.208   14.776  1.00 18.33 ? 181  ARG A O     1 
ATOM   1286 C CB    . ARG A 1 181 ? -4.817  0.460   15.965  1.00 21.48 ? 181  ARG A CB    1 
ATOM   1287 C CG    . ARG A 1 181 ? -4.420  1.019   17.309  1.00 25.99 ? 181  ARG A CG    1 
ATOM   1288 C CD    . ARG A 1 181 ? -5.086  0.163   18.379  1.00 28.72 ? 181  ARG A CD    1 
ATOM   1289 N NE    . ARG A 1 181 ? -6.522  0.071   18.125  1.00 28.36 ? 181  ARG A NE    1 
ATOM   1290 C CZ    . ARG A 1 181 ? -7.244  -1.042  18.222  1.00 28.48 ? 181  ARG A CZ    1 
ATOM   1291 N NH1   . ARG A 1 181 ? -8.542  -1.002  17.968  1.00 26.53 ? 181  ARG A NH1   1 
ATOM   1292 N NH2   . ARG A 1 181 ? -6.678  -2.192  18.565  1.00 28.64 ? 181  ARG A NH2   1 
ATOM   1293 N N     . VAL A 1 182 ? -2.361  0.037   14.201  1.00 16.77 ? 182  VAL A N     1 
ATOM   1294 C CA    . VAL A 1 182 ? -0.934  -0.164  13.995  1.00 17.23 ? 182  VAL A CA    1 
ATOM   1295 C C     . VAL A 1 182 ? -0.420  0.753   12.887  1.00 17.50 ? 182  VAL A C     1 
ATOM   1296 O O     . VAL A 1 182 ? 0.583   1.446   13.057  1.00 19.24 ? 182  VAL A O     1 
ATOM   1297 C CB    . VAL A 1 182 ? -0.643  -1.636  13.610  1.00 19.32 ? 182  VAL A CB    1 
ATOM   1298 C CG1   . VAL A 1 182 ? 0.836   -1.819  13.303  1.00 20.57 ? 182  VAL A CG1   1 
ATOM   1299 C CG2   . VAL A 1 182 ? -1.063  -2.558  14.747  1.00 19.23 ? 182  VAL A CG2   1 
ATOM   1300 N N     . TYR A 1 183 ? -1.113  0.759   11.754  1.00 17.28 ? 183  TYR A N     1 
ATOM   1301 C CA    . TYR A 1 183 ? -0.710  1.590   10.626  1.00 16.84 ? 183  TYR A CA    1 
ATOM   1302 C C     . TYR A 1 183 ? -0.658  3.062   11.033  1.00 17.57 ? 183  TYR A C     1 
ATOM   1303 O O     . TYR A 1 183 ? 0.332   3.748   10.772  1.00 15.94 ? 183  TYR A O     1 
ATOM   1304 C CB    . TYR A 1 183 ? -1.679  1.383   9.458   1.00 17.13 ? 183  TYR A CB    1 
ATOM   1305 C CG    . TYR A 1 183 ? -1.310  2.120   8.186   1.00 17.96 ? 183  TYR A CG    1 
ATOM   1306 C CD1   . TYR A 1 183 ? 0.005   2.126   7.709   1.00 17.43 ? 183  TYR A CD1   1 
ATOM   1307 C CD2   . TYR A 1 183 ? -2.285  2.789   7.441   1.00 16.94 ? 183  TYR A CD2   1 
ATOM   1308 C CE1   . TYR A 1 183 ? 0.337   2.785   6.520   1.00 17.85 ? 183  TYR A CE1   1 
ATOM   1309 C CE2   . TYR A 1 183 ? -1.966  3.450   6.256   1.00 17.51 ? 183  TYR A CE2   1 
ATOM   1310 C CZ    . TYR A 1 183 ? -0.653  3.444   5.799   1.00 17.84 ? 183  TYR A CZ    1 
ATOM   1311 O OH    . TYR A 1 183 ? -0.342  4.089   4.625   1.00 14.54 ? 183  TYR A OH    1 
ATOM   1312 N N     . LYS A 1 184 ? -1.719  3.544   11.671  1.00 15.37 ? 184  LYS A N     1 
ATOM   1313 C CA    . LYS A 1 184 ? -1.768  4.935   12.119  1.00 16.92 ? 184  LYS A CA    1 
ATOM   1314 C C     . LYS A 1 184 ? -0.610  5.264   13.068  1.00 15.66 ? 184  LYS A C     1 
ATOM   1315 O O     . LYS A 1 184 ? 0.003   6.323   12.966  1.00 16.42 ? 184  LYS A O     1 
ATOM   1316 C CB    . LYS A 1 184 ? -3.108  5.223   12.816  1.00 15.76 ? 184  LYS A CB    1 
ATOM   1317 C CG    . LYS A 1 184 ? -3.178  6.583   13.516  1.00 14.25 ? 184  LYS A CG    1 
ATOM   1318 C CD    . LYS A 1 184 ? -4.599  6.885   14.000  1.00 15.23 ? 184  LYS A CD    1 
ATOM   1319 C CE    . LYS A 1 184 ? -4.646  8.095   14.932  1.00 16.48 ? 184  LYS A CE    1 
ATOM   1320 N NZ    . LYS A 1 184 ? -6.043  8.418   15.375  1.00 13.42 ? 184  LYS A NZ    1 
ATOM   1321 N N     . GLU A 1 185 ? -0.308  4.359   13.991  1.00 16.75 ? 185  GLU A N     1 
ATOM   1322 C CA    . GLU A 1 185 ? 0.780   4.595   14.933  1.00 20.53 ? 185  GLU A CA    1 
ATOM   1323 C C     . GLU A 1 185 ? 2.125   4.635   14.208  1.00 21.21 ? 185  GLU A C     1 
ATOM   1324 O O     . GLU A 1 185 ? 2.959   5.495   14.474  1.00 20.77 ? 185  GLU A O     1 
ATOM   1325 C CB    . GLU A 1 185 ? 0.802   3.505   16.012  1.00 23.46 ? 185  GLU A CB    1 
ATOM   1326 C CG    . GLU A 1 185 ? 1.950   3.642   17.003  1.00 28.49 ? 185  GLU A CG    1 
ATOM   1327 C CD    . GLU A 1 185 ? 1.848   2.673   18.173  1.00 32.69 ? 185  GLU A CD    1 
ATOM   1328 O OE1   . GLU A 1 185 ? 2.765   2.675   19.019  1.00 35.44 ? 185  GLU A OE1   1 
ATOM   1329 O OE2   . GLU A 1 185 ? 0.857   1.914   18.254  1.00 34.52 ? 185  GLU A OE2   1 
ATOM   1330 N N     . ARG A 1 186 ? 2.326   3.703   13.284  1.00 20.96 ? 186  ARG A N     1 
ATOM   1331 C CA    . ARG A 1 186 ? 3.574   3.642   12.533  1.00 21.48 ? 186  ARG A CA    1 
ATOM   1332 C C     . ARG A 1 186 ? 3.848   4.907   11.720  1.00 19.58 ? 186  ARG A C     1 
ATOM   1333 O O     . ARG A 1 186 ? 4.986   5.366   11.663  1.00 17.16 ? 186  ARG A O     1 
ATOM   1334 C CB    . ARG A 1 186 ? 3.567   2.418   11.618  1.00 23.65 ? 186  ARG A CB    1 
ATOM   1335 C CG    . ARG A 1 186 ? 3.506   1.097   12.378  1.00 29.16 ? 186  ARG A CG    1 
ATOM   1336 C CD    . ARG A 1 186 ? 4.884   0.625   12.805  1.00 34.33 ? 186  ARG A CD    1 
ATOM   1337 N NE    . ARG A 1 186 ? 5.703   0.274   11.646  1.00 40.35 ? 186  ARG A NE    1 
ATOM   1338 C CZ    . ARG A 1 186 ? 6.879   -0.344  11.716  1.00 42.02 ? 186  ARG A CZ    1 
ATOM   1339 N NH1   . ARG A 1 186 ? 7.384   -0.685  12.896  1.00 44.30 ? 186  ARG A NH1   1 
ATOM   1340 N NH2   . ARG A 1 186 ? 7.549   -0.625  10.606  1.00 42.75 ? 186  ARG A NH2   1 
ATOM   1341 N N     . LEU A 1 187 ? 2.817   5.468   11.089  1.00 18.50 ? 187  LEU A N     1 
ATOM   1342 C CA    . LEU A 1 187 ? 3.000   6.686   10.301  1.00 18.24 ? 187  LEU A CA    1 
ATOM   1343 C C     . LEU A 1 187 ? 3.391   7.837   11.231  1.00 19.62 ? 187  LEU A C     1 
ATOM   1344 O O     . LEU A 1 187 ? 4.096   8.762   10.829  1.00 19.78 ? 187  LEU A O     1 
ATOM   1345 C CB    . LEU A 1 187 ? 1.726   7.023   9.521   1.00 18.13 ? 187  LEU A CB    1 
ATOM   1346 C CG    . LEU A 1 187 ? 1.348   6.020   8.422   1.00 18.65 ? 187  LEU A CG    1 
ATOM   1347 C CD1   . LEU A 1 187 ? 0.087   6.487   7.709   1.00 19.44 ? 187  LEU A CD1   1 
ATOM   1348 C CD2   . LEU A 1 187 ? 2.493   5.884   7.431   1.00 19.74 ? 187  LEU A CD2   1 
ATOM   1349 N N     . GLY A 1 188 ? 2.925   7.767   12.475  1.00 20.18 ? 188  GLY A N     1 
ATOM   1350 C CA    . GLY A 1 188 ? 3.278   8.772   13.467  1.00 20.56 ? 188  GLY A CA    1 
ATOM   1351 C C     . GLY A 1 188 ? 2.671   10.161  13.411  1.00 19.73 ? 188  GLY A C     1 
ATOM   1352 O O     . GLY A 1 188 ? 3.230   11.087  13.995  1.00 20.79 ? 188  GLY A O     1 
ATOM   1353 N N     . LEU A 1 189 ? 1.543   10.321  12.726  1.00 20.00 ? 189  LEU A N     1 
ATOM   1354 C CA    . LEU A 1 189 ? 0.880   11.625  12.645  1.00 19.03 ? 189  LEU A CA    1 
ATOM   1355 C C     . LEU A 1 189 ? 0.176   11.847  13.987  1.00 20.12 ? 189  LEU A C     1 
ATOM   1356 O O     . LEU A 1 189 ? 0.047   10.915  14.779  1.00 19.35 ? 189  LEU A O     1 
ATOM   1357 C CB    . LEU A 1 189 ? -0.145  11.621  11.503  1.00 20.20 ? 189  LEU A CB    1 
ATOM   1358 C CG    . LEU A 1 189 ? -1.126  10.436  11.530  1.00 18.94 ? 189  LEU A CG    1 
ATOM   1359 C CD1   . LEU A 1 189 ? -2.506  10.901  11.938  1.00 15.71 ? 189  LEU A CD1   1 
ATOM   1360 C CD2   . LEU A 1 189 ? -1.171  9.771   10.163  1.00 17.42 ? 189  LEU A CD2   1 
ATOM   1361 N N     . PRO A 1 190 ? -0.280  13.082  14.266  1.00 20.74 ? 190  PRO A N     1 
ATOM   1362 C CA    . PRO A 1 190 ? -0.966  13.347  15.536  1.00 21.10 ? 190  PRO A CA    1 
ATOM   1363 C C     . PRO A 1 190 ? -2.082  12.334  15.805  1.00 21.22 ? 190  PRO A C     1 
ATOM   1364 O O     . PRO A 1 190 ? -2.968  12.134  14.975  1.00 21.68 ? 190  PRO A O     1 
ATOM   1365 C CB    . PRO A 1 190 ? -1.489  14.766  15.347  1.00 21.34 ? 190  PRO A CB    1 
ATOM   1366 C CG    . PRO A 1 190 ? -0.384  15.396  14.551  1.00 21.65 ? 190  PRO A CG    1 
ATOM   1367 C CD    . PRO A 1 190 ? -0.111  14.328  13.497  1.00 21.75 ? 190  PRO A CD    1 
ATOM   1368 N N     . PRO A 1 191 ? -2.043  11.680  16.976  1.00 21.81 ? 191  PRO A N     1 
ATOM   1369 C CA    . PRO A 1 191 ? -3.012  10.671  17.417  1.00 21.12 ? 191  PRO A CA    1 
ATOM   1370 C C     . PRO A 1 191 ? -4.469  11.120  17.389  1.00 20.85 ? 191  PRO A C     1 
ATOM   1371 O O     . PRO A 1 191 ? -5.371  10.301  17.208  1.00 20.79 ? 191  PRO A O     1 
ATOM   1372 C CB    . PRO A 1 191 ? -2.549  10.347  18.836  1.00 21.77 ? 191  PRO A CB    1 
ATOM   1373 C CG    . PRO A 1 191 ? -1.083  10.588  18.776  1.00 23.22 ? 191  PRO A CG    1 
ATOM   1374 C CD    . PRO A 1 191 ? -1.007  11.878  18.005  1.00 21.56 ? 191  PRO A CD    1 
ATOM   1375 N N     . LYS A 1 192 ? -4.701  12.413  17.576  1.00 20.23 ? 192  LYS A N     1 
ATOM   1376 C CA    . LYS A 1 192 ? -6.063  12.934  17.582  1.00 20.77 ? 192  LYS A CA    1 
ATOM   1377 C C     . LYS A 1 192 ? -6.713  12.915  16.204  1.00 19.90 ? 192  LYS A C     1 
ATOM   1378 O O     . LYS A 1 192 ? -7.926  13.108  16.083  1.00 18.99 ? 192  LYS A O     1 
ATOM   1379 C CB    . LYS A 1 192 ? -6.083  14.361  18.131  1.00 22.95 ? 192  LYS A CB    1 
ATOM   1380 C CG    . LYS A 1 192 ? -5.257  15.341  17.326  1.00 28.43 ? 192  LYS A CG    1 
ATOM   1381 C CD    . LYS A 1 192 ? -5.241  16.719  17.981  1.00 32.99 ? 192  LYS A CD    1 
ATOM   1382 C CE    . LYS A 1 192 ? -4.214  17.623  17.314  1.00 35.22 ? 192  LYS A CE    1 
ATOM   1383 N NZ    . LYS A 1 192 ? -4.489  17.792  15.858  1.00 37.66 ? 192  LYS A NZ    1 
ATOM   1384 N N     . ILE A 1 193 ? -5.918  12.682  15.164  1.00 17.98 ? 193  ILE A N     1 
ATOM   1385 C CA    . ILE A 1 193 ? -6.466  12.644  13.810  1.00 17.14 ? 193  ILE A CA    1 
ATOM   1386 C C     . ILE A 1 193 ? -7.046  11.270  13.496  1.00 15.89 ? 193  ILE A C     1 
ATOM   1387 O O     . ILE A 1 193 ? -6.327  10.275  13.474  1.00 17.13 ? 193  ILE A O     1 
ATOM   1388 C CB    . ILE A 1 193 ? -5.397  12.993  12.761  1.00 17.25 ? 193  ILE A CB    1 
ATOM   1389 C CG1   . ILE A 1 193 ? -4.858  14.403  13.025  1.00 17.34 ? 193  ILE A CG1   1 
ATOM   1390 C CG2   . ILE A 1 193 ? -5.997  12.901  11.355  1.00 14.18 ? 193  ILE A CG2   1 
ATOM   1391 C CD1   . ILE A 1 193 ? -3.568  14.747  12.284  1.00 22.43 ? 193  ILE A CD1   1 
ATOM   1392 N N     . VAL A 1 194 ? -8.351  11.225  13.252  1.00 16.99 ? 194  VAL A N     1 
ATOM   1393 C CA    . VAL A 1 194 ? -9.045  9.976   12.952  1.00 16.68 ? 194  VAL A CA    1 
ATOM   1394 C C     . VAL A 1 194 ? -9.018  9.629   11.462  1.00 16.83 ? 194  VAL A C     1 
ATOM   1395 O O     . VAL A 1 194 ? -9.181  10.499  10.611  1.00 17.17 ? 194  VAL A O     1 
ATOM   1396 C CB    . VAL A 1 194 ? -10.530 10.046  13.408  1.00 17.79 ? 194  VAL A CB    1 
ATOM   1397 C CG1   . VAL A 1 194 ? -11.299 8.810   12.929  1.00 18.92 ? 194  VAL A CG1   1 
ATOM   1398 C CG2   . VAL A 1 194 ? -10.600 10.145  14.917  1.00 18.84 ? 194  VAL A CG2   1 
ATOM   1399 N N     . ILE A 1 195 ? -8.789  8.358   11.154  1.00 15.72 ? 195  ILE A N     1 
ATOM   1400 C CA    . ILE A 1 195 ? -8.793  7.903   9.767   1.00 15.55 ? 195  ILE A CA    1 
ATOM   1401 C C     . ILE A 1 195 ? -9.932  6.900   9.653   1.00 16.69 ? 195  ILE A C     1 
ATOM   1402 O O     . ILE A 1 195 ? -10.312 6.278   10.646  1.00 14.90 ? 195  ILE A O     1 
ATOM   1403 C CB    . ILE A 1 195 ? -7.479  7.205   9.368   1.00 14.42 ? 195  ILE A CB    1 
ATOM   1404 C CG1   . ILE A 1 195 ? -7.164  6.080   10.356  1.00 15.72 ? 195  ILE A CG1   1 
ATOM   1405 C CG2   . ILE A 1 195 ? -6.339  8.225   9.311   1.00 14.32 ? 195  ILE A CG2   1 
ATOM   1406 C CD1   . ILE A 1 195 ? -6.088  5.100   9.895   1.00 22.43 ? 195  ILE A CD1   1 
ATOM   1407 N N     . GLY A 1 196 ? -10.473 6.744   8.448   1.00 16.12 ? 196  GLY A N     1 
ATOM   1408 C CA    . GLY A 1 196 ? -11.575 5.820   8.257   1.00 17.51 ? 196  GLY A CA    1 
ATOM   1409 C C     . GLY A 1 196 ? -11.271 4.664   7.327   1.00 17.29 ? 196  GLY A C     1 
ATOM   1410 O O     . GLY A 1 196 ? -10.335 4.714   6.525   1.00 17.66 ? 196  GLY A O     1 
ATOM   1411 N N     . TYR A 1 197 ? -12.079 3.617   7.441   1.00 17.46 ? 197  TYR A N     1 
ATOM   1412 C CA    . TYR A 1 197 ? -11.939 2.419   6.627   1.00 15.58 ? 197  TYR A CA    1 
ATOM   1413 C C     . TYR A 1 197 ? -13.178 2.298   5.760   1.00 16.80 ? 197  TYR A C     1 
ATOM   1414 O O     . TYR A 1 197 ? -14.296 2.308   6.277   1.00 16.62 ? 197  TYR A O     1 
ATOM   1415 C CB    . TYR A 1 197 ? -11.838 1.183   7.528   1.00 14.74 ? 197  TYR A CB    1 
ATOM   1416 C CG    . TYR A 1 197 ? -11.684 -0.125  6.780   1.00 13.98 ? 197  TYR A CG    1 
ATOM   1417 C CD1   . TYR A 1 197 ? -10.432 -0.562  6.351   1.00 13.51 ? 197  TYR A CD1   1 
ATOM   1418 C CD2   . TYR A 1 197 ? -12.790 -0.929  6.512   1.00 15.32 ? 197  TYR A CD2   1 
ATOM   1419 C CE1   . TYR A 1 197 ? -10.284 -1.775  5.673   1.00 14.68 ? 197  TYR A CE1   1 
ATOM   1420 C CE2   . TYR A 1 197 ? -12.654 -2.145  5.834   1.00 14.67 ? 197  TYR A CE2   1 
ATOM   1421 C CZ    . TYR A 1 197 ? -11.402 -2.561  5.418   1.00 15.50 ? 197  TYR A CZ    1 
ATOM   1422 O OH    . TYR A 1 197 ? -11.271 -3.756  4.747   1.00 14.44 ? 197  TYR A OH    1 
ATOM   1423 N N     . GLN A 1 198 ? -12.990 2.184   4.450   1.00 17.82 ? 198  GLN A N     1 
ATOM   1424 C CA    . GLN A 1 198 ? -14.130 2.048   3.556   1.00 18.73 ? 198  GLN A CA    1 
ATOM   1425 C C     . GLN A 1 198 ? -14.111 0.759   2.747   1.00 17.77 ? 198  GLN A C     1 
ATOM   1426 O O     . GLN A 1 198 ? -13.066 0.311   2.277   1.00 15.78 ? 198  GLN A O     1 
ATOM   1427 C CB    . GLN A 1 198 ? -14.230 3.260   2.623   1.00 22.93 ? 198  GLN A CB    1 
ATOM   1428 C CG    . GLN A 1 198 ? -12.909 3.797   2.113   1.00 28.06 ? 198  GLN A CG    1 
ATOM   1429 C CD    . GLN A 1 198 ? -13.092 4.964   1.151   1.00 29.67 ? 198  GLN A CD    1 
ATOM   1430 O OE1   . GLN A 1 198 ? -13.666 5.999   1.502   1.00 29.63 ? 198  GLN A OE1   1 
ATOM   1431 N NE2   . GLN A 1 198 ? -12.609 4.795   -0.072  1.00 30.65 ? 198  GLN A NE2   1 
ATOM   1432 N N     . SER A 1 199 ? -15.283 0.152   2.609   1.00 17.41 ? 199  SER A N     1 
ATOM   1433 C CA    . SER A 1 199 ? -15.423 -1.082  1.855   1.00 19.81 ? 199  SER A CA    1 
ATOM   1434 C C     . SER A 1 199 ? -15.385 -0.776  0.364   1.00 20.92 ? 199  SER A C     1 
ATOM   1435 O O     . SER A 1 199 ? -15.945 0.225   -0.086  1.00 21.69 ? 199  SER A O     1 
ATOM   1436 C CB    . SER A 1 199 ? -16.754 -1.753  2.194   1.00 23.20 ? 199  SER A CB    1 
ATOM   1437 O OG    . SER A 1 199 ? -17.028 -2.805  1.289   1.00 26.74 ? 199  SER A OG    1 
ATOM   1438 N N     . HIS A 1 200 ? -14.727 -1.636  -0.402  1.00 20.02 ? 200  HIS A N     1 
ATOM   1439 C CA    . HIS A 1 200 ? -14.657 -1.428  -1.839  1.00 21.77 ? 200  HIS A CA    1 
ATOM   1440 C C     . HIS A 1 200 ? -16.057 -1.543  -2.447  1.00 21.65 ? 200  HIS A C     1 
ATOM   1441 O O     . HIS A 1 200 ? -16.440 -0.734  -3.285  1.00 21.40 ? 200  HIS A O     1 
ATOM   1442 C CB    . HIS A 1 200 ? -13.719 -2.452  -2.486  1.00 20.46 ? 200  HIS A CB    1 
ATOM   1443 C CG    . HIS A 1 200 ? -12.304 -2.371  -2.001  1.00 19.35 ? 200  HIS A CG    1 
ATOM   1444 N ND1   . HIS A 1 200 ? -11.610 -1.182  -1.924  1.00 17.05 ? 200  HIS A ND1   1 
ATOM   1445 C CD2   . HIS A 1 200 ? -11.441 -3.336  -1.602  1.00 17.92 ? 200  HIS A CD2   1 
ATOM   1446 C CE1   . HIS A 1 200 ? -10.382 -1.418  -1.502  1.00 19.52 ? 200  HIS A CE1   1 
ATOM   1447 N NE2   . HIS A 1 200 ? -10.253 -2.717  -1.301  1.00 19.95 ? 200  HIS A NE2   1 
ATOM   1448 N N     . ALA A 1 201 ? -16.818 -2.543  -2.015  1.00 24.11 ? 201  ALA A N     1 
ATOM   1449 C CA    . ALA A 1 201 ? -18.169 -2.755  -2.528  1.00 27.06 ? 201  ALA A CA    1 
ATOM   1450 C C     . ALA A 1 201 ? -19.068 -1.539  -2.309  1.00 28.92 ? 201  ALA A C     1 
ATOM   1451 O O     . ALA A 1 201 ? -20.031 -1.334  -3.045  1.00 31.84 ? 201  ALA A O     1 
ATOM   1452 C CB    . ALA A 1 201 ? -18.791 -3.981  -1.873  1.00 26.57 ? 201  ALA A CB    1 
ATOM   1453 N N     . ASP A 1 202 ? -18.754 -0.737  -1.297  1.00 30.63 ? 202  ASP A N     1 
ATOM   1454 C CA    . ASP A 1 202 ? -19.549 0.450   -0.995  1.00 32.58 ? 202  ASP A CA    1 
ATOM   1455 C C     . ASP A 1 202 ? -19.170 1.655   -1.854  1.00 34.11 ? 202  ASP A C     1 
ATOM   1456 O O     . ASP A 1 202 ? -19.682 2.755   -1.645  1.00 33.30 ? 202  ASP A O     1 
ATOM   1457 C CB    . ASP A 1 202 ? -19.419 0.811   0.489   1.00 33.81 ? 202  ASP A CB    1 
ATOM   1458 C CG    . ASP A 1 202 ? -20.197 -0.137  1.395   1.00 34.92 ? 202  ASP A CG    1 
ATOM   1459 O OD1   . ASP A 1 202 ? -20.059 -0.033  2.633   1.00 37.90 ? 202  ASP A OD1   1 
ATOM   1460 O OD2   . ASP A 1 202 ? -20.952 -0.982  0.872   1.00 35.68 ? 202  ASP A OD2   1 
ATOM   1461 N N     . THR A 1 203 ? -18.279 1.449   -2.820  1.00 35.45 ? 203  THR A N     1 
ATOM   1462 C CA    . THR A 1 203 ? -17.857 2.533   -3.706  1.00 36.42 ? 203  THR A CA    1 
ATOM   1463 C C     . THR A 1 203 ? -19.076 3.133   -4.408  1.00 38.65 ? 203  THR A C     1 
ATOM   1464 O O     . THR A 1 203 ? -19.806 2.441   -5.118  1.00 35.99 ? 203  THR A O     1 
ATOM   1465 C CB    . THR A 1 203 ? -16.863 2.027   -4.769  1.00 35.42 ? 203  THR A CB    1 
ATOM   1466 O OG1   . THR A 1 203 ? -15.686 1.534   -4.119  1.00 35.50 ? 203  THR A OG1   1 
ATOM   1467 C CG2   . THR A 1 203 ? -16.478 3.149   -5.726  1.00 33.60 ? 203  THR A CG2   1 
ATOM   1468 N N     . ALA A 1 204 ? -19.289 4.428   -4.198  1.00 41.87 ? 204  ALA A N     1 
ATOM   1469 C CA    . ALA A 1 204 ? -20.422 5.122   -4.794  1.00 45.48 ? 204  ALA A CA    1 
ATOM   1470 C C     . ALA A 1 204 ? -20.389 5.084   -6.319  1.00 47.72 ? 204  ALA A C     1 
ATOM   1471 O O     . ALA A 1 204 ? -19.372 5.392   -6.938  1.00 48.28 ? 204  ALA A O     1 
ATOM   1472 C CB    . ALA A 1 204 ? -20.458 6.564   -4.307  1.00 45.51 ? 204  ALA A CB    1 
ATOM   1473 N N     . THR A 1 205 ? -21.512 4.696   -6.915  1.00 50.90 ? 205  THR A N     1 
ATOM   1474 C CA    . THR A 1 205 ? -21.630 4.633   -8.365  1.00 54.42 ? 205  THR A CA    1 
ATOM   1475 C C     . THR A 1 205 ? -22.172 5.971   -8.847  1.00 57.01 ? 205  THR A C     1 
ATOM   1476 O O     . THR A 1 205 ? -22.088 6.305   -10.030 1.00 57.53 ? 205  THR A O     1 
ATOM   1477 C CB    . THR A 1 205 ? -22.600 3.523   -8.801  1.00 54.61 ? 205  THR A CB    1 
ATOM   1478 O OG1   . THR A 1 205 ? -23.900 3.789   -8.259  1.00 55.23 ? 205  THR A OG1   1 
ATOM   1479 C CG2   . THR A 1 205 ? -22.114 2.169   -8.307  1.00 54.43 ? 205  THR A CG2   1 
ATOM   1480 N N     . THR A 1 211 ? -18.636 7.995   0.214   1.00 60.25 ? 211  THR A N     1 
ATOM   1481 C CA    . THR A 1 211 ? -18.645 6.622   0.713   1.00 56.33 ? 211  THR A CA    1 
ATOM   1482 C C     . THR A 1 211 ? -18.346 6.657   2.212   1.00 53.16 ? 211  THR A C     1 
ATOM   1483 O O     . THR A 1 211 ? -17.248 7.038   2.622   1.00 53.48 ? 211  THR A O     1 
ATOM   1484 C CB    . THR A 1 211 ? -17.568 5.754   0.011   1.00 57.23 ? 211  THR A CB    1 
ATOM   1485 O OG1   . THR A 1 211 ? -17.911 5.580   -1.370  1.00 57.94 ? 211  THR A OG1   1 
ATOM   1486 C CG2   . THR A 1 211 ? -17.458 4.388   0.678   1.00 55.79 ? 211  THR A CG2   1 
ATOM   1487 N N     . LYS A 1 212 ? -19.321 6.264   3.028   1.00 48.20 ? 212  LYS A N     1 
ATOM   1488 C CA    . LYS A 1 212 ? -19.146 6.264   4.478   1.00 43.70 ? 212  LYS A CA    1 
ATOM   1489 C C     . LYS A 1 212 ? -18.138 5.231   4.974   1.00 39.24 ? 212  LYS A C     1 
ATOM   1490 O O     . LYS A 1 212 ? -17.792 4.284   4.268   1.00 37.19 ? 212  LYS A O     1 
ATOM   1491 C CB    . LYS A 1 212 ? -20.491 6.046   5.178   1.00 46.12 ? 212  LYS A CB    1 
ATOM   1492 C CG    . LYS A 1 212 ? -21.409 7.260   5.153   1.00 48.28 ? 212  LYS A CG    1 
ATOM   1493 C CD    . LYS A 1 212 ? -22.662 7.020   5.981   1.00 50.96 ? 212  LYS A CD    1 
ATOM   1494 C CE    . LYS A 1 212 ? -23.542 8.260   6.019   1.00 52.73 ? 212  LYS A CE    1 
ATOM   1495 N NZ    . LYS A 1 212 ? -23.953 8.683   4.651   1.00 53.89 ? 212  LYS A NZ    1 
ATOM   1496 N N     . ASN A 1 213 ? -17.671 5.424   6.202   1.00 33.97 ? 213  ASN A N     1 
ATOM   1497 C CA    . ASN A 1 213 ? -16.698 4.523   6.798   1.00 30.09 ? 213  ASN A CA    1 
ATOM   1498 C C     . ASN A 1 213 ? -17.358 3.431   7.628   1.00 28.54 ? 213  ASN A C     1 
ATOM   1499 O O     . ASN A 1 213 ? -18.408 3.643   8.238   1.00 25.99 ? 213  ASN A O     1 
ATOM   1500 C CB    . ASN A 1 213 ? -15.722 5.304   7.681   1.00 28.16 ? 213  ASN A CB    1 
ATOM   1501 C CG    . ASN A 1 213 ? -14.971 6.366   6.913   1.00 27.08 ? 213  ASN A CG    1 
ATOM   1502 O OD1   . ASN A 1 213 ? -14.334 6.079   5.901   1.00 26.42 ? 213  ASN A OD1   1 
ATOM   1503 N ND2   . ASN A 1 213 ? -15.042 7.604   7.388   1.00 25.03 ? 213  ASN A ND2   1 
ATOM   1504 N N     . ARG A 1 214 ? -16.727 2.263   7.631   1.00 26.01 ? 214  ARG A N     1 
ATOM   1505 C CA    . ARG A 1 214 ? -17.198 1.109   8.389   1.00 24.37 ? 214  ARG A CA    1 
ATOM   1506 C C     . ARG A 1 214 ? -16.554 1.141   9.776   1.00 22.02 ? 214  ARG A C     1 
ATOM   1507 O O     . ARG A 1 214 ? -17.185 0.788   10.775  1.00 20.54 ? 214  ARG A O     1 
ATOM   1508 C CB    . ARG A 1 214 ? -16.809 -0.181  7.664   1.00 27.64 ? 214  ARG A CB    1 
ATOM   1509 C CG    . ARG A 1 214 ? -17.591 -0.436  6.382   1.00 32.78 ? 214  ARG A CG    1 
ATOM   1510 C CD    . ARG A 1 214 ? -19.034 -0.780  6.711   1.00 36.63 ? 214  ARG A CD    1 
ATOM   1511 N NE    . ARG A 1 214 ? -19.092 -1.941  7.594   1.00 42.97 ? 214  ARG A NE    1 
ATOM   1512 C CZ    . ARG A 1 214 ? -18.833 -3.186  7.206   1.00 45.61 ? 214  ARG A CZ    1 
ATOM   1513 N NH1   . ARG A 1 214 ? -18.506 -3.435  5.943   1.00 46.14 ? 214  ARG A NH1   1 
ATOM   1514 N NH2   . ARG A 1 214 ? -18.882 -4.180  8.084   1.00 46.58 ? 214  ARG A NH2   1 
ATOM   1515 N N     . PHE A 1 215 ? -15.292 1.563   9.821   1.00 18.31 ? 215  PHE A N     1 
ATOM   1516 C CA    . PHE A 1 215 ? -14.538 1.660   11.069  1.00 17.79 ? 215  PHE A CA    1 
ATOM   1517 C C     . PHE A 1 215 ? -13.723 2.945   11.093  1.00 16.88 ? 215  PHE A C     1 
ATOM   1518 O O     . PHE A 1 215 ? -13.464 3.545   10.050  1.00 14.97 ? 215  PHE A O     1 
ATOM   1519 C CB    . PHE A 1 215 ? -13.571 0.482   11.227  1.00 17.39 ? 215  PHE A CB    1 
ATOM   1520 C CG    . PHE A 1 215 ? -14.215 -0.859  11.053  1.00 17.79 ? 215  PHE A CG    1 
ATOM   1521 C CD1   . PHE A 1 215 ? -14.054 -1.572  9.869   1.00 18.93 ? 215  PHE A CD1   1 
ATOM   1522 C CD2   . PHE A 1 215 ? -14.998 -1.402  12.065  1.00 18.16 ? 215  PHE A CD2   1 
ATOM   1523 C CE1   . PHE A 1 215 ? -14.670 -2.816  9.692   1.00 19.44 ? 215  PHE A CE1   1 
ATOM   1524 C CE2   . PHE A 1 215 ? -15.620 -2.644  11.900  1.00 18.42 ? 215  PHE A CE2   1 
ATOM   1525 C CZ    . PHE A 1 215 ? -15.454 -3.350  10.711  1.00 18.70 ? 215  PHE A CZ    1 
ATOM   1526 N N     . VAL A 1 216 ? -13.313 3.343   12.293  1.00 16.03 ? 216  VAL A N     1 
ATOM   1527 C CA    . VAL A 1 216 ? -12.514 4.542   12.497  1.00 16.28 ? 216  VAL A CA    1 
ATOM   1528 C C     . VAL A 1 216 ? -11.561 4.313   13.664  1.00 17.03 ? 216  VAL A C     1 
ATOM   1529 O O     . VAL A 1 216 ? -11.914 3.649   14.636  1.00 16.26 ? 216  VAL A O     1 
ATOM   1530 C CB    . VAL A 1 216 ? -13.400 5.767   12.829  1.00 16.35 ? 216  VAL A CB    1 
ATOM   1531 C CG1   . VAL A 1 216 ? -14.118 6.251   11.582  1.00 17.43 ? 216  VAL A CG1   1 
ATOM   1532 C CG2   . VAL A 1 216 ? -14.410 5.398   13.903  1.00 18.40 ? 216  VAL A CG2   1 
ATOM   1533 N N     . VAL A 1 217 ? -10.346 4.848   13.548  1.00 17.30 ? 217  VAL A N     1 
ATOM   1534 C CA    . VAL A 1 217 ? -9.338  4.733   14.599  1.00 17.66 ? 217  VAL A CA    1 
ATOM   1535 C C     . VAL A 1 217 ? -8.521  6.018   14.661  1.00 16.99 ? 217  VAL A C     1 
ATOM   1536 O O     . VAL A 1 217 ? -7.888  6.258   15.710  1.00 22.43 ? 217  VAL A O     1 
ATOM   1537 C CB    . VAL A 1 217 ? -8.360  3.549   14.363  1.00 18.63 ? 217  VAL A CB    1 
ATOM   1538 C CG1   . VAL A 1 217 ? -9.111  2.228   14.395  1.00 16.39 ? 217  VAL A CG1   1 
ATOM   1539 C CG2   . VAL A 1 217 ? -7.620  3.738   13.047  1.00 16.53 ? 217  VAL A CG2   1 
ATOM   1540 O OXT   . VAL A 1 217 ? -8.522  6.772   13.662  1.00 15.76 ? 217  VAL A OXT   1 
HETATM 1541 P PA    . MGP B 2 .   ? -9.209  6.761   -7.674  1.00 41.98 ? 1000 MGP A PA    1 
HETATM 1542 O O1A   . MGP B 2 .   ? -7.990  6.609   -8.521  1.00 41.96 ? 1000 MGP A O1A   1 
HETATM 1543 O O2A   . MGP B 2 .   ? -9.145  5.712   -6.606  1.00 42.46 ? 1000 MGP A O2A   1 
HETATM 1544 O O3A   . MGP B 2 .   ? -9.248  8.219   -7.016  1.00 44.96 ? 1000 MGP A O3A   1 
HETATM 1545 O "O5'" . MGP B 2 .   ? -10.581 6.448   -8.589  1.00 37.55 ? 1000 MGP A "O5'" 1 
HETATM 1546 P PB    . MGP B 2 .   ? -9.328  9.637   -7.796  1.00 47.87 ? 1000 MGP A PB    1 
HETATM 1547 O O1B   . MGP B 2 .   ? -8.570  9.669   -9.087  1.00 48.16 ? 1000 MGP A O1B   1 
HETATM 1548 O O2B   . MGP B 2 .   ? -8.817  10.629  -6.847  1.00 47.40 ? 1000 MGP A O2B   1 
HETATM 1549 O O3B   . MGP B 2 .   ? -10.721 9.957   -8.080  1.00 50.52 ? 1000 MGP A O3B   1 
HETATM 1550 P PC    . MGP B 2 .   ? -12.096 10.109  -7.269  1.00 54.25 ? 1000 MGP A PC    1 
HETATM 1551 O O1C   . MGP B 2 .   ? -12.055 11.736  -7.098  1.00 52.45 ? 1000 MGP A O1C   1 
HETATM 1552 O O2C   . MGP B 2 .   ? -11.968 9.440   -5.924  1.00 53.79 ? 1000 MGP A O2C   1 
HETATM 1553 O O3C   . MGP B 2 .   ? -13.404 9.680   -7.874  1.00 53.99 ? 1000 MGP A O3C   1 
HETATM 1554 C "C5'" . MGP B 2 .   ? -10.848 7.018   -9.887  1.00 27.36 ? 1000 MGP A "C5'" 1 
HETATM 1555 C "C4'" . MGP B 2 .   ? -11.482 6.088   -10.882 1.00 22.56 ? 1000 MGP A "C4'" 1 
HETATM 1556 O "O4'" . MGP B 2 .   ? -10.498 5.009   -11.174 1.00 20.73 ? 1000 MGP A "O4'" 1 
HETATM 1557 C "C3'" . MGP B 2 .   ? -12.691 5.249   -10.449 1.00 18.60 ? 1000 MGP A "C3'" 1 
HETATM 1558 O "O3'" . MGP B 2 .   ? -13.947 5.969   -10.396 1.00 17.02 ? 1000 MGP A "O3'" 1 
HETATM 1559 C "C2'" . MGP B 2 .   ? -12.683 4.076   -11.421 1.00 19.99 ? 1000 MGP A "C2'" 1 
HETATM 1560 O "O2'" . MGP B 2 .   ? -13.340 4.406   -12.692 1.00 18.18 ? 1000 MGP A "O2'" 1 
HETATM 1561 C "C1'" . MGP B 2 .   ? -11.200 3.746   -11.500 1.00 18.81 ? 1000 MGP A "C1'" 1 
HETATM 1562 N N9    . MGP B 2 .   ? -10.632 2.761   -10.455 1.00 16.93 ? 1000 MGP A N9    1 
HETATM 1563 C C8    . MGP B 2 .   ? -9.889  2.913   -9.313  1.00 17.45 ? 1000 MGP A C8    1 
HETATM 1564 N N7    . MGP B 2 .   ? -9.657  1.733   -8.763  1.00 18.29 ? 1000 MGP A N7    1 
HETATM 1565 C CM7   . MGP B 2 .   ? -8.891  1.526   -7.524  1.00 16.44 ? 1000 MGP A CM7   1 
HETATM 1566 C C5    . MGP B 2 .   ? -10.265 0.616   -9.540  1.00 17.81 ? 1000 MGP A C5    1 
HETATM 1567 C C6    . MGP B 2 .   ? -10.369 -0.735  -9.493  1.00 18.70 ? 1000 MGP A C6    1 
HETATM 1568 O O6    . MGP B 2 .   ? -9.847  -1.456  -8.560  1.00 17.68 ? 1000 MGP A O6    1 
HETATM 1569 N N1    . MGP B 2 .   ? -11.129 -1.315  -10.588 1.00 17.07 ? 1000 MGP A N1    1 
HETATM 1570 C C2    . MGP B 2 .   ? -11.741 -0.603  -11.657 1.00 18.48 ? 1000 MGP A C2    1 
HETATM 1571 N N2    . MGP B 2 .   ? -12.411 -1.266  -12.597 1.00 19.07 ? 1000 MGP A N2    1 
HETATM 1572 N N3    . MGP B 2 .   ? -11.633 0.782   -11.708 1.00 17.69 ? 1000 MGP A N3    1 
HETATM 1573 C C4    . MGP B 2 .   ? -10.879 1.405   -10.628 1.00 17.87 ? 1000 MGP A C4    1 
HETATM 1574 O O     . HOH C 3 .   ? -3.031  4.156   16.401  1.00 16.58 ? 1001 HOH A O     1 
HETATM 1575 O O     . HOH C 3 .   ? 14.537  -5.304  -7.490  1.00 11.18 ? 1002 HOH A O     1 
HETATM 1576 O O     . HOH C 3 .   ? 8.780   7.335   -0.536  1.00 11.37 ? 1003 HOH A O     1 
HETATM 1577 O O     . HOH C 3 .   ? 1.726   -7.732  8.294   1.00 21.71 ? 1004 HOH A O     1 
HETATM 1578 O O     . HOH C 3 .   ? 20.399  -11.554 -7.704  1.00 19.62 ? 1005 HOH A O     1 
HETATM 1579 O O     . HOH C 3 .   ? -8.499  -4.946  -0.534  1.00 13.77 ? 1006 HOH A O     1 
HETATM 1580 O O     . HOH C 3 .   ? -4.214  0.309   -7.516  1.00 11.61 ? 1007 HOH A O     1 
HETATM 1581 O O     . HOH C 3 .   ? 6.924   -9.816  3.449   1.00 12.77 ? 1008 HOH A O     1 
HETATM 1582 O O     . HOH C 3 .   ? 10.163  -9.130  -11.489 1.00 28.05 ? 1009 HOH A O     1 
HETATM 1583 O O     . HOH C 3 .   ? -14.453 1.674   14.621  1.00 15.56 ? 1010 HOH A O     1 
HETATM 1584 O O     . HOH C 3 .   ? -8.586  -12.670 -8.690  1.00 17.59 ? 1011 HOH A O     1 
HETATM 1585 O O     . HOH C 3 .   ? 7.456   3.455   -4.803  1.00 13.93 ? 1012 HOH A O     1 
HETATM 1586 O O     . HOH C 3 .   ? -5.574  -12.868 -5.783  1.00 17.05 ? 1013 HOH A O     1 
HETATM 1587 O O     . HOH C 3 .   ? -11.966 -10.098 -0.850  1.00 14.54 ? 1014 HOH A O     1 
HETATM 1588 O O     . HOH C 3 .   ? 9.360   -10.051 5.966   1.00 17.45 ? 1015 HOH A O     1 
HETATM 1589 O O     . HOH C 3 .   ? -14.827 -15.142 -4.408  1.00 40.87 ? 1016 HOH A O     1 
HETATM 1590 O O     . HOH C 3 .   ? -0.640  1.134   -9.360  1.00 15.19 ? 1017 HOH A O     1 
HETATM 1591 O O     . HOH C 3 .   ? -4.509  15.153  -10.275 1.00 28.66 ? 1018 HOH A O     1 
HETATM 1592 O O     . HOH C 3 .   ? -2.409  -13.493 9.679   1.00 30.11 ? 1019 HOH A O     1 
HETATM 1593 O O     . HOH C 3 .   ? 7.417   14.002  0.309   1.00 18.04 ? 1020 HOH A O     1 
HETATM 1594 O O     . HOH C 3 .   ? -3.163  2.081   -9.668  1.00 22.03 ? 1021 HOH A O     1 
HETATM 1595 O O     . HOH C 3 .   ? -6.470  3.297   -2.588  1.00 14.58 ? 1022 HOH A O     1 
HETATM 1596 O O     . HOH C 3 .   ? 1.296   -9.701  4.882   1.00 23.29 ? 1023 HOH A O     1 
HETATM 1597 O O     . HOH C 3 .   ? -11.284 7.411   -3.709  1.00 35.29 ? 1024 HOH A O     1 
HETATM 1598 O O     . HOH C 3 .   ? 18.878  0.480   -7.665  1.00 19.11 ? 1025 HOH A O     1 
HETATM 1599 O O     . HOH C 3 .   ? -17.369 -12.407 -3.464  1.00 39.72 ? 1026 HOH A O     1 
HETATM 1600 O O     . HOH C 3 .   ? -1.175  16.306  -1.438  1.00 18.60 ? 1027 HOH A O     1 
HETATM 1601 O O     . HOH C 3 .   ? -9.650  8.447   6.348   1.00 19.70 ? 1028 HOH A O     1 
HETATM 1602 O O     . HOH C 3 .   ? 2.196   -7.259  5.700   1.00 25.41 ? 1029 HOH A O     1 
HETATM 1603 O O     . HOH C 3 .   ? -4.780  5.306   -1.884  1.00 13.92 ? 1030 HOH A O     1 
HETATM 1604 O O     . HOH C 3 .   ? -10.885 -10.319 12.307  1.00 20.63 ? 1031 HOH A O     1 
HETATM 1605 O O     . HOH C 3 .   ? -6.294  5.022   -10.221 1.00 20.00 ? 1032 HOH A O     1 
HETATM 1606 O O     . HOH C 3 .   ? -21.264 0.514   -4.527  1.00 29.68 ? 1033 HOH A O     1 
HETATM 1607 O O     . HOH C 3 .   ? -8.156  6.571   -4.232  1.00 16.86 ? 1034 HOH A O     1 
HETATM 1608 O O     . HOH C 3 .   ? 11.168  -12.234 -6.693  1.00 25.54 ? 1035 HOH A O     1 
HETATM 1609 O O     . HOH C 3 .   ? -7.148  8.020   18.129  1.00 21.68 ? 1036 HOH A O     1 
HETATM 1610 O O     . HOH C 3 .   ? 3.632   20.263  -0.797  1.00 21.79 ? 1037 HOH A O     1 
HETATM 1611 O O     . HOH C 3 .   ? -6.182  13.589  0.247   1.00 21.59 ? 1038 HOH A O     1 
HETATM 1612 O O     . HOH C 3 .   ? 0.585   -8.064  -6.902  1.00 14.45 ? 1039 HOH A O     1 
HETATM 1613 O O     . HOH C 3 .   ? -16.602 -5.758  -4.611  1.00 23.91 ? 1040 HOH A O     1 
HETATM 1614 O O     . HOH C 3 .   ? 0.852   19.849  -4.222  1.00 43.87 ? 1041 HOH A O     1 
HETATM 1615 O O     . HOH C 3 .   ? 10.465  -3.803  7.403   1.00 35.40 ? 1042 HOH A O     1 
HETATM 1616 O O     . HOH C 3 .   ? 12.016  -6.039  -8.469  1.00 24.66 ? 1043 HOH A O     1 
HETATM 1617 O O     . HOH C 3 .   ? -12.377 1.666   -16.570 1.00 21.35 ? 1044 HOH A O     1 
HETATM 1618 O O     . HOH C 3 .   ? 13.586  -9.336  -7.540  1.00 25.69 ? 1045 HOH A O     1 
HETATM 1619 O O     . HOH C 3 .   ? -9.909  13.652  12.721  1.00 32.71 ? 1046 HOH A O     1 
HETATM 1620 O O     . HOH C 3 .   ? 5.146   11.202  11.395  1.00 18.98 ? 1047 HOH A O     1 
HETATM 1621 O O     . HOH C 3 .   ? -9.837  -3.416  18.214  1.00 31.06 ? 1048 HOH A O     1 
HETATM 1622 O O     . HOH C 3 .   ? -8.246  11.247  8.206   1.00 23.47 ? 1049 HOH A O     1 
HETATM 1623 O O     . HOH C 3 .   ? 4.656   -15.673 -3.804  1.00 33.66 ? 1050 HOH A O     1 
HETATM 1624 O O     . HOH C 3 .   ? -5.682  4.644   17.103  1.00 20.56 ? 1051 HOH A O     1 
HETATM 1625 O O     . HOH C 3 .   ? 31.727  -19.039 5.111   1.00 21.99 ? 1052 HOH A O     1 
HETATM 1626 O O     . HOH C 3 .   ? 12.136  5.966   -4.741  1.00 16.75 ? 1053 HOH A O     1 
HETATM 1627 O O     . HOH C 3 .   ? 22.691  -13.091 4.619   1.00 28.13 ? 1054 HOH A O     1 
HETATM 1628 O O     . HOH C 3 .   ? -17.499 -8.374  2.764   1.00 23.38 ? 1055 HOH A O     1 
HETATM 1629 O O     . HOH C 3 .   ? -0.073  8.220   15.150  1.00 24.25 ? 1056 HOH A O     1 
HETATM 1630 O O     . HOH C 3 .   ? -9.703  -7.694  6.325   1.00 13.86 ? 1057 HOH A O     1 
HETATM 1631 O O     . HOH C 3 .   ? 3.066   -15.984 5.057   1.00 39.46 ? 1058 HOH A O     1 
HETATM 1632 O O     . HOH C 3 .   ? 29.432  -10.751 2.619   1.00 18.61 ? 1059 HOH A O     1 
HETATM 1633 O O     . HOH C 3 .   ? 13.815  -10.704 -5.113  1.00 21.13 ? 1060 HOH A O     1 
HETATM 1634 O O     . HOH C 3 .   ? 1.219   1.999   -16.409 1.00 19.40 ? 1061 HOH A O     1 
HETATM 1635 O O     . HOH C 3 .   ? 22.800  -21.121 0.237   1.00 26.91 ? 1062 HOH A O     1 
HETATM 1636 O O     . HOH C 3 .   ? 10.862  13.977  -0.254  1.00 24.25 ? 1063 HOH A O     1 
HETATM 1637 O O     . HOH C 3 .   ? -12.208 -13.731 -0.898  1.00 33.51 ? 1064 HOH A O     1 
HETATM 1638 O O     . HOH C 3 .   ? 9.347   5.801   -4.676  1.00 12.45 ? 1065 HOH A O     1 
HETATM 1639 O O     . HOH C 3 .   ? -7.533  -13.774 6.219   1.00 27.49 ? 1066 HOH A O     1 
HETATM 1640 O O     . HOH C 3 .   ? -5.662  9.000   -12.420 1.00 26.52 ? 1067 HOH A O     1 
HETATM 1641 O O     . HOH C 3 .   ? 1.168   -10.127 -8.594  1.00 19.91 ? 1068 HOH A O     1 
HETATM 1642 O O     . HOH C 3 .   ? -5.916  10.677  20.325  1.00 26.59 ? 1069 HOH A O     1 
HETATM 1643 O O     . HOH C 3 .   ? 4.299   -14.249 -1.434  1.00 24.13 ? 1070 HOH A O     1 
HETATM 1644 O O     . HOH C 3 .   ? 9.941   -3.389  -15.568 1.00 31.73 ? 1071 HOH A O     1 
HETATM 1645 O O     . HOH C 3 .   ? 7.354   12.156  -13.561 1.00 31.98 ? 1072 HOH A O     1 
HETATM 1646 O O     . HOH C 3 .   ? 8.015   13.182  2.916   1.00 18.44 ? 1073 HOH A O     1 
HETATM 1647 O O     . HOH C 3 .   ? -6.295  -13.937 3.443   1.00 37.79 ? 1074 HOH A O     1 
HETATM 1648 O O     . HOH C 3 .   ? 0.315   -13.467 3.474   1.00 33.68 ? 1075 HOH A O     1 
HETATM 1649 O O     . HOH C 3 .   ? -19.273 -4.189  1.637   1.00 35.60 ? 1076 HOH A O     1 
HETATM 1650 O O     . HOH C 3 .   ? -12.000 1.731   -2.341  1.00 39.05 ? 1077 HOH A O     1 
HETATM 1651 O O     . HOH C 3 .   ? -7.495  13.761  -3.912  1.00 24.36 ? 1078 HOH A O     1 
HETATM 1652 O O     . HOH C 3 .   ? -2.810  14.368  18.776  1.00 30.05 ? 1079 HOH A O     1 
HETATM 1653 O O     . HOH C 3 .   ? -10.595 2.516   -4.339  1.00 23.04 ? 1080 HOH A O     1 
HETATM 1654 O O     . HOH C 3 .   ? -4.931  21.029  0.595   1.00 35.40 ? 1081 HOH A O     1 
HETATM 1655 O O     . HOH C 3 .   ? 16.936  -6.806  -7.922  1.00 26.66 ? 1082 HOH A O     1 
HETATM 1656 O O     . HOH C 3 .   ? 27.364  -13.303 10.850  1.00 42.90 ? 1083 HOH A O     1 
HETATM 1657 O O     . HOH C 3 .   ? -6.877  15.905  -8.284  1.00 25.63 ? 1084 HOH A O     1 
HETATM 1658 O O     . HOH C 3 .   ? -4.062  23.485  0.684   1.00 25.38 ? 1085 HOH A O     1 
HETATM 1659 O O     . HOH C 3 .   ? 5.319   15.647  -9.083  1.00 31.07 ? 1086 HOH A O     1 
HETATM 1660 O O     . HOH C 3 .   ? -0.682  -8.857  16.137  1.00 37.32 ? 1087 HOH A O     1 
HETATM 1661 O O     . HOH C 3 .   ? -6.234  -16.900 0.200   1.00 34.13 ? 1088 HOH A O     1 
HETATM 1662 O O     . HOH C 3 .   ? -1.597  17.528  -3.803  1.00 16.98 ? 1089 HOH A O     1 
HETATM 1663 O O     . HOH C 3 .   ? -6.063  -19.034 2.134   1.00 30.64 ? 1090 HOH A O     1 
HETATM 1664 O O     . HOH C 3 .   ? -6.849  3.572   -5.245  1.00 17.05 ? 1091 HOH A O     1 
HETATM 1665 O O     . HOH C 3 .   ? 21.233  -14.211 6.493   1.00 25.73 ? 1092 HOH A O     1 
HETATM 1666 O O     . HOH C 3 .   ? -16.037 -4.847  -0.579  1.00 25.04 ? 1093 HOH A O     1 
HETATM 1667 O O     . HOH C 3 .   ? 5.155   -16.740 -0.655  1.00 25.52 ? 1094 HOH A O     1 
HETATM 1668 O O     . HOH C 3 .   ? 25.886  -22.406 2.902   1.00 32.17 ? 1095 HOH A O     1 
HETATM 1669 O O     . HOH C 3 .   ? 13.188  -14.634 -0.481  1.00 33.50 ? 1096 HOH A O     1 
HETATM 1670 O O     . HOH C 3 .   ? -5.716  2.706   -7.527  1.00 30.65 ? 1097 HOH A O     1 
HETATM 1671 O O     . HOH C 3 .   ? -0.578  -15.912 2.251   1.00 40.20 ? 1098 HOH A O     1 
HETATM 1672 O O     . HOH C 3 .   ? 15.321  -13.264 -5.857  1.00 42.25 ? 1099 HOH A O     1 
HETATM 1673 O O     . HOH C 3 .   ? -17.669 1.254   3.737   1.00 27.94 ? 1100 HOH A O     1 
HETATM 1674 O O     . HOH C 3 .   ? 1.528   -5.317  15.382  1.00 30.04 ? 1101 HOH A O     1 
HETATM 1675 O O     . HOH C 3 .   ? -20.957 1.937   8.525   1.00 34.55 ? 1102 HOH A O     1 
HETATM 1676 O O     . HOH C 3 .   ? 16.891  5.083   -12.538 1.00 27.43 ? 1103 HOH A O     1 
HETATM 1677 O O     . HOH C 3 .   ? -13.428 -13.025 2.842   1.00 41.53 ? 1104 HOH A O     1 
HETATM 1678 O O     . HOH C 3 .   ? 6.924   7.641   9.471   1.00 40.43 ? 1105 HOH A O     1 
HETATM 1679 O O     . HOH C 3 .   ? 13.296  14.438  -1.834  1.00 25.82 ? 1106 HOH A O     1 
HETATM 1680 O O     . HOH C 3 .   ? 8.793   -6.957  -14.325 1.00 34.10 ? 1107 HOH A O     1 
HETATM 1681 O O     . HOH C 3 .   ? -20.013 -6.881  4.108   1.00 38.13 ? 1108 HOH A O     1 
HETATM 1682 O O     . HOH C 3 .   ? 2.473   -15.781 2.317   1.00 28.44 ? 1109 HOH A O     1 
HETATM 1683 O O     . HOH C 3 .   ? 2.119   14.768  9.588   1.00 27.42 ? 1110 HOH A O     1 
HETATM 1684 O O     . HOH C 3 .   ? 12.614  11.047  -7.342  1.00 19.89 ? 1111 HOH A O     1 
HETATM 1685 O O     . HOH C 3 .   ? 11.710  8.775   5.023   1.00 25.36 ? 1112 HOH A O     1 
HETATM 1686 O O     . HOH C 3 .   ? -23.278 6.891   -13.175 1.00 30.58 ? 1113 HOH A O     1 
HETATM 1687 O O     . HOH C 3 .   ? -1.933  6.817   17.064  1.00 26.52 ? 1114 HOH A O     1 
HETATM 1688 O O     . HOH C 3 .   ? 33.716  -26.657 1.629   1.00 36.95 ? 1115 HOH A O     1 
HETATM 1689 O O     . HOH C 3 .   ? 15.086  -14.518 -3.605  1.00 37.13 ? 1116 HOH A O     1 
HETATM 1690 O O     . HOH C 3 .   ? 14.627  16.110  -6.909  1.00 23.73 ? 1117 HOH A O     1 
HETATM 1691 O O     . HOH C 3 .   ? 22.565  -23.664 -0.253  1.00 30.84 ? 1118 HOH A O     1 
HETATM 1692 O O     . HOH C 3 .   ? -6.919  -21.173 -2.359  1.00 41.30 ? 1119 HOH A O     1 
HETATM 1693 O O     . HOH C 3 .   ? -10.200 -15.879 -1.244  1.00 41.56 ? 1120 HOH A O     1 
HETATM 1694 O O     . HOH C 3 .   ? -8.184  13.720  -7.060  1.00 39.24 ? 1121 HOH A O     1 
HETATM 1695 O O     . HOH C 3 .   ? -3.775  15.877  6.820   1.00 30.54 ? 1122 HOH A O     1 
HETATM 1696 O O     . HOH C 3 .   ? 9.862   16.517  0.011   1.00 31.24 ? 1123 HOH A O     1 
HETATM 1697 O O     . HOH C 3 .   ? 11.052  12.527  2.429   1.00 33.20 ? 1124 HOH A O     1 
HETATM 1698 O O     . HOH C 3 .   ? -8.926  -12.455 10.353  1.00 31.95 ? 1125 HOH A O     1 
HETATM 1699 O O     . HOH C 3 .   ? -4.464  16.896  -12.506 1.00 40.59 ? 1126 HOH A O     1 
HETATM 1700 O O     . HOH C 3 .   ? -8.027  -9.384  -14.228 1.00 38.86 ? 1127 HOH A O     1 
HETATM 1701 O O     . HOH C 3 .   ? 3.764   13.684  11.550  1.00 29.97 ? 1128 HOH A O     1 
HETATM 1702 O O     . HOH C 3 .   ? -5.483  12.221  -19.543 1.00 43.01 ? 1129 HOH A O     1 
HETATM 1703 O O     . HOH C 3 .   ? -6.655  12.730  21.787  1.00 35.88 ? 1130 HOH A O     1 
HETATM 1704 O O     . HOH C 3 .   ? 16.938  -12.933 7.599   1.00 33.55 ? 1131 HOH A O     1 
HETATM 1705 O O     . HOH C 3 .   ? 20.153  -7.871  -5.370  1.00 32.06 ? 1132 HOH A O     1 
HETATM 1706 O O     . HOH C 3 .   ? -3.492  -12.181 1.654   1.00 40.71 ? 1133 HOH A O     1 
HETATM 1707 O O     . HOH C 3 .   ? -1.480  4.174   -19.845 1.00 36.09 ? 1134 HOH A O     1 
HETATM 1708 O O     . HOH C 3 .   ? -17.739 -6.324  0.937   1.00 23.42 ? 1135 HOH A O     1 
HETATM 1709 O O     . HOH C 3 .   ? -12.912 -11.384 16.460  1.00 34.29 ? 1136 HOH A O     1 
HETATM 1710 O O     . HOH C 3 .   ? 15.555  -15.463 -1.264  1.00 28.80 ? 1137 HOH A O     1 
HETATM 1711 O O     . HOH C 3 .   ? 21.108  -12.947 8.819   1.00 46.27 ? 1138 HOH A O     1 
HETATM 1712 O O     . HOH C 3 .   ? -8.767  13.424  -9.609  1.00 43.73 ? 1139 HOH A O     1 
HETATM 1713 O O     . HOH C 3 .   ? 17.395  2.822   -14.098 1.00 36.21 ? 1140 HOH A O     1 
HETATM 1714 O O     . HOH C 3 .   ? 18.688  -14.434 6.233   1.00 38.57 ? 1141 HOH A O     1 
HETATM 1715 O O     . HOH C 3 .   ? 1.614   8.299   17.273  1.00 34.77 ? 1142 HOH A O     1 
HETATM 1716 O O     . HOH C 3 .   ? -5.048  -11.997 -9.805  1.00 32.37 ? 1143 HOH A O     1 
HETATM 1717 O O     . HOH C 3 .   ? -21.032 0.705   10.850  1.00 33.86 ? 1144 HOH A O     1 
HETATM 1718 O O     . HOH C 3 .   ? 21.632  -16.863 7.053   1.00 37.45 ? 1145 HOH A O     1 
HETATM 1719 O O     . HOH C 3 .   ? 13.635  14.174  -5.257  1.00 37.94 ? 1146 HOH A O     1 
HETATM 1720 O O     . HOH C 3 .   ? 23.738  -24.050 4.731   1.00 42.86 ? 1147 HOH A O     1 
HETATM 1721 O O     . HOH C 3 .   ? -10.940 -12.811 1.261   1.00 32.24 ? 1148 HOH A O     1 
HETATM 1722 O O     . HOH C 3 .   ? -5.591  -12.226 9.777   1.00 27.76 ? 1149 HOH A O     1 
HETATM 1723 O O     . HOH C 3 .   ? -5.932  3.774   19.778  1.00 23.49 ? 1150 HOH A O     1 
HETATM 1724 O O     . HOH C 3 .   ? -13.565 -10.073 14.110  1.00 22.70 ? 1151 HOH A O     1 
HETATM 1725 O O     . HOH C 3 .   ? -19.029 -1.124  11.495  1.00 16.66 ? 1152 HOH A O     1 
HETATM 1726 O O     . HOH C 3 .   ? -9.981  -3.298  -13.595 1.00 24.66 ? 1153 HOH A O     1 
# 
